data_7ORM
#
_entry.id   7ORM
#
_cell.length_a   1.00
_cell.length_b   1.00
_cell.length_c   1.00
_cell.angle_alpha   90.00
_cell.angle_beta   90.00
_cell.angle_gamma   90.00
#
_symmetry.space_group_name_H-M   'P 1'
#
loop_
_entity.id
_entity.type
_entity.pdbx_description
1 polymer "RNA (5'-R(P*AP*CP*GP*AP*GP*UP*GP*UP*CP*GP*UP*AP*CP*C)-3')"
2 polymer "RNA (5'-R(P*AP*AP*AP*GP*UP*AP*CP*AP*CP*UP*AP*CP*U)-3')"
3 polymer "RNA (5'-R(P*UP*AP*UP*AP*AP*UP*AP*GP*UP*AP*GP*UP*GP*UP*A)-3')"
4 polymer 'RNA-directed RNA polymerase L'
5 non-polymer 'ZINC ION'
6 non-polymer 'MAGNESIUM ION'
#
loop_
_entity_poly.entity_id
_entity_poly.type
_entity_poly.pdbx_seq_one_letter_code
_entity_poly.pdbx_strand_id
1 'polyribonucleotide' ACGAGUGUCGUACCAAG H
2 'polyribonucleotide' UAUCUAUACUUGGUAGUACACUACU T
3 'polyribonucleotide' AAUGCUAUAAUAGUAGUGUA P
4 'polypeptide(L)'
;MDYQEYQQFLARINTARDACVAKDIDVDLLMARKDYFGRELCKSLNIEYRNDVPFIDIILDIRPEVDPLTIDAPHITPDN
YLYINNVLYIIDYKVSVSNESSVITYDKYYELTRDISDRLSIPIEIVIIRIDPVSRDLHINSDRFKELYPTIVVDINFNQ
FFDLKQLLYEKFGDDEEFLLKVAHGDFTLTAPWCKTGCPEFWKHPIYKEFKMSMPVPERRLFEESVKFNAYESERWNTNL
VKIREYTKKDYSEHISKSAKNIFLASGFYKQPNKNEISEGWTLMVERVQDQREISKSLHDQKPSIHFIWGAHNPGNSNNA
TFKLILLSKSLQSIKGISTYTEAFKSLGKMMDIGDKAIEYEEFCMSLKSKARSSWKQIMNKKLEPKQINNALVLWEQQFM
INNDLIDKSEKLKLFKNFCGIGKHKQFKNKMLEDLEVSKPKILDFDDANMYLASLTMMEQSKKILSKSNGLKPDNFILNE
FGSRIKDANKETYDNMHKIFETGYWQCISDFSTLMKNILSVSQYNRHNTFRIAMCANNNVFAIVFPSADIKTKKATVVYS
IIVLHKEEENIFNPGCLHGTFKCMNGYISISRAIRLDKERCQRIVSSPGLFLTTCLLFKHDNPTLVMSDIMNFSIYTSLS
ITKSVLSLTEPARYMIMNSLAISSNVKDYIAEKFSPYTKTLFSVYMTRLIKNACFDAYDQRQRVQLRDIYLSDYDITQKG
IKDNRELTSIWFPGSVTLKEYLTQIYLPFYFNAKGLHEKHHVMVDLAKTILEIECEQRENIKEIWSTNCTKQTVNLKILI
HSLCKNLLADTSRHNHLRNRIENRNNFRRSITTISTFTSSKSCLKIGDFRKEKELQSVKQKKILEVQSRKMRLANPMFVT
DEQVCLEVGHCNYEMLRNAMPNYTDYISTKVFDRLYELLDKKVLTDKPVIEQIMDMMIDHKKFYFTFFNKGQKTSKDREI
FVGEYEAKMCMYAVERIAKERCKLNPDEMISEPGDGKLKVLEQKSEQEIRFLVETTRQKNREIDEAIEALATEGSGWSHP
QFEKGSGYESNLGKIEKLSLGKAKGLKMEINADMSKWSAQDVFYKYFWLIALDPILYPQEKERILYFMCNYMDKELILPD
ELLFNLLDQKVAYQNDIIATMTNQLNSNTVLIKRNWLQGNFNYTSSYVHSCAMSVYKEILKEAITLLDGSILVNSLVHSD
DNQTSITIVQDKMENDKIIDFAMKEFERACLTFGCQANMKKTYVTNCIKEFVSLFNLYGEPFSIYGRFLLTSVGDCAYIG
PYEDLASRISSAQTAIKHGCPPSLAWVSIAISHWMTSLTYNMLPGQSNDPIDYFPAENRKDIPIELNGVLDAPLSMISTV
GLESGNLYFLIKLLSKYTPVMQKRESVVNQIAEVKNWKVEDLTDNEIFRLKILRYLVLDAEMDPSDIMGETSDMRGRSIL
TPRKFTTAGSLRKLYSFSKYQDRLSSPGGMVELFTYLLEKPELLVTKGEDMKDYMESVIFRYNSKRFKESLSIQNPAQLF
IEQILFSHKPVIDFSGIRDKYINLHDSRALEKEPDILGKVTFTEAYRLLMRDLSSLELTNDDIQVIYSYIILNDPMMITI
ANTHILSIYGSPQRRMGMSCSTMPEFRNLKLIHHSPALVLRAYSKNNPDIQGADPTEMARDLVHLKEFVENTNLEEKMKV
RIAMNEAEKGQRDIVFELKEMTRFYQVCYEYVKSTEHKIKVFILPAKSYTTTDFCSLMQGNLIKDKEWYTVHYLKQILSG
GHKAIMQHNATSEQNIAFECFKLITHFADSFIDSLSRSAFLQLIIDEFSYKDVKVSKLYDIIKNGYNRTDFIPLLFRTGD
LRQADLDKYDAMKSHERVTWNDWQTSRHLDMGSINLTITGYNRSITIIGEDNKLTYAELCLTRKTPENITISGRKLLGSR
HGLKFENMSKIQTYPGNYYITYRKKDRHQFVYQIHSHESITRRNEEHMAIRTRIYNEITPVCVVNVAEVDGDQRILIRSL
DYLNNDIFSLSRIKVGLDEFATIKKAHFSKMVSFEGPPIKTGLLDLTELMKSQDLLNLNYDNIRNSNLISFSKLICCEGS
DNINDGLEFLSDDPMNFTEGEAIHSTPIFNIYYSKRGERHMTYRNAIKLLIERETKIFEEAFTFSENGFISPENLGCLEA
VVSLIKLLKTNEWSTVIDKCIHICLIKNGMDHMYHSFDVPKCFMGNPITRDINWVMFREFINSLPGTDIPPWNVMTENFK
KKCIALINSKFETQRDFSEFTKLMKKEGGRSNIEFD
;
A
#
# COMPACT_ATOMS: atom_id res chain seq x y z
N MET D 1 -25.82 10.97 5.22
CA MET D 1 -25.25 9.78 5.85
C MET D 1 -26.31 8.72 6.06
N ASP D 2 -27.52 9.17 6.42
CA ASP D 2 -28.62 8.24 6.62
C ASP D 2 -28.93 7.49 5.32
N TYR D 3 -29.15 6.18 5.45
CA TYR D 3 -29.34 5.35 4.25
C TYR D 3 -30.59 5.74 3.50
N GLN D 4 -31.68 6.05 4.21
CA GLN D 4 -32.92 6.44 3.53
C GLN D 4 -32.71 7.66 2.64
N GLU D 5 -31.97 8.65 3.16
CA GLU D 5 -31.58 9.79 2.33
C GLU D 5 -30.70 9.34 1.17
N TYR D 6 -29.91 8.29 1.38
CA TYR D 6 -29.07 7.76 0.30
C TYR D 6 -29.93 7.26 -0.86
N GLN D 7 -30.94 6.41 -0.57
CA GLN D 7 -31.81 5.97 -1.64
C GLN D 7 -32.62 7.12 -2.22
N GLN D 8 -32.98 8.10 -1.39
CA GLN D 8 -33.74 9.25 -1.91
C GLN D 8 -32.93 10.00 -2.96
N PHE D 9 -31.68 10.32 -2.64
CA PHE D 9 -30.82 11.01 -3.60
C PHE D 9 -30.54 10.14 -4.83
N LEU D 10 -30.30 8.85 -4.62
CA LEU D 10 -30.06 7.96 -5.75
C LEU D 10 -31.25 7.90 -6.68
N ALA D 11 -32.46 7.81 -6.13
CA ALA D 11 -33.66 7.75 -6.96
C ALA D 11 -33.88 9.06 -7.70
N ARG D 12 -33.69 10.20 -7.04
CA ARG D 12 -33.91 11.46 -7.74
C ARG D 12 -32.81 11.72 -8.77
N ILE D 13 -31.63 11.13 -8.59
CA ILE D 13 -30.62 11.18 -9.64
C ILE D 13 -31.03 10.31 -10.82
N ASN D 14 -31.51 9.09 -10.55
CA ASN D 14 -31.87 8.17 -11.62
C ASN D 14 -33.03 8.71 -12.45
N THR D 15 -34.04 9.30 -11.79
CA THR D 15 -35.20 9.80 -12.51
C THR D 15 -34.93 11.10 -13.25
N ALA D 16 -33.85 11.79 -12.92
CA ALA D 16 -33.54 13.06 -13.60
C ALA D 16 -33.15 12.80 -15.04
N ARG D 17 -33.69 13.63 -15.94
CA ARG D 17 -33.37 13.54 -17.36
C ARG D 17 -33.13 14.91 -18.00
N ASP D 18 -33.27 15.99 -17.25
CA ASP D 18 -33.01 17.34 -17.75
C ASP D 18 -31.79 17.91 -17.04
N ALA D 19 -30.94 18.59 -17.80
CA ALA D 19 -29.75 19.21 -17.22
C ALA D 19 -30.08 20.42 -16.36
N CYS D 20 -31.31 20.91 -16.41
CA CYS D 20 -31.71 22.02 -15.56
C CYS D 20 -31.97 21.60 -14.11
N VAL D 21 -32.19 20.30 -13.87
CA VAL D 21 -32.41 19.82 -12.51
C VAL D 21 -31.20 19.10 -11.94
N ALA D 22 -30.27 18.64 -12.78
CA ALA D 22 -29.06 18.00 -12.27
C ALA D 22 -28.21 18.98 -11.47
N LYS D 23 -28.18 20.25 -11.88
CA LYS D 23 -27.50 21.26 -11.08
C LYS D 23 -28.16 21.41 -9.71
N ASP D 24 -29.49 21.37 -9.66
CA ASP D 24 -30.18 21.43 -8.39
C ASP D 24 -29.84 20.22 -7.52
N ILE D 25 -29.77 19.04 -8.13
CA ILE D 25 -29.40 17.85 -7.37
C ILE D 25 -27.99 17.98 -6.81
N ASP D 26 -27.06 18.50 -7.62
CA ASP D 26 -25.69 18.68 -7.16
C ASP D 26 -25.62 19.67 -6.00
N VAL D 27 -26.37 20.78 -6.11
CA VAL D 27 -26.39 21.76 -5.04
C VAL D 27 -26.97 21.16 -3.77
N ASP D 28 -28.06 20.39 -3.90
CA ASP D 28 -28.64 19.74 -2.74
C ASP D 28 -27.67 18.75 -2.11
N LEU D 29 -26.91 18.04 -2.92
CA LEU D 29 -25.90 17.13 -2.39
C LEU D 29 -24.83 17.89 -1.63
N LEU D 30 -24.40 19.03 -2.14
CA LEU D 30 -23.41 19.84 -1.45
C LEU D 30 -23.95 20.33 -0.10
N MET D 31 -25.20 20.80 -0.08
CA MET D 31 -25.78 21.25 1.18
C MET D 31 -25.96 20.11 2.16
N ALA D 32 -26.18 18.91 1.62
CA ALA D 32 -26.30 17.71 2.47
C ALA D 32 -24.95 17.38 3.09
N ARG D 33 -23.87 17.57 2.32
CA ARG D 33 -22.52 17.31 2.86
C ARG D 33 -22.25 18.27 4.01
N LYS D 34 -22.58 19.55 3.83
CA LYS D 34 -22.30 20.55 4.89
C LYS D 34 -23.14 20.25 6.13
N ASP D 35 -24.42 19.88 5.94
CA ASP D 35 -25.29 19.63 7.12
C ASP D 35 -24.79 18.40 7.86
N TYR D 36 -24.39 17.36 7.13
CA TYR D 36 -23.81 16.16 7.77
C TYR D 36 -22.60 16.62 8.57
N PHE D 37 -21.75 17.44 7.96
CA PHE D 37 -20.54 17.83 8.66
C PHE D 37 -20.85 18.70 9.86
N GLY D 38 -21.77 19.66 9.70
CA GLY D 38 -22.12 20.52 10.82
C GLY D 38 -22.74 19.76 11.98
N ARG D 39 -23.64 18.83 11.68
CA ARG D 39 -24.25 18.02 12.74
C ARG D 39 -23.20 17.19 13.47
N GLU D 40 -22.30 16.57 12.71
CA GLU D 40 -21.27 15.75 13.35
C GLU D 40 -20.30 16.60 14.18
N LEU D 41 -19.96 17.79 13.69
CA LEU D 41 -19.08 18.68 14.44
C LEU D 41 -19.74 19.15 15.73
N CYS D 42 -21.04 19.47 15.66
CA CYS D 42 -21.76 19.85 16.87
C CYS D 42 -21.84 18.69 17.86
N LYS D 43 -22.01 17.47 17.35
CA LYS D 43 -21.96 16.30 18.21
C LYS D 43 -20.61 16.17 18.90
N SER D 44 -19.53 16.35 18.13
CA SER D 44 -18.19 16.23 18.70
C SER D 44 -17.93 17.30 19.75
N LEU D 45 -18.31 18.55 19.48
CA LEU D 45 -18.08 19.64 20.42
C LEU D 45 -19.06 19.64 21.58
N ASN D 46 -20.08 18.78 21.54
CA ASN D 46 -21.09 18.70 22.60
C ASN D 46 -21.81 20.04 22.78
N ILE D 47 -22.28 20.59 21.66
CA ILE D 47 -23.03 21.84 21.67
C ILE D 47 -24.32 21.62 20.89
N GLU D 48 -25.31 22.48 21.15
CA GLU D 48 -26.59 22.37 20.50
C GLU D 48 -26.45 22.59 19.00
N TYR D 49 -27.16 21.78 18.21
CA TYR D 49 -27.12 21.89 16.76
C TYR D 49 -28.22 22.84 16.29
N ARG D 50 -27.81 24.06 15.95
CA ARG D 50 -28.69 25.04 15.33
C ARG D 50 -28.16 25.31 13.92
N ASN D 51 -29.05 25.63 13.00
CA ASN D 51 -28.70 25.90 11.62
C ASN D 51 -29.36 27.18 11.14
N ASP D 52 -28.55 28.07 10.57
CA ASP D 52 -29.03 29.32 9.97
C ASP D 52 -29.88 30.12 10.94
N VAL D 53 -29.40 30.23 12.18
CA VAL D 53 -30.11 30.99 13.23
C VAL D 53 -29.91 32.47 12.95
N PRO D 54 -30.99 33.26 12.93
CA PRO D 54 -30.83 34.71 12.71
C PRO D 54 -30.05 35.36 13.85
N PHE D 55 -29.30 36.40 13.49
CA PHE D 55 -28.46 37.07 14.47
C PHE D 55 -29.30 37.80 15.51
N ILE D 56 -30.48 38.26 15.12
CA ILE D 56 -31.38 38.91 16.07
C ILE D 56 -31.83 37.91 17.13
N ASP D 57 -32.04 36.66 16.73
CA ASP D 57 -32.38 35.62 17.70
C ASP D 57 -31.21 35.36 18.64
N ILE D 58 -29.98 35.40 18.13
CA ILE D 58 -28.81 35.27 18.97
C ILE D 58 -28.77 36.37 20.01
N ILE D 59 -29.01 37.61 19.57
CA ILE D 59 -28.98 38.75 20.49
C ILE D 59 -30.07 38.61 21.55
N LEU D 60 -31.28 38.24 21.14
CA LEU D 60 -32.38 38.07 22.08
C LEU D 60 -32.13 36.96 23.08
N ASP D 61 -31.61 35.82 22.64
CA ASP D 61 -31.33 34.72 23.56
C ASP D 61 -30.21 35.08 24.53
N ILE D 62 -29.14 35.70 24.03
CA ILE D 62 -28.01 36.02 24.89
C ILE D 62 -28.35 37.19 25.81
N ARG D 63 -29.09 38.17 25.29
CA ARG D 63 -29.47 39.37 26.04
C ARG D 63 -31.00 39.49 26.01
N PRO D 64 -31.71 38.74 26.86
CA PRO D 64 -33.16 38.90 26.91
C PRO D 64 -33.60 40.27 27.37
N GLU D 65 -32.76 40.97 28.14
CA GLU D 65 -33.17 42.25 28.72
C GLU D 65 -33.24 43.36 27.68
N VAL D 66 -32.43 43.27 26.61
CA VAL D 66 -32.48 44.31 25.59
C VAL D 66 -33.81 44.21 24.84
N ASP D 67 -34.41 45.37 24.59
CA ASP D 67 -35.73 45.41 23.98
C ASP D 67 -35.63 45.24 22.47
N PRO D 68 -36.73 44.88 21.81
CA PRO D 68 -36.79 44.99 20.36
C PRO D 68 -36.59 46.43 19.90
N LEU D 69 -36.46 46.59 18.59
CA LEU D 69 -36.09 47.87 17.97
C LEU D 69 -34.69 48.26 18.43
N THR D 70 -33.88 47.26 18.75
CA THR D 70 -32.46 47.47 19.04
C THR D 70 -31.73 47.80 17.74
N ILE D 71 -30.40 47.89 17.83
CA ILE D 71 -29.60 48.13 16.63
C ILE D 71 -29.88 47.03 15.63
N ASP D 72 -30.04 47.42 14.36
CA ASP D 72 -30.43 46.47 13.34
C ASP D 72 -29.34 45.41 13.14
N ALA D 73 -29.69 44.16 13.41
CA ALA D 73 -28.72 43.04 13.25
C ALA D 73 -28.42 42.89 11.76
N PRO D 74 -27.24 42.38 11.35
CA PRO D 74 -26.94 42.32 9.93
C PRO D 74 -27.80 41.28 9.22
N HIS D 75 -27.67 41.20 7.90
CA HIS D 75 -28.41 40.16 7.14
C HIS D 75 -27.80 38.79 7.47
N ILE D 76 -26.63 38.78 8.12
CA ILE D 76 -25.90 37.51 8.40
C ILE D 76 -26.79 36.55 9.19
N THR D 77 -26.83 35.28 8.76
CA THR D 77 -27.59 34.25 9.51
C THR D 77 -26.56 33.21 9.95
N PRO D 78 -25.79 33.40 11.06
CA PRO D 78 -24.72 32.47 11.41
C PRO D 78 -25.24 31.05 11.56
N ASP D 79 -24.38 30.08 11.22
CA ASP D 79 -24.75 28.68 11.38
C ASP D 79 -24.98 28.34 12.84
N ASN D 80 -24.10 28.82 13.72
CA ASN D 80 -24.24 28.53 15.14
C ASN D 80 -23.59 29.63 15.96
N TYR D 81 -23.94 29.67 17.25
CA TYR D 81 -23.35 30.61 18.18
C TYR D 81 -23.09 29.91 19.50
N LEU D 82 -22.03 30.33 20.19
CA LEU D 82 -21.66 29.77 21.47
C LEU D 82 -21.26 30.89 22.42
N TYR D 83 -21.94 31.00 23.55
CA TYR D 83 -21.69 32.06 24.52
C TYR D 83 -21.08 31.44 25.77
N ILE D 84 -19.89 31.91 26.13
CA ILE D 84 -19.18 31.41 27.30
C ILE D 84 -18.22 32.48 27.79
N ASN D 85 -18.14 32.64 29.12
CA ASN D 85 -17.23 33.60 29.75
C ASN D 85 -17.43 35.01 29.20
N ASN D 86 -18.70 35.41 29.03
CA ASN D 86 -19.08 36.71 28.48
C ASN D 86 -18.50 36.96 27.09
N VAL D 87 -18.24 35.90 26.33
CA VAL D 87 -17.71 36.00 24.97
C VAL D 87 -18.65 35.21 24.06
N LEU D 88 -19.02 35.83 22.93
CA LEU D 88 -19.88 35.21 21.94
C LEU D 88 -19.04 34.80 20.74
N TYR D 89 -19.14 33.53 20.36
CA TYR D 89 -18.41 32.96 19.23
C TYR D 89 -19.42 32.65 18.13
N ILE D 90 -19.17 33.20 16.94
CA ILE D 90 -20.00 32.90 15.78
C ILE D 90 -19.32 31.78 14.99
N ILE D 91 -19.99 30.64 14.88
CA ILE D 91 -19.42 29.45 14.28
C ILE D 91 -20.09 29.21 12.94
N ASP D 92 -19.27 29.05 11.89
CA ASP D 92 -19.74 28.78 10.54
C ASP D 92 -19.00 27.55 10.02
N TYR D 93 -19.74 26.61 9.47
CA TYR D 93 -19.18 25.36 8.95
C TYR D 93 -18.87 25.52 7.47
N LYS D 94 -17.73 25.00 7.05
CA LYS D 94 -17.33 25.05 5.65
C LYS D 94 -16.71 23.73 5.25
N VAL D 95 -17.17 23.15 4.14
CA VAL D 95 -16.60 21.93 3.60
C VAL D 95 -16.03 22.24 2.23
N SER D 96 -14.75 22.59 2.18
CA SER D 96 -14.09 22.98 0.94
C SER D 96 -12.61 22.61 0.99
N VAL D 97 -12.05 22.33 -0.18
CA VAL D 97 -10.62 22.05 -0.27
C VAL D 97 -9.81 23.33 -0.08
N SER D 98 -10.37 24.48 -0.44
CA SER D 98 -9.70 25.76 -0.32
C SER D 98 -10.44 26.64 0.67
N ASN D 99 -9.69 27.56 1.28
CA ASN D 99 -10.22 28.43 2.33
C ASN D 99 -10.64 29.80 1.80
N GLU D 100 -10.73 29.97 0.48
CA GLU D 100 -11.04 31.29 -0.05
C GLU D 100 -12.45 31.73 0.32
N SER D 101 -13.40 30.79 0.37
CA SER D 101 -14.73 31.13 0.85
C SER D 101 -14.73 31.42 2.34
N SER D 102 -13.88 30.71 3.09
CA SER D 102 -13.82 30.91 4.54
C SER D 102 -13.36 32.32 4.87
N VAL D 103 -12.35 32.82 4.17
CA VAL D 103 -11.80 34.14 4.51
C VAL D 103 -12.79 35.24 4.16
N ILE D 104 -13.49 35.12 3.02
CA ILE D 104 -14.45 36.14 2.65
C ILE D 104 -15.64 36.13 3.60
N THR D 105 -16.08 34.94 4.01
CA THR D 105 -17.16 34.86 4.98
C THR D 105 -16.75 35.44 6.33
N TYR D 106 -15.52 35.16 6.76
CA TYR D 106 -15.01 35.74 7.99
C TYR D 106 -14.95 37.26 7.91
N ASP D 107 -14.48 37.78 6.78
CA ASP D 107 -14.41 39.23 6.62
C ASP D 107 -15.80 39.85 6.67
N LYS D 108 -16.76 39.25 5.96
CA LYS D 108 -18.11 39.79 5.95
C LYS D 108 -18.72 39.76 7.35
N TYR D 109 -18.62 38.63 8.04
CA TYR D 109 -19.21 38.52 9.36
C TYR D 109 -18.56 39.49 10.35
N TYR D 110 -17.23 39.59 10.32
CA TYR D 110 -16.54 40.49 11.22
C TYR D 110 -16.91 41.94 10.96
N GLU D 111 -16.97 42.33 9.69
CA GLU D 111 -17.33 43.71 9.35
C GLU D 111 -18.75 44.02 9.79
N LEU D 112 -19.67 43.08 9.58
CA LEU D 112 -21.07 43.34 9.92
C LEU D 112 -21.33 43.26 11.42
N THR D 113 -20.45 42.58 12.17
CA THR D 113 -20.72 42.42 13.60
C THR D 113 -19.90 43.36 14.47
N ARG D 114 -18.86 44.00 13.91
CA ARG D 114 -18.00 44.82 14.75
C ARG D 114 -18.69 46.09 15.24
N ASP D 115 -19.59 46.67 14.44
CA ASP D 115 -20.31 47.87 14.86
C ASP D 115 -21.35 47.55 15.95
N ILE D 116 -21.73 46.27 16.07
CA ILE D 116 -22.76 45.85 17.06
C ILE D 116 -22.06 45.41 18.35
N SER D 117 -20.82 44.94 18.25
CA SER D 117 -20.14 44.39 19.46
C SER D 117 -20.02 45.47 20.53
N ASP D 118 -19.59 46.66 20.14
CA ASP D 118 -19.35 47.76 21.12
C ASP D 118 -20.67 48.16 21.79
N ARG D 119 -21.77 48.17 21.04
CA ARG D 119 -23.06 48.63 21.60
C ARG D 119 -23.49 47.73 22.76
N LEU D 120 -23.30 46.41 22.62
CA LEU D 120 -23.80 45.47 23.66
C LEU D 120 -22.69 45.10 24.66
N SER D 121 -21.50 45.68 24.52
CA SER D 121 -20.40 45.44 25.50
C SER D 121 -20.01 43.96 25.56
N ILE D 122 -20.04 43.27 24.41
CA ILE D 122 -19.70 41.85 24.33
C ILE D 122 -18.84 41.62 23.10
N PRO D 123 -17.67 40.99 23.25
CA PRO D 123 -16.82 40.73 22.08
C PRO D 123 -17.39 39.61 21.23
N ILE D 124 -17.43 39.85 19.92
CA ILE D 124 -17.96 38.89 18.96
C ILE D 124 -16.77 38.29 18.21
N GLU D 125 -16.46 37.03 18.50
CA GLU D 125 -15.38 36.32 17.82
C GLU D 125 -15.97 35.46 16.71
N ILE D 126 -15.41 35.59 15.51
CA ILE D 126 -15.88 34.87 14.34
C ILE D 126 -15.01 33.62 14.19
N VAL D 127 -15.63 32.45 14.29
CA VAL D 127 -14.94 31.18 14.18
C VAL D 127 -15.40 30.51 12.90
N ILE D 128 -14.44 30.19 12.03
CA ILE D 128 -14.71 29.49 10.77
C ILE D 128 -14.01 28.15 10.84
N ILE D 129 -14.79 27.08 10.94
CA ILE D 129 -14.27 25.72 11.03
C ILE D 129 -14.44 25.07 9.66
N ARG D 130 -13.32 24.75 9.01
CA ARG D 130 -13.33 24.20 7.67
C ARG D 130 -12.77 22.78 7.70
N ILE D 131 -13.37 21.90 6.91
CA ILE D 131 -12.92 20.51 6.80
C ILE D 131 -12.65 20.21 5.33
N ASP D 132 -11.52 19.55 5.08
CA ASP D 132 -11.15 19.18 3.73
C ASP D 132 -11.81 17.85 3.37
N PRO D 133 -12.69 17.82 2.37
CA PRO D 133 -13.44 16.57 2.10
C PRO D 133 -12.56 15.39 1.69
N VAL D 134 -11.46 15.63 0.97
CA VAL D 134 -10.70 14.52 0.44
C VAL D 134 -9.62 14.06 1.41
N SER D 135 -9.03 14.98 2.17
CA SER D 135 -8.06 14.64 3.22
C SER D 135 -8.61 15.28 4.50
N ARG D 136 -9.35 14.48 5.27
CA ARG D 136 -10.23 15.04 6.29
C ARG D 136 -9.43 15.66 7.44
N ASP D 137 -9.20 16.96 7.35
CA ASP D 137 -8.45 17.72 8.34
C ASP D 137 -9.21 19.00 8.67
N LEU D 138 -9.02 19.49 9.89
CA LEU D 138 -9.77 20.63 10.38
C LEU D 138 -8.89 21.87 10.46
N HIS D 139 -9.45 23.00 9.99
CA HIS D 139 -8.73 24.29 10.06
C HIS D 139 -9.63 25.27 10.83
N ILE D 140 -9.45 25.38 12.14
CA ILE D 140 -10.23 26.37 12.94
C ILE D 140 -9.44 27.68 12.98
N ASN D 141 -10.01 28.78 12.49
CA ASN D 141 -9.28 30.06 12.42
C ASN D 141 -8.97 30.62 13.82
N SER D 142 -9.92 30.56 14.73
CA SER D 142 -9.73 31.20 16.06
C SER D 142 -8.75 30.38 16.91
N ASP D 143 -7.83 31.07 17.59
CA ASP D 143 -6.89 30.36 18.50
C ASP D 143 -7.55 30.31 19.88
N ARG D 144 -8.43 31.26 20.16
CA ARG D 144 -9.18 31.23 21.41
C ARG D 144 -10.20 30.11 21.46
N PHE D 145 -10.89 29.86 20.33
CA PHE D 145 -11.82 28.74 20.27
C PHE D 145 -11.09 27.42 20.45
N LYS D 146 -9.93 27.26 19.81
CA LYS D 146 -9.14 26.05 19.99
C LYS D 146 -8.66 25.91 21.44
N GLU D 147 -8.38 27.03 22.10
CA GLU D 147 -8.07 26.99 23.53
C GLU D 147 -9.28 26.51 24.33
N LEU D 148 -10.48 26.94 23.92
CA LEU D 148 -11.69 26.54 24.63
C LEU D 148 -11.92 25.04 24.54
N TYR D 149 -11.66 24.45 23.37
CA TYR D 149 -11.82 23.01 23.14
C TYR D 149 -10.45 22.41 22.83
N PRO D 150 -9.75 21.89 23.83
CA PRO D 150 -8.40 21.37 23.59
C PRO D 150 -8.33 20.21 22.62
N THR D 151 -9.35 19.35 22.59
CA THR D 151 -9.34 18.17 21.74
C THR D 151 -10.60 18.14 20.89
N ILE D 152 -10.44 17.80 19.62
CA ILE D 152 -11.55 17.64 18.68
C ILE D 152 -11.33 16.33 17.92
N VAL D 153 -12.34 15.48 17.92
CA VAL D 153 -12.19 14.11 17.44
C VAL D 153 -13.17 13.79 16.31
N VAL D 154 -13.49 14.79 15.48
CA VAL D 154 -14.37 14.55 14.34
C VAL D 154 -13.77 13.47 13.46
N ASP D 155 -14.53 12.41 13.21
CA ASP D 155 -14.07 11.19 12.56
C ASP D 155 -15.05 10.75 11.49
N ILE D 156 -15.41 11.67 10.60
CA ILE D 156 -16.47 11.45 9.62
C ILE D 156 -15.84 11.17 8.26
N ASN D 157 -16.68 10.78 7.31
CA ASN D 157 -16.24 10.33 5.99
C ASN D 157 -17.15 10.91 4.92
N PHE D 158 -16.57 11.66 3.99
CA PHE D 158 -17.30 12.18 2.83
C PHE D 158 -17.04 11.31 1.59
N ASN D 159 -17.49 10.06 1.65
CA ASN D 159 -17.34 9.16 0.52
C ASN D 159 -18.64 8.90 -0.22
N GLN D 160 -19.77 8.81 0.51
CA GLN D 160 -21.05 8.61 -0.15
C GLN D 160 -21.40 9.78 -1.05
N PHE D 161 -21.13 11.00 -0.60
CA PHE D 161 -21.40 12.17 -1.43
C PHE D 161 -20.55 12.15 -2.69
N PHE D 162 -19.30 11.75 -2.57
CA PHE D 162 -18.44 11.63 -3.75
C PHE D 162 -18.98 10.58 -4.72
N ASP D 163 -19.45 9.44 -4.19
CA ASP D 163 -20.02 8.41 -5.06
C ASP D 163 -21.27 8.91 -5.78
N LEU D 164 -22.14 9.62 -5.06
CA LEU D 164 -23.36 10.15 -5.69
C LEU D 164 -23.01 11.18 -6.75
N LYS D 165 -22.03 12.04 -6.50
CA LYS D 165 -21.60 12.99 -7.52
C LYS D 165 -21.02 12.25 -8.72
N GLN D 166 -20.28 11.16 -8.49
CA GLN D 166 -19.74 10.37 -9.59
C GLN D 166 -20.85 9.78 -10.45
N LEU D 167 -21.86 9.19 -9.83
CA LEU D 167 -22.99 8.65 -10.59
C LEU D 167 -23.74 9.75 -11.34
N LEU D 168 -23.95 10.90 -10.71
CA LEU D 168 -24.63 11.99 -11.38
C LEU D 168 -23.85 12.46 -12.61
N TYR D 169 -22.53 12.60 -12.47
CA TYR D 169 -21.71 13.06 -13.58
C TYR D 169 -21.65 12.00 -14.68
N GLU D 170 -21.64 10.72 -14.31
CA GLU D 170 -21.71 9.66 -15.32
C GLU D 170 -23.03 9.72 -16.07
N LYS D 171 -24.13 9.97 -15.37
CA LYS D 171 -25.43 10.07 -16.02
C LYS D 171 -25.48 11.26 -16.97
N PHE D 172 -24.89 12.38 -16.58
CA PHE D 172 -24.97 13.60 -17.39
C PHE D 172 -23.62 14.01 -17.98
N GLY D 173 -22.68 13.08 -18.15
CA GLY D 173 -21.40 13.45 -18.72
C GLY D 173 -21.47 13.86 -20.17
N ASP D 174 -22.33 13.19 -20.95
CA ASP D 174 -22.42 13.47 -22.38
C ASP D 174 -22.99 14.85 -22.65
N ASP D 175 -23.99 15.27 -21.86
CA ASP D 175 -24.68 16.52 -22.13
C ASP D 175 -23.77 17.71 -21.86
N GLU D 176 -23.57 18.54 -22.89
CA GLU D 176 -22.75 19.73 -22.76
C GLU D 176 -23.45 20.85 -22.00
N GLU D 177 -24.77 20.95 -22.10
CA GLU D 177 -25.49 21.98 -21.37
C GLU D 177 -25.36 21.77 -19.87
N PHE D 178 -25.40 20.50 -19.43
CA PHE D 178 -25.12 20.21 -18.02
C PHE D 178 -23.72 20.63 -17.64
N LEU D 179 -22.74 20.37 -18.52
CA LEU D 179 -21.36 20.72 -18.21
C LEU D 179 -21.20 22.23 -18.04
N LEU D 180 -21.82 23.02 -18.91
CA LEU D 180 -21.73 24.47 -18.76
C LEU D 180 -22.55 24.94 -17.56
N LYS D 181 -23.60 24.20 -17.21
CA LYS D 181 -24.38 24.53 -16.01
C LYS D 181 -23.53 24.36 -14.75
N VAL D 182 -22.75 23.28 -14.67
CA VAL D 182 -21.93 23.02 -13.49
C VAL D 182 -20.51 23.54 -13.63
N ALA D 183 -20.19 24.18 -14.76
CA ALA D 183 -18.84 24.71 -14.95
C ALA D 183 -18.59 25.88 -14.00
N HIS D 184 -17.32 26.06 -13.66
CA HIS D 184 -16.88 27.16 -12.81
C HIS D 184 -16.27 28.24 -13.68
N GLY D 185 -16.93 29.39 -13.75
CA GLY D 185 -16.42 30.51 -14.56
C GLY D 185 -16.55 30.24 -16.05
N ASP D 186 -15.60 30.77 -16.83
CA ASP D 186 -15.63 30.61 -18.31
C ASP D 186 -14.28 30.07 -18.76
N PHE D 187 -14.20 29.52 -19.97
CA PHE D 187 -12.88 29.07 -20.47
C PHE D 187 -11.97 30.30 -20.49
N THR D 188 -10.77 30.17 -19.92
CA THR D 188 -9.85 31.33 -19.82
C THR D 188 -8.43 30.90 -20.17
N LEU D 189 -7.66 31.78 -20.80
CA LEU D 189 -6.27 31.48 -21.10
C LEU D 189 -5.38 32.51 -20.41
N THR D 190 -4.24 32.06 -19.91
CA THR D 190 -3.27 32.96 -19.32
C THR D 190 -2.53 33.71 -20.44
N ALA D 191 -1.53 34.50 -20.06
CA ALA D 191 -0.75 35.23 -21.04
C ALA D 191 0.02 34.26 -21.94
N PRO D 192 0.20 34.60 -23.22
CA PRO D 192 0.93 33.71 -24.12
C PRO D 192 2.36 33.47 -23.65
N TRP D 193 2.83 32.24 -23.84
CA TRP D 193 4.19 31.90 -23.45
C TRP D 193 5.23 32.45 -24.42
N CYS D 194 4.81 32.81 -25.64
CA CYS D 194 5.71 33.38 -26.63
C CYS D 194 4.95 34.41 -27.45
N LYS D 195 5.59 35.55 -27.70
CA LYS D 195 4.96 36.64 -28.42
C LYS D 195 4.99 36.47 -29.92
N THR D 196 5.80 35.54 -30.43
CA THR D 196 5.90 35.32 -31.87
C THR D 196 5.95 33.82 -32.14
N GLY D 197 5.57 33.46 -33.36
CA GLY D 197 5.50 32.07 -33.77
C GLY D 197 6.78 31.55 -34.36
N CYS D 198 6.66 30.51 -35.19
CA CYS D 198 7.80 29.87 -35.86
C CYS D 198 7.50 29.81 -37.35
N PRO D 199 8.10 30.71 -38.14
CA PRO D 199 7.78 30.73 -39.58
C PRO D 199 8.49 29.66 -40.38
N GLU D 200 9.58 29.08 -39.87
CA GLU D 200 10.28 28.04 -40.59
C GLU D 200 9.62 26.68 -40.47
N PHE D 201 8.66 26.52 -39.56
CA PHE D 201 7.93 25.26 -39.43
C PHE D 201 7.26 24.87 -40.74
N TRP D 202 6.67 25.84 -41.44
CA TRP D 202 6.01 25.54 -42.71
C TRP D 202 7.00 25.16 -43.80
N LYS D 203 8.30 25.36 -43.58
CA LYS D 203 9.33 24.98 -44.54
C LYS D 203 10.11 23.76 -44.12
N HIS D 204 9.76 23.13 -43.00
CA HIS D 204 10.50 21.97 -42.54
C HIS D 204 10.22 20.76 -43.45
N PRO D 205 11.25 19.98 -43.79
CA PRO D 205 11.00 18.80 -44.65
C PRO D 205 10.04 17.81 -44.03
N ILE D 206 10.09 17.63 -42.70
CA ILE D 206 9.18 16.70 -42.04
C ILE D 206 7.74 17.18 -42.18
N TYR D 207 7.51 18.48 -42.00
CA TYR D 207 6.16 19.02 -42.17
C TYR D 207 5.70 18.87 -43.61
N LYS D 208 6.60 19.09 -44.57
CA LYS D 208 6.23 18.92 -45.98
C LYS D 208 5.82 17.48 -46.28
N GLU D 209 6.59 16.52 -45.77
CA GLU D 209 6.23 15.11 -45.97
C GLU D 209 4.89 14.79 -45.32
N PHE D 210 4.69 15.27 -44.09
CA PHE D 210 3.43 15.01 -43.38
C PHE D 210 2.25 15.62 -44.12
N LYS D 211 2.42 16.83 -44.65
CA LYS D 211 1.33 17.50 -45.37
C LYS D 211 1.03 16.80 -46.68
N MET D 212 2.07 16.50 -47.47
CA MET D 212 1.85 15.84 -48.75
C MET D 212 1.30 14.43 -48.57
N SER D 213 1.54 13.81 -47.42
CA SER D 213 0.96 12.49 -47.16
C SER D 213 -0.55 12.57 -47.01
N MET D 214 -1.07 13.74 -46.62
CA MET D 214 -2.48 13.93 -46.33
C MET D 214 -3.24 14.41 -47.55
N PRO D 215 -4.53 14.12 -47.63
CA PRO D 215 -5.36 14.67 -48.70
C PRO D 215 -5.54 16.17 -48.54
N VAL D 216 -5.95 16.81 -49.63
CA VAL D 216 -6.05 18.29 -49.65
C VAL D 216 -6.99 18.82 -48.57
N PRO D 217 -8.22 18.30 -48.41
CA PRO D 217 -9.07 18.85 -47.32
C PRO D 217 -8.45 18.69 -45.95
N GLU D 218 -7.74 17.58 -45.71
CA GLU D 218 -7.06 17.41 -44.43
C GLU D 218 -5.91 18.40 -44.28
N ARG D 219 -5.21 18.69 -45.37
CA ARG D 219 -4.17 19.72 -45.33
C ARG D 219 -4.75 21.06 -44.94
N ARG D 220 -5.87 21.45 -45.55
CA ARG D 220 -6.50 22.72 -45.22
C ARG D 220 -6.98 22.74 -43.78
N LEU D 221 -7.56 21.62 -43.32
CA LEU D 221 -8.00 21.55 -41.93
C LEU D 221 -6.84 21.70 -40.96
N PHE D 222 -5.71 21.04 -41.26
CA PHE D 222 -4.53 21.17 -40.39
C PHE D 222 -4.02 22.60 -40.38
N GLU D 223 -3.93 23.24 -41.55
CA GLU D 223 -3.44 24.61 -41.61
C GLU D 223 -4.36 25.56 -40.86
N GLU D 224 -5.68 25.37 -40.97
CA GLU D 224 -6.61 26.22 -40.25
C GLU D 224 -6.59 25.95 -38.75
N SER D 225 -6.33 24.70 -38.34
CA SER D 225 -6.31 24.38 -36.93
C SER D 225 -5.04 24.86 -36.23
N VAL D 226 -3.91 24.87 -36.93
CA VAL D 226 -2.69 25.40 -36.34
C VAL D 226 -2.83 26.89 -36.07
N LYS D 227 -3.41 27.62 -37.02
CA LYS D 227 -3.55 29.07 -36.90
C LYS D 227 -4.76 29.49 -36.08
N PHE D 228 -5.57 28.55 -35.60
CA PHE D 228 -6.75 28.91 -34.83
C PHE D 228 -6.36 29.43 -33.46
N ASN D 229 -6.96 30.55 -33.06
CA ASN D 229 -6.72 31.16 -31.75
C ASN D 229 -8.01 31.12 -30.97
N ALA D 230 -8.00 30.41 -29.83
CA ALA D 230 -9.21 30.29 -29.03
C ALA D 230 -9.55 31.59 -28.33
N TYR D 231 -8.55 32.37 -27.92
CA TYR D 231 -8.81 33.64 -27.26
C TYR D 231 -9.48 34.62 -28.20
N GLU D 232 -9.02 34.69 -29.44
CA GLU D 232 -9.58 35.65 -30.39
C GLU D 232 -10.97 35.24 -30.85
N SER D 233 -11.20 33.93 -31.01
CA SER D 233 -12.48 33.46 -31.53
C SER D 233 -13.59 33.66 -30.49
N GLU D 234 -14.82 33.79 -31.00
CA GLU D 234 -15.97 33.95 -30.11
C GLU D 234 -16.21 32.69 -29.28
N ARG D 235 -15.98 31.52 -29.88
CA ARG D 235 -16.12 30.24 -29.19
C ARG D 235 -14.79 29.51 -29.28
N TRP D 236 -14.35 28.93 -28.15
CA TRP D 236 -13.09 28.20 -28.15
C TRP D 236 -13.21 26.87 -28.89
N ASN D 237 -14.41 26.31 -28.96
CA ASN D 237 -14.62 25.01 -29.57
C ASN D 237 -15.13 25.09 -31.01
N THR D 238 -15.16 26.28 -31.61
CA THR D 238 -15.65 26.40 -32.97
C THR D 238 -14.72 25.75 -33.98
N ASN D 239 -13.48 25.42 -33.59
CA ASN D 239 -12.56 24.68 -34.43
C ASN D 239 -12.71 23.18 -34.30
N LEU D 240 -12.76 22.67 -33.07
CA LEU D 240 -12.93 21.24 -32.86
C LEU D 240 -14.28 20.76 -33.38
N VAL D 241 -15.34 21.56 -33.15
CA VAL D 241 -16.66 21.17 -33.60
C VAL D 241 -16.73 21.10 -35.12
N LYS D 242 -16.10 22.05 -35.80
CA LYS D 242 -16.12 22.05 -37.27
C LYS D 242 -15.49 20.78 -37.83
N ILE D 243 -14.31 20.43 -37.35
CA ILE D 243 -13.62 19.24 -37.87
C ILE D 243 -14.36 17.97 -37.46
N ARG D 244 -14.92 17.96 -36.25
CA ARG D 244 -15.69 16.80 -35.81
C ARG D 244 -16.90 16.58 -36.72
N GLU D 245 -17.62 17.66 -37.05
CA GLU D 245 -18.76 17.53 -37.95
C GLU D 245 -18.31 17.16 -39.36
N TYR D 246 -17.15 17.63 -39.78
CA TYR D 246 -16.63 17.24 -41.10
C TYR D 246 -16.35 15.75 -41.16
N THR D 247 -15.75 15.19 -40.10
CA THR D 247 -15.31 13.80 -40.10
C THR D 247 -16.40 12.84 -39.62
N LYS D 248 -17.51 13.35 -39.09
CA LYS D 248 -18.54 12.50 -38.50
C LYS D 248 -19.06 11.47 -39.48
N LYS D 249 -19.16 11.81 -40.76
CA LYS D 249 -19.68 10.86 -41.75
C LYS D 249 -18.79 9.63 -41.82
N ASP D 250 -17.48 9.83 -42.02
CA ASP D 250 -16.55 8.71 -42.09
C ASP D 250 -16.49 7.96 -40.78
N TYR D 251 -16.51 8.68 -39.65
CA TYR D 251 -16.47 8.02 -38.35
C TYR D 251 -17.67 7.09 -38.17
N SER D 252 -18.86 7.59 -38.47
CA SER D 252 -20.07 6.79 -38.31
C SER D 252 -20.06 5.60 -39.26
N GLU D 253 -19.60 5.81 -40.49
CA GLU D 253 -19.53 4.69 -41.44
C GLU D 253 -18.57 3.63 -40.94
N HIS D 254 -17.42 4.03 -40.41
CA HIS D 254 -16.44 3.07 -39.91
C HIS D 254 -16.98 2.29 -38.72
N ILE D 255 -17.66 2.98 -37.79
CA ILE D 255 -18.25 2.28 -36.65
C ILE D 255 -19.32 1.31 -37.11
N SER D 256 -20.18 1.73 -38.05
CA SER D 256 -21.26 0.87 -38.52
C SER D 256 -20.73 -0.32 -39.27
N LYS D 257 -19.57 -0.18 -39.94
CA LYS D 257 -19.00 -1.32 -40.66
C LYS D 257 -18.65 -2.45 -39.70
N SER D 258 -18.04 -2.14 -38.55
CA SER D 258 -17.73 -3.18 -37.58
C SER D 258 -19.00 -3.67 -36.87
N ALA D 259 -19.94 -2.76 -36.62
CA ALA D 259 -21.22 -3.17 -36.06
C ALA D 259 -21.91 -4.20 -36.96
N LYS D 260 -21.74 -4.05 -38.28
CA LYS D 260 -22.24 -5.05 -39.21
C LYS D 260 -21.36 -6.28 -39.21
N ASN D 261 -20.05 -6.09 -39.03
CA ASN D 261 -19.11 -7.20 -39.03
C ASN D 261 -19.33 -8.15 -37.85
N ILE D 262 -20.05 -7.70 -36.82
CA ILE D 262 -20.32 -8.61 -35.70
C ILE D 262 -21.01 -9.89 -36.18
N PHE D 263 -21.80 -9.82 -37.25
CA PHE D 263 -22.54 -10.97 -37.74
C PHE D 263 -21.71 -11.84 -38.68
N LEU D 264 -20.48 -11.44 -39.01
CA LEU D 264 -19.64 -12.17 -39.95
C LEU D 264 -18.59 -13.01 -39.26
N ALA D 265 -18.72 -13.21 -37.94
CA ALA D 265 -17.70 -13.89 -37.14
C ALA D 265 -18.22 -15.27 -36.74
N SER D 266 -17.45 -16.30 -37.07
CA SER D 266 -17.74 -17.64 -36.59
C SER D 266 -17.04 -17.88 -35.26
N GLY D 267 -17.62 -18.77 -34.46
CA GLY D 267 -17.10 -18.99 -33.11
C GLY D 267 -15.82 -19.81 -33.08
N PHE D 268 -14.75 -19.28 -33.70
CA PHE D 268 -13.45 -19.96 -33.73
C PHE D 268 -12.37 -18.93 -33.43
N TYR D 269 -12.05 -18.77 -32.15
CA TYR D 269 -10.96 -17.90 -31.74
C TYR D 269 -9.75 -18.74 -31.33
N LYS D 270 -8.65 -18.05 -31.04
CA LYS D 270 -7.37 -18.71 -30.77
C LYS D 270 -7.41 -19.33 -29.36
N GLN D 271 -8.08 -20.47 -29.27
CA GLN D 271 -8.08 -21.22 -28.02
C GLN D 271 -6.78 -21.99 -27.86
N PRO D 272 -6.30 -22.17 -26.64
CA PRO D 272 -5.14 -23.03 -26.41
C PRO D 272 -5.57 -24.48 -26.19
N ASN D 273 -4.76 -25.39 -26.73
CA ASN D 273 -4.99 -26.82 -26.58
C ASN D 273 -3.67 -27.54 -26.78
N LYS D 274 -3.69 -28.84 -26.48
CA LYS D 274 -2.44 -29.62 -26.46
C LYS D 274 -1.79 -29.67 -27.83
N ASN D 275 -2.60 -29.72 -28.89
CA ASN D 275 -2.04 -29.81 -30.24
C ASN D 275 -1.24 -28.56 -30.59
N GLU D 276 -1.80 -27.38 -30.33
CA GLU D 276 -1.09 -26.14 -30.64
C GLU D 276 0.17 -26.00 -29.80
N ILE D 277 0.10 -26.39 -28.52
CA ILE D 277 1.28 -26.32 -27.67
C ILE D 277 2.37 -27.26 -28.18
N SER D 278 1.97 -28.46 -28.63
CA SER D 278 2.95 -29.40 -29.16
C SER D 278 3.61 -28.88 -30.44
N GLU D 279 2.81 -28.31 -31.35
CA GLU D 279 3.40 -27.73 -32.56
C GLU D 279 4.32 -26.57 -32.23
N GLY D 280 3.91 -25.72 -31.28
CA GLY D 280 4.78 -24.63 -30.86
C GLY D 280 6.07 -25.13 -30.25
N TRP D 281 6.00 -26.21 -29.46
CA TRP D 281 7.19 -26.79 -28.87
C TRP D 281 8.13 -27.34 -29.93
N THR D 282 7.57 -28.01 -30.95
CA THR D 282 8.39 -28.52 -32.04
C THR D 282 9.08 -27.38 -32.79
N LEU D 283 8.33 -26.32 -33.11
CA LEU D 283 8.93 -25.18 -33.78
C LEU D 283 10.00 -24.53 -32.90
N MET D 284 9.75 -24.44 -31.60
CA MET D 284 10.72 -23.84 -30.69
C MET D 284 11.99 -24.65 -30.63
N VAL D 285 11.89 -25.97 -30.54
CA VAL D 285 13.10 -26.79 -30.46
C VAL D 285 13.86 -26.73 -31.78
N GLU D 286 13.15 -26.67 -32.91
CA GLU D 286 13.83 -26.51 -34.18
C GLU D 286 14.58 -25.19 -34.25
N ARG D 287 13.94 -24.09 -33.82
CA ARG D 287 14.59 -22.79 -33.84
C ARG D 287 15.79 -22.76 -32.91
N VAL D 288 15.66 -23.34 -31.71
CA VAL D 288 16.76 -23.36 -30.77
C VAL D 288 17.93 -24.17 -31.31
N GLN D 289 17.65 -25.33 -31.90
CA GLN D 289 18.71 -26.12 -32.51
C GLN D 289 19.38 -25.37 -33.65
N ASP D 290 18.63 -24.57 -34.40
CA ASP D 290 19.23 -23.75 -35.44
C ASP D 290 20.09 -22.65 -34.86
N GLN D 291 19.70 -22.09 -33.71
CA GLN D 291 20.40 -20.96 -33.13
C GLN D 291 21.48 -21.35 -32.15
N ARG D 292 21.37 -22.49 -31.48
CA ARG D 292 22.27 -22.89 -30.41
C ARG D 292 23.05 -24.13 -30.81
N GLU D 293 24.12 -24.40 -30.06
CA GLU D 293 24.91 -25.62 -30.21
C GLU D 293 24.41 -26.62 -29.18
N ILE D 294 23.66 -27.61 -29.63
CA ILE D 294 23.05 -28.58 -28.75
C ILE D 294 24.07 -29.66 -28.41
N SER D 295 24.26 -29.90 -27.11
CA SER D 295 25.21 -30.89 -26.64
C SER D 295 24.48 -32.04 -25.95
N LYS D 296 24.93 -33.26 -26.24
CA LYS D 296 24.37 -34.46 -25.64
C LYS D 296 25.22 -35.00 -24.49
N SER D 297 26.47 -34.58 -24.38
CA SER D 297 27.37 -35.12 -23.37
C SER D 297 27.02 -34.58 -21.99
N LEU D 298 26.98 -35.48 -21.01
CA LEU D 298 26.73 -35.07 -19.63
C LEU D 298 27.85 -34.21 -19.08
N HIS D 299 29.07 -34.34 -19.60
CA HIS D 299 30.23 -33.62 -19.09
C HIS D 299 30.30 -32.19 -19.60
N ASP D 300 29.40 -31.78 -20.48
CA ASP D 300 29.33 -30.40 -20.93
C ASP D 300 28.47 -29.53 -20.04
N GLN D 301 27.94 -30.08 -18.96
CA GLN D 301 27.09 -29.32 -18.06
C GLN D 301 27.88 -28.25 -17.32
N LYS D 302 27.24 -27.14 -17.07
CA LYS D 302 27.76 -26.11 -16.19
C LYS D 302 27.19 -26.29 -14.79
N PRO D 303 27.90 -25.84 -13.76
CA PRO D 303 27.44 -26.10 -12.38
C PRO D 303 26.08 -25.47 -12.13
N SER D 304 25.18 -26.27 -11.53
CA SER D 304 23.91 -25.72 -11.08
C SER D 304 24.10 -24.86 -9.84
N ILE D 305 24.89 -25.34 -8.89
CA ILE D 305 25.31 -24.57 -7.73
C ILE D 305 26.83 -24.67 -7.64
N HIS D 306 27.50 -23.53 -7.53
CA HIS D 306 28.97 -23.49 -7.54
C HIS D 306 29.52 -23.85 -6.15
N PHE D 307 29.19 -25.06 -5.71
CA PHE D 307 29.52 -25.49 -4.37
C PHE D 307 29.22 -26.98 -4.21
N ILE D 308 30.05 -27.66 -3.42
CA ILE D 308 29.82 -29.04 -3.03
C ILE D 308 29.89 -29.11 -1.50
N TRP D 309 29.02 -29.93 -0.93
CA TRP D 309 28.85 -29.94 0.52
C TRP D 309 28.88 -31.36 1.06
N GLY D 310 29.46 -31.49 2.24
CA GLY D 310 29.48 -32.77 2.94
C GLY D 310 29.21 -32.54 4.41
N ALA D 311 28.61 -33.55 5.04
CA ALA D 311 28.21 -33.41 6.44
C ALA D 311 29.43 -33.24 7.34
N HIS D 312 29.23 -32.55 8.45
CA HIS D 312 30.29 -32.29 9.40
C HIS D 312 30.66 -33.58 10.15
N ASN D 313 31.88 -33.60 10.68
CA ASN D 313 32.38 -34.74 11.42
C ASN D 313 32.39 -34.42 12.90
N PRO D 314 31.50 -35.03 13.70
CA PRO D 314 31.50 -34.74 15.15
C PRO D 314 32.76 -35.18 15.86
N GLY D 315 33.52 -36.13 15.30
CA GLY D 315 34.71 -36.65 15.93
C GLY D 315 35.95 -35.78 15.82
N ASN D 316 35.87 -34.67 15.11
CA ASN D 316 37.01 -33.77 14.95
C ASN D 316 36.73 -32.44 15.63
N SER D 317 37.76 -31.84 16.20
CA SER D 317 37.62 -30.53 16.82
C SER D 317 37.39 -29.47 15.76
N ASN D 318 36.73 -28.38 16.15
CA ASN D 318 36.41 -27.29 15.25
C ASN D 318 37.41 -26.15 15.33
N ASN D 319 38.54 -26.36 16.00
CA ASN D 319 39.56 -25.32 16.07
C ASN D 319 40.17 -25.07 14.70
N ALA D 320 40.51 -23.80 14.43
CA ALA D 320 41.02 -23.44 13.12
C ALA D 320 42.34 -24.13 12.81
N THR D 321 43.26 -24.18 13.79
CA THR D 321 44.55 -24.80 13.55
C THR D 321 44.42 -26.30 13.31
N PHE D 322 43.56 -26.97 14.08
CA PHE D 322 43.38 -28.40 13.91
C PHE D 322 42.79 -28.72 12.54
N LYS D 323 41.80 -27.93 12.11
CA LYS D 323 41.21 -28.13 10.79
C LYS D 323 42.22 -27.84 9.69
N LEU D 324 43.06 -26.82 9.88
CA LEU D 324 44.10 -26.51 8.89
C LEU D 324 45.08 -27.67 8.77
N ILE D 325 45.51 -28.23 9.90
CA ILE D 325 46.43 -29.36 9.88
C ILE D 325 45.79 -30.57 9.21
N LEU D 326 44.53 -30.84 9.54
CA LEU D 326 43.83 -31.98 8.95
C LEU D 326 43.69 -31.82 7.44
N LEU D 327 43.34 -30.61 6.99
CA LEU D 327 43.22 -30.37 5.56
C LEU D 327 44.55 -30.53 4.85
N SER D 328 45.62 -29.99 5.44
CA SER D 328 46.95 -30.14 4.82
C SER D 328 47.34 -31.60 4.70
N LYS D 329 47.14 -32.36 5.79
CA LYS D 329 47.49 -33.77 5.78
C LYS D 329 46.67 -34.55 4.76
N SER D 330 45.37 -34.26 4.68
CA SER D 330 44.52 -34.96 3.71
C SER D 330 44.88 -34.60 2.28
N LEU D 331 45.20 -33.33 2.01
CA LEU D 331 45.64 -32.95 0.67
C LEU D 331 46.93 -33.65 0.29
N GLN D 332 47.90 -33.73 1.21
CA GLN D 332 49.16 -34.38 0.89
C GLN D 332 49.09 -35.90 0.98
N SER D 333 47.96 -36.46 1.44
CA SER D 333 47.79 -37.90 1.53
C SER D 333 46.94 -38.47 0.41
N ILE D 334 46.68 -37.70 -0.65
CA ILE D 334 45.83 -38.17 -1.74
C ILE D 334 46.53 -39.29 -2.49
N LYS D 335 45.79 -40.35 -2.80
CA LYS D 335 46.30 -41.51 -3.52
C LYS D 335 45.82 -41.47 -4.97
N GLY D 336 46.29 -42.44 -5.74
CA GLY D 336 45.91 -42.56 -7.13
C GLY D 336 46.71 -41.65 -8.04
N ILE D 337 46.35 -41.70 -9.32
CA ILE D 337 46.99 -40.89 -10.36
C ILE D 337 45.93 -40.05 -11.05
N SER D 338 46.25 -38.79 -11.31
CA SER D 338 45.34 -37.86 -11.97
C SER D 338 46.15 -36.70 -12.50
N THR D 339 45.48 -35.82 -13.26
CA THR D 339 46.16 -34.68 -13.86
C THR D 339 46.66 -33.71 -12.80
N TYR D 340 45.85 -33.44 -11.78
CA TYR D 340 46.18 -32.42 -10.78
C TYR D 340 46.41 -33.01 -9.39
N THR D 341 46.40 -34.33 -9.23
CA THR D 341 46.55 -34.92 -7.91
C THR D 341 47.91 -34.57 -7.31
N GLU D 342 48.95 -34.54 -8.13
CA GLU D 342 50.27 -34.11 -7.64
C GLU D 342 50.22 -32.65 -7.19
N ALA D 343 49.50 -31.81 -7.94
CA ALA D 343 49.36 -30.41 -7.55
C ALA D 343 48.64 -30.28 -6.21
N PHE D 344 47.60 -31.09 -5.99
CA PHE D 344 46.87 -31.03 -4.72
C PHE D 344 47.74 -31.50 -3.56
N LYS D 345 48.51 -32.58 -3.76
CA LYS D 345 49.41 -33.04 -2.71
C LYS D 345 50.47 -32.00 -2.41
N SER D 346 51.01 -31.35 -3.45
CA SER D 346 52.00 -30.30 -3.23
C SER D 346 51.39 -29.11 -2.49
N LEU D 347 50.14 -28.75 -2.82
CA LEU D 347 49.47 -27.69 -2.08
C LEU D 347 49.32 -28.05 -0.62
N GLY D 348 48.95 -29.30 -0.34
CA GLY D 348 48.91 -29.76 1.04
C GLY D 348 50.25 -29.65 1.73
N LYS D 349 51.33 -29.94 0.99
CA LYS D 349 52.67 -29.77 1.54
C LYS D 349 52.95 -28.30 1.85
N MET D 350 52.53 -27.40 0.98
CA MET D 350 52.72 -25.97 1.22
C MET D 350 51.95 -25.47 2.43
N MET D 351 50.74 -25.99 2.66
CA MET D 351 49.91 -25.56 3.77
C MET D 351 50.14 -26.40 5.02
N ASP D 352 51.30 -27.03 5.12
CA ASP D 352 51.64 -27.91 6.23
C ASP D 352 52.45 -27.14 7.27
N ILE D 353 52.03 -27.22 8.53
CA ILE D 353 52.80 -26.65 9.63
C ILE D 353 53.44 -27.72 10.51
N GLY D 354 53.09 -28.98 10.32
CA GLY D 354 53.71 -30.06 11.06
C GLY D 354 53.37 -29.99 12.55
N ASP D 355 54.30 -30.47 13.37
CA ASP D 355 54.10 -30.43 14.82
C ASP D 355 54.14 -29.01 15.35
N LYS D 356 54.76 -28.10 14.60
CA LYS D 356 54.83 -26.70 15.00
C LYS D 356 53.45 -26.06 14.83
N ALA D 357 52.80 -25.76 15.94
CA ALA D 357 51.47 -25.17 15.91
C ALA D 357 51.34 -23.92 16.78
N ILE D 358 52.06 -23.85 17.89
CA ILE D 358 51.89 -22.75 18.85
C ILE D 358 52.35 -21.43 18.26
N GLU D 359 53.55 -21.41 17.66
CA GLU D 359 54.04 -20.13 17.14
C GLU D 359 53.22 -19.67 15.95
N TYR D 360 52.50 -20.57 15.28
CA TYR D 360 51.53 -20.14 14.28
C TYR D 360 50.46 -19.24 14.89
N GLU D 361 49.87 -19.68 16.00
CA GLU D 361 48.88 -18.85 16.70
C GLU D 361 49.50 -17.57 17.23
N GLU D 362 50.71 -17.66 17.78
CA GLU D 362 51.38 -16.45 18.28
C GLU D 362 51.61 -15.45 17.16
N PHE D 363 52.06 -15.94 16.00
CA PHE D 363 52.32 -15.10 14.85
C PHE D 363 51.06 -14.41 14.37
N CYS D 364 49.97 -15.19 14.22
CA CYS D 364 48.72 -14.62 13.76
C CYS D 364 48.19 -13.58 14.73
N MET D 365 48.23 -13.88 16.04
CA MET D 365 47.72 -12.93 17.02
C MET D 365 48.55 -11.66 17.04
N SER D 366 49.88 -11.79 16.95
CA SER D 366 50.74 -10.60 16.96
C SER D 366 50.46 -9.73 15.74
N LEU D 367 50.34 -10.33 14.56
CA LEU D 367 50.03 -9.51 13.38
C LEU D 367 48.65 -8.87 13.48
N LYS D 368 47.65 -9.61 13.96
CA LYS D 368 46.30 -9.05 14.05
C LYS D 368 46.22 -7.92 15.06
N SER D 369 46.96 -8.01 16.16
CA SER D 369 46.94 -6.96 17.17
C SER D 369 47.48 -5.65 16.60
N LYS D 370 48.57 -5.71 15.85
CA LYS D 370 49.09 -4.52 15.20
C LYS D 370 48.17 -4.03 14.10
N ALA D 371 47.56 -4.95 13.35
CA ALA D 371 46.72 -4.57 12.23
C ALA D 371 45.46 -3.84 12.69
N ARG D 372 44.84 -4.31 13.77
CA ARG D 372 43.59 -3.72 14.22
C ARG D 372 43.80 -2.54 15.16
N SER D 373 45.05 -2.21 15.48
CA SER D 373 45.33 -1.10 16.39
C SER D 373 45.25 0.26 15.71
N SER D 374 45.15 0.31 14.38
CA SER D 374 45.13 1.56 13.64
C SER D 374 43.86 1.62 12.80
N TRP D 375 43.15 2.76 12.86
CA TRP D 375 41.97 2.95 12.04
C TRP D 375 42.32 2.92 10.55
N LYS D 376 43.39 3.60 10.17
CA LYS D 376 43.83 3.61 8.78
C LYS D 376 44.64 2.35 8.49
N GLN D 377 44.54 1.87 7.25
CA GLN D 377 45.26 0.68 6.84
C GLN D 377 46.76 0.86 7.02
N ILE D 378 47.42 -0.18 7.51
CA ILE D 378 48.87 -0.11 7.71
C ILE D 378 49.56 -0.01 6.36
N MET D 379 50.31 1.08 6.17
CA MET D 379 50.97 1.36 4.90
C MET D 379 52.43 1.66 5.16
N ASN D 380 53.23 1.59 4.08
CA ASN D 380 54.67 1.84 4.04
C ASN D 380 55.47 0.74 4.76
N LYS D 381 54.81 -0.26 5.33
CA LYS D 381 55.47 -1.39 5.96
C LYS D 381 55.09 -2.66 5.21
N LYS D 382 56.10 -3.46 4.85
CA LYS D 382 55.89 -4.64 4.03
C LYS D 382 55.71 -5.87 4.91
N LEU D 383 54.73 -6.70 4.57
CA LEU D 383 54.50 -7.94 5.29
C LEU D 383 55.60 -8.94 4.96
N GLU D 384 56.14 -9.59 6.00
CA GLU D 384 57.29 -10.45 5.86
C GLU D 384 56.91 -11.91 6.09
N PRO D 385 57.09 -12.77 5.10
CA PRO D 385 56.72 -14.18 5.26
C PRO D 385 57.53 -14.86 6.37
N LYS D 386 56.90 -15.77 7.10
CA LYS D 386 57.60 -16.51 8.19
C LYS D 386 57.38 -18.02 8.05
N GLN D 387 58.35 -18.74 7.51
CA GLN D 387 58.18 -20.20 7.31
C GLN D 387 58.05 -20.86 8.68
N ILE D 388 57.03 -21.72 8.83
CA ILE D 388 56.85 -22.44 10.12
C ILE D 388 57.52 -23.81 10.00
N ASN D 389 57.05 -24.64 9.07
CA ASN D 389 57.73 -25.95 8.82
C ASN D 389 57.91 -26.06 7.31
N ASN D 390 56.88 -26.52 6.59
CA ASN D 390 56.93 -26.57 5.11
C ASN D 390 56.05 -25.45 4.59
N ALA D 391 55.55 -24.58 5.48
CA ALA D 391 54.59 -23.53 5.06
C ALA D 391 55.19 -22.15 5.18
N LEU D 392 55.18 -21.38 4.09
CA LEU D 392 55.64 -19.97 4.21
C LEU D 392 54.42 -19.14 4.59
N VAL D 393 54.17 -18.94 5.89
CA VAL D 393 52.94 -18.24 6.33
C VAL D 393 53.13 -16.72 6.29
N LEU D 394 52.41 -16.03 5.39
CA LEU D 394 52.44 -14.56 5.37
C LEU D 394 51.44 -14.00 6.37
N TRP D 395 50.24 -14.56 6.41
CA TRP D 395 49.17 -14.10 7.27
C TRP D 395 48.44 -15.35 7.76
N GLU D 396 47.46 -15.17 8.63
CA GLU D 396 46.66 -16.31 9.07
C GLU D 396 45.98 -16.96 7.88
N GLN D 397 46.32 -18.24 7.65
CA GLN D 397 45.76 -19.05 6.56
C GLN D 397 46.09 -18.48 5.18
N GLN D 398 47.26 -17.84 5.05
CA GLN D 398 47.77 -17.36 3.78
C GLN D 398 49.17 -17.90 3.57
N PHE D 399 49.39 -18.56 2.44
CA PHE D 399 50.63 -19.28 2.19
C PHE D 399 51.19 -18.93 0.81
N MET D 400 52.51 -18.78 0.72
CA MET D 400 53.17 -18.61 -0.55
C MET D 400 53.26 -19.93 -1.30
N ILE D 401 53.33 -19.83 -2.63
CA ILE D 401 53.60 -20.99 -3.46
C ILE D 401 55.05 -21.38 -3.30
N ASN D 402 55.30 -22.47 -2.58
CA ASN D 402 56.65 -22.98 -2.36
C ASN D 402 57.13 -23.61 -3.65
N ASN D 403 57.83 -22.83 -4.48
CA ASN D 403 58.29 -23.33 -5.78
C ASN D 403 59.22 -24.52 -5.61
N ASP D 404 59.86 -24.65 -4.45
CA ASP D 404 60.66 -25.84 -4.16
C ASP D 404 59.77 -27.06 -4.06
N LEU D 405 58.61 -26.93 -3.42
CA LEU D 405 57.72 -28.08 -3.22
C LEU D 405 57.01 -28.47 -4.51
N ILE D 406 56.64 -27.49 -5.33
CA ILE D 406 55.87 -27.73 -6.54
C ILE D 406 56.80 -27.96 -7.73
N ASP D 407 56.47 -28.93 -8.55
CA ASP D 407 57.08 -29.05 -9.87
C ASP D 407 56.57 -27.92 -10.77
N LYS D 408 57.46 -27.44 -11.64
CA LYS D 408 57.09 -26.33 -12.51
C LYS D 408 55.95 -26.71 -13.44
N SER D 409 56.00 -27.92 -14.00
CA SER D 409 54.91 -28.38 -14.85
C SER D 409 53.61 -28.50 -14.07
N GLU D 410 53.67 -29.04 -12.85
CA GLU D 410 52.46 -29.17 -12.04
C GLU D 410 51.89 -27.80 -11.66
N LYS D 411 52.77 -26.86 -11.32
CA LYS D 411 52.30 -25.51 -11.01
C LYS D 411 51.65 -24.86 -12.23
N LEU D 412 52.25 -25.03 -13.40
CA LEU D 412 51.67 -24.47 -14.61
C LEU D 412 50.31 -25.10 -14.91
N LYS D 413 50.20 -26.42 -14.71
CA LYS D 413 48.91 -27.08 -14.92
C LYS D 413 47.86 -26.55 -13.94
N LEU D 414 48.25 -26.34 -12.68
CA LEU D 414 47.30 -25.87 -11.68
C LEU D 414 46.86 -24.44 -11.96
N PHE D 415 47.77 -23.59 -12.46
CA PHE D 415 47.44 -22.18 -12.63
C PHE D 415 46.88 -21.88 -14.02
N LYS D 416 47.37 -22.56 -15.05
CA LYS D 416 46.92 -22.25 -16.41
C LYS D 416 45.67 -23.03 -16.78
N ASN D 417 45.72 -24.36 -16.65
CA ASN D 417 44.65 -25.21 -17.15
C ASN D 417 43.58 -25.51 -16.11
N PHE D 418 43.77 -25.11 -14.86
CA PHE D 418 42.80 -25.39 -13.81
C PHE D 418 42.15 -24.13 -13.25
N CYS D 419 42.95 -23.17 -12.81
CA CYS D 419 42.42 -21.92 -12.28
C CYS D 419 42.20 -20.86 -13.35
N GLY D 420 42.67 -21.09 -14.57
CA GLY D 420 42.47 -20.13 -15.63
C GLY D 420 43.29 -18.87 -15.50
N ILE D 421 44.28 -18.85 -14.62
CA ILE D 421 45.12 -17.67 -14.42
C ILE D 421 46.19 -17.65 -15.49
N GLY D 422 46.29 -16.53 -16.21
CA GLY D 422 47.30 -16.39 -17.24
C GLY D 422 47.04 -17.19 -18.49
N LYS D 423 45.84 -17.73 -18.68
CA LYS D 423 45.55 -18.54 -19.84
C LYS D 423 45.56 -17.71 -21.12
N HIS D 424 46.20 -18.24 -22.15
CA HIS D 424 46.28 -17.62 -23.49
C HIS D 424 46.95 -16.25 -23.34
N LYS D 425 46.50 -15.24 -24.08
CA LYS D 425 47.18 -13.95 -24.11
C LYS D 425 46.16 -12.89 -24.53
N GLN D 426 46.54 -11.63 -24.35
CA GLN D 426 45.70 -10.50 -24.74
C GLN D 426 45.29 -10.57 -26.21
N GLU D 436 36.94 -20.30 -33.95
CA GLU D 436 36.57 -19.79 -32.64
C GLU D 436 35.26 -19.01 -32.68
N VAL D 437 34.51 -19.19 -33.77
CA VAL D 437 33.24 -18.49 -33.92
C VAL D 437 32.21 -19.13 -33.01
N SER D 438 31.92 -20.41 -33.25
CA SER D 438 31.11 -21.24 -32.37
C SER D 438 29.70 -20.70 -32.16
N LYS D 439 28.90 -21.41 -31.39
CA LYS D 439 27.59 -20.97 -30.94
C LYS D 439 27.42 -21.34 -29.48
N PRO D 440 26.57 -20.62 -28.74
CA PRO D 440 26.37 -20.95 -27.32
C PRO D 440 26.01 -22.41 -27.10
N LYS D 441 26.89 -23.15 -26.43
CA LYS D 441 26.71 -24.57 -26.22
C LYS D 441 25.78 -24.79 -25.03
N ILE D 442 24.62 -25.39 -25.29
CA ILE D 442 23.64 -25.67 -24.26
C ILE D 442 23.27 -27.15 -24.30
N LEU D 443 22.89 -27.67 -23.14
CA LEU D 443 22.49 -29.06 -23.03
C LEU D 443 21.15 -29.29 -23.73
N ASP D 444 20.98 -30.49 -24.27
CA ASP D 444 19.77 -30.85 -24.99
C ASP D 444 18.64 -31.02 -23.98
N PHE D 445 17.75 -30.03 -23.88
CA PHE D 445 16.74 -30.05 -22.83
C PHE D 445 15.63 -31.04 -23.10
N ASP D 446 15.35 -31.37 -24.37
CA ASP D 446 14.33 -32.35 -24.69
C ASP D 446 14.88 -33.76 -24.90
N ASP D 447 16.19 -33.95 -24.73
CA ASP D 447 16.77 -35.28 -24.79
C ASP D 447 16.32 -36.10 -23.59
N ALA D 448 15.98 -37.37 -23.84
CA ALA D 448 15.55 -38.24 -22.74
C ALA D 448 16.70 -38.50 -21.76
N ASN D 449 17.90 -38.74 -22.28
CA ASN D 449 19.04 -39.04 -21.41
C ASN D 449 19.42 -37.83 -20.56
N MET D 450 19.40 -36.63 -21.15
CA MET D 450 19.75 -35.45 -20.38
C MET D 450 18.75 -35.18 -19.27
N TYR D 451 17.45 -35.32 -19.57
CA TYR D 451 16.44 -35.14 -18.53
C TYR D 451 16.56 -36.21 -17.46
N LEU D 452 16.88 -37.45 -17.86
CA LEU D 452 17.09 -38.50 -16.88
C LEU D 452 18.27 -38.19 -15.97
N ALA D 453 19.35 -37.65 -16.54
CA ALA D 453 20.50 -37.25 -15.74
C ALA D 453 20.14 -36.14 -14.76
N SER D 454 19.37 -35.14 -15.22
CA SER D 454 18.95 -34.07 -14.33
C SER D 454 18.08 -34.58 -13.21
N LEU D 455 17.14 -35.49 -13.53
CA LEU D 455 16.28 -36.08 -12.51
C LEU D 455 17.10 -36.89 -11.51
N THR D 456 18.09 -37.63 -11.99
CA THR D 456 18.97 -38.39 -11.08
C THR D 456 19.75 -37.45 -10.17
N MET D 457 20.25 -36.35 -10.71
CA MET D 457 20.97 -35.38 -9.88
C MET D 457 20.06 -34.80 -8.80
N MET D 458 18.83 -34.45 -9.18
CA MET D 458 17.90 -33.90 -8.19
C MET D 458 17.55 -34.94 -7.13
N GLU D 459 17.34 -36.19 -7.54
CA GLU D 459 17.04 -37.25 -6.59
C GLU D 459 18.20 -37.48 -5.63
N GLN D 460 19.43 -37.47 -6.13
CA GLN D 460 20.59 -37.64 -5.27
C GLN D 460 20.73 -36.48 -4.30
N SER D 461 20.49 -35.26 -4.76
CA SER D 461 20.56 -34.10 -3.87
C SER D 461 19.49 -34.18 -2.79
N LYS D 462 18.28 -34.60 -3.16
CA LYS D 462 17.23 -34.77 -2.16
C LYS D 462 17.57 -35.86 -1.16
N LYS D 463 18.21 -36.92 -1.63
CA LYS D 463 18.62 -38.00 -0.73
C LYS D 463 19.66 -37.53 0.27
N ILE D 464 20.70 -36.84 -0.20
CA ILE D 464 21.78 -36.45 0.70
C ILE D 464 21.34 -35.33 1.64
N LEU D 465 20.61 -34.34 1.12
CA LEU D 465 20.37 -33.11 1.88
C LEU D 465 19.13 -33.19 2.77
N SER D 466 18.31 -34.24 2.66
CA SER D 466 17.13 -34.34 3.50
C SER D 466 17.43 -34.89 4.89
N LYS D 467 18.62 -35.44 5.12
CA LYS D 467 18.95 -36.00 6.40
C LYS D 467 19.21 -34.90 7.42
N SER D 468 18.80 -35.17 8.66
CA SER D 468 18.94 -34.19 9.74
C SER D 468 20.40 -34.02 10.14
N ASN D 469 20.70 -32.86 10.71
CA ASN D 469 22.04 -32.55 11.16
C ASN D 469 22.40 -33.21 12.48
N GLY D 470 21.41 -33.71 13.22
CA GLY D 470 21.66 -34.31 14.51
C GLY D 470 21.94 -33.32 15.62
N LEU D 471 21.66 -32.04 15.40
CA LEU D 471 21.93 -31.00 16.39
C LEU D 471 20.74 -30.06 16.50
N LYS D 472 20.56 -29.51 17.70
CA LYS D 472 19.51 -28.53 17.92
C LYS D 472 19.81 -27.27 17.10
N PRO D 473 18.80 -26.74 16.40
CA PRO D 473 19.08 -25.62 15.47
C PRO D 473 19.71 -24.41 16.14
N ASP D 474 19.04 -23.85 17.15
CA ASP D 474 19.62 -22.73 17.94
C ASP D 474 20.32 -21.72 17.04
N ASN D 475 19.56 -20.95 16.28
CA ASN D 475 20.16 -19.90 15.46
C ASN D 475 19.53 -18.56 15.82
N PHE D 476 19.99 -17.52 15.11
CA PHE D 476 19.55 -16.16 15.42
C PHE D 476 18.07 -15.97 15.14
N ILE D 477 17.62 -16.36 13.95
CA ILE D 477 16.23 -16.14 13.56
C ILE D 477 15.29 -16.84 14.54
N LEU D 478 15.57 -18.12 14.83
CA LEU D 478 14.74 -18.84 15.78
C LEU D 478 14.77 -18.18 17.15
N ASN D 479 15.92 -18.14 17.80
CA ASN D 479 15.96 -17.61 19.20
C ASN D 479 15.36 -16.20 19.30
N GLU D 480 15.41 -15.40 18.24
CA GLU D 480 14.97 -14.02 18.36
C GLU D 480 13.55 -13.76 17.92
N PHE D 481 12.98 -14.57 17.02
CA PHE D 481 11.62 -14.31 16.56
C PHE D 481 10.73 -15.55 16.59
N GLY D 482 11.11 -16.60 17.32
CA GLY D 482 10.28 -17.78 17.38
C GLY D 482 8.95 -17.53 18.05
N SER D 483 8.96 -16.74 19.14
CA SER D 483 7.71 -16.43 19.81
C SER D 483 6.75 -15.70 18.89
N ARG D 484 7.24 -14.70 18.16
CA ARG D 484 6.37 -13.93 17.27
C ARG D 484 5.86 -14.78 16.12
N ILE D 485 6.75 -15.56 15.48
CA ILE D 485 6.32 -16.38 14.35
C ILE D 485 5.36 -17.47 14.82
N LYS D 486 5.59 -18.01 16.03
CA LYS D 486 4.75 -19.07 16.56
C LYS D 486 3.36 -18.56 16.92
N ASP D 487 3.30 -17.36 17.51
CA ASP D 487 2.01 -16.76 17.83
C ASP D 487 1.26 -16.33 16.58
N ALA D 488 1.97 -15.88 15.54
CA ALA D 488 1.32 -15.53 14.29
C ALA D 488 0.73 -16.76 13.62
N ASN D 489 1.49 -17.86 13.57
CA ASN D 489 1.01 -19.10 12.96
C ASN D 489 1.88 -20.24 13.47
N LYS D 490 1.23 -21.23 14.10
CA LYS D 490 1.96 -22.41 14.59
C LYS D 490 2.61 -23.18 13.46
N GLU D 491 1.89 -23.34 12.34
CA GLU D 491 2.40 -24.14 11.23
C GLU D 491 3.64 -23.51 10.62
N THR D 492 3.68 -22.17 10.54
CA THR D 492 4.87 -21.51 10.02
C THR D 492 6.08 -21.78 10.92
N TYR D 493 5.88 -21.75 12.24
CA TYR D 493 6.96 -22.07 13.16
C TYR D 493 7.42 -23.51 12.99
N ASP D 494 6.47 -24.44 12.84
CA ASP D 494 6.85 -25.84 12.64
C ASP D 494 7.63 -26.03 11.34
N ASN D 495 7.20 -25.37 10.27
CA ASN D 495 7.90 -25.46 9.00
C ASN D 495 9.30 -24.88 9.10
N MET D 496 9.45 -23.75 9.79
CA MET D 496 10.77 -23.15 9.96
C MET D 496 11.68 -24.06 10.77
N HIS D 497 11.14 -24.67 11.83
CA HIS D 497 11.93 -25.61 12.63
C HIS D 497 12.35 -26.81 11.80
N LYS D 498 11.44 -27.33 10.97
CA LYS D 498 11.78 -28.44 10.09
C LYS D 498 12.87 -28.05 9.09
N ILE D 499 12.78 -26.82 8.56
CA ILE D 499 13.83 -26.34 7.66
C ILE D 499 15.17 -26.32 8.36
N PHE D 500 15.20 -25.79 9.59
CA PHE D 500 16.44 -25.70 10.34
C PHE D 500 16.97 -27.07 10.75
N GLU D 501 16.10 -28.07 10.86
CA GLU D 501 16.55 -29.41 11.27
C GLU D 501 17.21 -30.20 10.16
N THR D 502 16.97 -29.86 8.89
CA THR D 502 17.43 -30.67 7.77
C THR D 502 18.80 -30.19 7.29
N GLY D 503 19.35 -30.93 6.33
CA GLY D 503 20.66 -30.62 5.79
C GLY D 503 20.68 -29.51 4.76
N TYR D 504 19.52 -29.14 4.22
CA TYR D 504 19.46 -28.02 3.29
C TYR D 504 19.91 -26.73 3.97
N TRP D 505 19.35 -26.45 5.15
CA TRP D 505 19.70 -25.23 5.87
C TRP D 505 21.16 -25.23 6.27
N GLN D 506 21.67 -26.36 6.77
CA GLN D 506 23.08 -26.43 7.15
C GLN D 506 23.98 -26.21 5.94
N CYS D 507 23.64 -26.84 4.81
CA CYS D 507 24.46 -26.69 3.61
C CYS D 507 24.49 -25.24 3.15
N ILE D 508 23.32 -24.59 3.06
CA ILE D 508 23.29 -23.24 2.53
C ILE D 508 23.90 -22.25 3.51
N SER D 509 23.72 -22.48 4.82
CA SER D 509 24.36 -21.61 5.81
C SER D 509 25.87 -21.75 5.76
N ASP D 510 26.38 -22.98 5.63
CA ASP D 510 27.82 -23.18 5.52
C ASP D 510 28.36 -22.53 4.25
N PHE D 511 27.63 -22.62 3.15
CA PHE D 511 28.09 -22.01 1.91
C PHE D 511 28.10 -20.49 2.01
N SER D 512 27.07 -19.90 2.64
CA SER D 512 27.05 -18.46 2.84
C SER D 512 28.19 -18.00 3.72
N THR D 513 28.42 -18.71 4.84
CA THR D 513 29.51 -18.35 5.74
C THR D 513 30.85 -18.49 5.05
N LEU D 514 31.02 -19.56 4.27
CA LEU D 514 32.27 -19.77 3.56
C LEU D 514 32.51 -18.68 2.53
N MET D 515 31.47 -18.26 1.82
CA MET D 515 31.63 -17.17 0.85
C MET D 515 31.96 -15.86 1.55
N LYS D 516 31.34 -15.61 2.71
CA LYS D 516 31.69 -14.40 3.47
C LYS D 516 33.14 -14.43 3.91
N ASN D 517 33.61 -15.60 4.33
CA ASN D 517 35.01 -15.72 4.79
C ASN D 517 35.94 -15.55 3.58
N ILE D 518 35.55 -16.07 2.41
CA ILE D 518 36.35 -15.91 1.19
C ILE D 518 36.44 -14.43 0.82
N LEU D 519 35.32 -13.72 0.86
CA LEU D 519 35.34 -12.30 0.56
C LEU D 519 36.20 -11.54 1.55
N SER D 520 36.14 -11.92 2.83
CA SER D 520 36.96 -11.25 3.84
C SER D 520 38.44 -11.46 3.60
N VAL D 521 38.84 -12.69 3.23
CA VAL D 521 40.26 -12.99 3.13
C VAL D 521 40.82 -12.50 1.80
N SER D 522 40.00 -12.43 0.75
CA SER D 522 40.51 -12.17 -0.58
C SER D 522 41.05 -10.75 -0.75
N GLN D 523 40.73 -9.83 0.16
CA GLN D 523 41.21 -8.45 0.00
C GLN D 523 42.72 -8.37 0.19
N TYR D 524 43.26 -9.09 1.17
CA TYR D 524 44.71 -9.27 1.28
C TYR D 524 45.08 -10.56 0.55
N ASN D 525 45.24 -10.44 -0.77
CA ASN D 525 45.66 -11.54 -1.62
C ASN D 525 46.68 -11.04 -2.60
N ARG D 526 47.66 -11.89 -2.92
CA ARG D 526 48.75 -11.52 -3.80
C ARG D 526 48.90 -12.58 -4.89
N HIS D 527 49.74 -12.27 -5.88
CA HIS D 527 49.88 -13.13 -7.05
C HIS D 527 50.53 -14.48 -6.73
N ASN D 528 51.11 -14.62 -5.55
CA ASN D 528 51.80 -15.85 -5.17
C ASN D 528 51.25 -16.46 -3.89
N THR D 529 50.02 -16.09 -3.50
CA THR D 529 49.44 -16.55 -2.24
C THR D 529 48.09 -17.21 -2.50
N PHE D 530 47.91 -18.40 -1.91
CA PHE D 530 46.61 -19.07 -1.94
C PHE D 530 46.11 -19.08 -0.50
N ARG D 531 44.87 -18.66 -0.31
CA ARG D 531 44.29 -18.58 1.03
C ARG D 531 43.44 -19.81 1.32
N ILE D 532 43.23 -20.06 2.60
CA ILE D 532 42.36 -21.13 3.07
C ILE D 532 41.19 -20.49 3.81
N ALA D 533 39.98 -20.85 3.40
CA ALA D 533 38.77 -20.31 4.00
C ALA D 533 38.00 -21.44 4.67
N MET D 534 37.50 -21.17 5.87
CA MET D 534 36.80 -22.17 6.68
C MET D 534 35.46 -21.63 7.13
N CYS D 535 34.55 -22.53 7.43
CA CYS D 535 33.23 -22.21 7.92
C CYS D 535 32.98 -22.98 9.22
N ALA D 536 31.72 -22.96 9.68
CA ALA D 536 31.38 -23.70 10.89
C ALA D 536 31.59 -25.19 10.70
N ASN D 537 31.24 -25.72 9.52
CA ASN D 537 31.47 -27.13 9.22
C ASN D 537 32.96 -27.42 9.19
N ASN D 538 33.36 -28.51 9.84
CA ASN D 538 34.76 -28.88 9.94
C ASN D 538 35.23 -29.77 8.79
N ASN D 539 34.36 -30.05 7.82
CA ASN D 539 34.74 -30.84 6.66
C ASN D 539 34.74 -30.07 5.35
N VAL D 540 34.22 -28.85 5.33
CA VAL D 540 34.14 -28.03 4.13
C VAL D 540 35.18 -26.93 4.21
N PHE D 541 36.06 -26.86 3.21
CA PHE D 541 37.14 -25.90 3.14
C PHE D 541 37.14 -25.26 1.76
N ALA D 542 37.81 -24.11 1.65
CA ALA D 542 37.88 -23.43 0.36
C ALA D 542 39.31 -22.98 0.10
N ILE D 543 39.79 -23.24 -1.11
CA ILE D 543 41.08 -22.76 -1.60
C ILE D 543 40.80 -21.50 -2.41
N VAL D 544 41.35 -20.38 -1.97
CA VAL D 544 41.18 -19.10 -2.67
C VAL D 544 42.47 -18.83 -3.43
N PHE D 545 42.42 -19.02 -4.75
CA PHE D 545 43.60 -18.86 -5.58
C PHE D 545 43.91 -17.39 -5.80
N PRO D 546 45.15 -17.07 -6.19
CA PRO D 546 45.54 -15.66 -6.36
C PRO D 546 44.65 -14.93 -7.36
N SER D 547 44.34 -13.68 -7.05
CA SER D 547 43.52 -12.84 -7.91
C SER D 547 43.70 -11.39 -7.49
N ALA D 548 43.13 -10.49 -8.28
CA ALA D 548 43.18 -9.07 -7.97
C ALA D 548 42.32 -8.75 -6.75
N ASP D 549 42.67 -7.67 -6.06
CA ASP D 549 41.92 -7.26 -4.88
C ASP D 549 40.50 -6.83 -5.25
N ILE D 550 39.60 -6.93 -4.27
CA ILE D 550 38.18 -6.71 -4.54
C ILE D 550 37.88 -5.26 -4.89
N LYS D 551 38.59 -4.32 -4.28
CA LYS D 551 38.21 -2.91 -4.38
C LYS D 551 38.25 -2.40 -5.82
N THR D 552 39.06 -3.02 -6.68
CA THR D 552 39.12 -2.57 -8.07
C THR D 552 37.87 -3.01 -8.83
N LYS D 553 37.66 -2.37 -9.98
CA LYS D 553 36.52 -2.67 -10.81
C LYS D 553 36.68 -4.02 -11.51
N LYS D 554 35.54 -4.68 -11.74
CA LYS D 554 35.49 -6.00 -12.35
C LYS D 554 36.39 -6.99 -11.62
N ALA D 555 36.41 -6.91 -10.29
CA ALA D 555 37.19 -7.85 -9.51
C ALA D 555 36.43 -9.16 -9.38
N THR D 556 37.16 -10.27 -9.48
CA THR D 556 36.57 -11.60 -9.44
C THR D 556 37.24 -12.43 -8.35
N VAL D 557 36.51 -13.44 -7.88
CA VAL D 557 36.97 -14.35 -6.84
C VAL D 557 37.10 -15.74 -7.45
N VAL D 558 38.26 -16.35 -7.27
CA VAL D 558 38.52 -17.71 -7.73
C VAL D 558 38.64 -18.60 -6.50
N TYR D 559 37.80 -19.63 -6.43
CA TYR D 559 37.79 -20.51 -5.28
C TYR D 559 37.50 -21.95 -5.71
N SER D 560 37.94 -22.88 -4.89
CA SER D 560 37.68 -24.30 -5.10
C SER D 560 37.30 -24.94 -3.78
N ILE D 561 36.24 -25.74 -3.79
CA ILE D 561 35.68 -26.32 -2.57
C ILE D 561 36.29 -27.68 -2.33
N ILE D 562 36.64 -27.97 -1.08
CA ILE D 562 37.20 -29.25 -0.68
C ILE D 562 36.32 -29.83 0.42
N VAL D 563 35.91 -31.09 0.25
CA VAL D 563 35.02 -31.75 1.20
C VAL D 563 35.63 -33.07 1.64
N LEU D 564 35.71 -33.27 2.95
CA LEU D 564 36.23 -34.50 3.53
C LEU D 564 35.05 -35.33 4.03
N HIS D 565 34.95 -36.59 3.59
CA HIS D 565 33.85 -37.44 4.03
C HIS D 565 34.34 -38.86 4.25
N LYS D 566 33.70 -39.55 5.21
CA LYS D 566 34.16 -40.87 5.61
C LYS D 566 34.05 -41.88 4.48
N GLU D 567 32.87 -41.87 3.83
CA GLU D 567 32.57 -42.86 2.77
C GLU D 567 32.38 -42.18 1.42
N GLU D 568 32.87 -42.80 0.34
CA GLU D 568 32.76 -42.22 -0.99
C GLU D 568 31.31 -42.27 -1.47
N GLU D 569 31.00 -41.37 -2.41
CA GLU D 569 29.64 -41.12 -2.90
C GLU D 569 28.66 -40.76 -1.79
N ASN D 570 29.10 -39.89 -0.87
CA ASN D 570 28.20 -39.37 0.20
C ASN D 570 28.36 -37.85 0.20
N ILE D 571 28.36 -37.24 -0.99
CA ILE D 571 28.54 -35.81 -1.14
C ILE D 571 27.40 -35.26 -1.98
N PHE D 572 27.01 -34.02 -1.69
CA PHE D 572 26.00 -33.32 -2.47
C PHE D 572 26.71 -32.64 -3.65
N ASN D 573 26.61 -33.23 -4.84
CA ASN D 573 27.30 -32.67 -6.02
C ASN D 573 26.26 -32.06 -6.96
N PRO D 574 26.06 -30.73 -6.96
CA PRO D 574 25.16 -30.09 -7.91
C PRO D 574 25.94 -29.77 -9.19
N GLY D 575 26.42 -30.80 -9.87
CA GLY D 575 27.17 -30.59 -11.12
C GLY D 575 28.35 -29.66 -10.95
N CYS D 576 29.10 -29.76 -9.87
CA CYS D 576 30.31 -28.93 -9.68
C CYS D 576 31.43 -29.72 -9.01
N LEU D 577 31.55 -31.02 -9.30
CA LEU D 577 32.60 -31.82 -8.66
C LEU D 577 33.68 -32.13 -9.68
N HIS D 578 34.92 -31.76 -9.37
CA HIS D 578 36.04 -32.08 -10.23
C HIS D 578 36.45 -33.55 -10.08
N GLY D 579 36.63 -33.99 -8.85
CA GLY D 579 37.02 -35.38 -8.64
C GLY D 579 36.98 -35.76 -7.18
N THR D 580 36.62 -37.02 -6.94
CA THR D 580 36.60 -37.62 -5.61
C THR D 580 37.77 -38.58 -5.49
N PHE D 581 38.77 -38.20 -4.70
CA PHE D 581 39.96 -39.00 -4.49
C PHE D 581 39.92 -39.65 -3.12
N LYS D 582 40.81 -40.63 -2.92
CA LYS D 582 40.89 -41.35 -1.63
C LYS D 582 42.11 -40.86 -0.87
N CYS D 583 41.92 -40.45 0.38
CA CYS D 583 43.02 -40.01 1.23
C CYS D 583 43.02 -40.84 2.50
N MET D 584 43.79 -40.44 3.50
CA MET D 584 43.76 -41.19 4.76
C MET D 584 42.38 -41.04 5.40
N ASN D 585 41.93 -42.11 6.05
CA ASN D 585 40.76 -42.07 6.92
C ASN D 585 39.46 -41.83 6.16
N GLY D 586 39.53 -41.67 4.84
CA GLY D 586 38.31 -41.44 4.08
C GLY D 586 38.59 -40.91 2.68
N TYR D 587 37.61 -40.19 2.15
CA TYR D 587 37.65 -39.70 0.78
C TYR D 587 37.60 -38.17 0.78
N ILE D 588 38.48 -37.57 0.00
CA ILE D 588 38.48 -36.13 -0.22
C ILE D 588 37.79 -35.88 -1.56
N SER D 589 37.16 -34.71 -1.68
CA SER D 589 36.48 -34.32 -2.90
C SER D 589 36.87 -32.89 -3.24
N ILE D 590 37.32 -32.69 -4.48
CA ILE D 590 37.78 -31.39 -4.95
C ILE D 590 36.85 -30.95 -6.06
N SER D 591 36.38 -29.71 -5.99
CA SER D 591 35.50 -29.16 -6.99
C SER D 591 36.30 -28.38 -8.03
N ARG D 592 35.64 -28.14 -9.17
CA ARG D 592 36.29 -27.39 -10.27
C ARG D 592 36.44 -25.95 -9.81
N ALA D 593 37.47 -25.27 -10.29
CA ALA D 593 37.70 -23.88 -9.93
C ALA D 593 36.53 -23.00 -10.40
N ILE D 594 36.10 -22.11 -9.53
CA ILE D 594 34.95 -21.24 -9.78
C ILE D 594 35.40 -19.79 -9.72
N ARG D 595 35.08 -19.04 -10.77
CA ARG D 595 35.35 -17.61 -10.85
C ARG D 595 34.01 -16.88 -10.80
N LEU D 596 33.87 -15.95 -9.86
CA LEU D 596 32.61 -15.29 -9.60
C LEU D 596 32.80 -13.79 -9.42
N ASP D 597 31.85 -13.01 -9.93
CA ASP D 597 31.86 -11.58 -9.70
C ASP D 597 31.47 -11.28 -8.26
N LYS D 598 31.66 -10.01 -7.85
CA LYS D 598 31.36 -9.63 -6.47
C LYS D 598 29.85 -9.59 -6.24
N GLU D 599 29.06 -9.25 -7.26
CA GLU D 599 27.62 -9.25 -7.12
C GLU D 599 27.08 -10.66 -6.86
N ARG D 600 27.63 -11.62 -7.59
CA ARG D 600 27.21 -13.03 -7.41
C ARG D 600 27.60 -13.49 -6.01
N CYS D 601 28.78 -13.10 -5.50
CA CYS D 601 29.17 -13.45 -4.14
C CYS D 601 28.26 -12.80 -3.12
N GLN D 602 27.84 -11.55 -3.36
CA GLN D 602 26.90 -10.90 -2.45
C GLN D 602 25.57 -11.65 -2.40
N ARG D 603 25.08 -12.08 -3.56
CA ARG D 603 23.81 -12.83 -3.60
C ARG D 603 24.00 -14.16 -2.87
N ILE D 604 25.15 -14.79 -3.06
CA ILE D 604 25.43 -16.06 -2.39
C ILE D 604 25.42 -15.89 -0.89
N VAL D 605 26.03 -14.80 -0.40
CA VAL D 605 26.03 -14.53 1.03
C VAL D 605 24.60 -14.31 1.53
N SER D 606 23.79 -13.58 0.76
CA SER D 606 22.42 -13.30 1.16
C SER D 606 21.48 -14.49 0.97
N SER D 607 21.92 -15.54 0.29
CA SER D 607 21.09 -16.67 -0.11
C SER D 607 20.30 -17.39 0.99
N PRO D 608 20.79 -17.51 2.24
CA PRO D 608 19.96 -18.17 3.26
C PRO D 608 18.61 -17.51 3.45
N GLY D 609 18.55 -16.17 3.41
CA GLY D 609 17.28 -15.49 3.53
C GLY D 609 16.35 -15.80 2.38
N LEU D 610 16.89 -15.79 1.15
CA LEU D 610 16.09 -16.13 -0.02
C LEU D 610 15.55 -17.55 0.08
N PHE D 611 16.40 -18.49 0.48
CA PHE D 611 15.97 -19.88 0.61
C PHE D 611 14.87 -20.03 1.64
N LEU D 612 15.05 -19.42 2.82
CA LEU D 612 14.04 -19.53 3.86
C LEU D 612 12.72 -18.89 3.42
N THR D 613 12.80 -17.71 2.81
CA THR D 613 11.58 -17.03 2.36
C THR D 613 10.85 -17.85 1.31
N THR D 614 11.60 -18.38 0.33
CA THR D 614 10.98 -19.16 -0.74
C THR D 614 10.32 -20.42 -0.18
N CYS D 615 11.01 -21.13 0.71
CA CYS D 615 10.44 -22.35 1.27
C CYS D 615 9.18 -22.05 2.07
N LEU D 616 9.22 -21.03 2.92
CA LEU D 616 8.06 -20.73 3.75
C LEU D 616 6.90 -20.18 2.93
N LEU D 617 7.21 -19.48 1.84
CA LEU D 617 6.15 -18.91 1.01
C LEU D 617 5.48 -19.98 0.15
N PHE D 618 6.25 -20.93 -0.39
CA PHE D 618 5.65 -22.02 -1.14
C PHE D 618 4.90 -22.98 -0.22
N LYS D 619 5.36 -23.20 1.01
CA LYS D 619 4.69 -24.21 1.87
C LYS D 619 3.56 -23.56 2.65
N HIS D 620 3.48 -22.23 2.64
CA HIS D 620 2.51 -21.55 3.48
C HIS D 620 1.09 -22.05 3.23
N ASP D 621 0.42 -22.47 4.31
CA ASP D 621 -1.00 -22.84 4.29
C ASP D 621 -1.31 -23.91 3.26
N ASN D 622 -0.43 -24.90 3.09
CA ASN D 622 -0.64 -25.97 2.12
C ASN D 622 -0.16 -27.28 2.73
N PRO D 623 -1.09 -28.13 3.21
CA PRO D 623 -0.69 -29.42 3.78
C PRO D 623 -0.41 -30.51 2.76
N THR D 624 -0.79 -30.31 1.50
CA THR D 624 -0.64 -31.35 0.48
C THR D 624 0.76 -31.38 -0.12
N LEU D 625 1.62 -30.43 0.23
CA LEU D 625 2.98 -30.37 -0.30
C LEU D 625 3.97 -31.03 0.65
N VAL D 626 4.99 -31.65 0.07
CA VAL D 626 6.08 -32.24 0.83
C VAL D 626 7.19 -31.21 0.93
N MET D 627 7.63 -30.92 2.17
CA MET D 627 8.61 -29.87 2.37
C MET D 627 9.94 -30.20 1.71
N SER D 628 10.26 -31.49 1.57
CA SER D 628 11.52 -31.87 0.94
C SER D 628 11.59 -31.41 -0.51
N ASP D 629 10.48 -31.56 -1.25
CA ASP D 629 10.46 -31.12 -2.65
C ASP D 629 10.60 -29.61 -2.74
N ILE D 630 9.91 -28.86 -1.87
CA ILE D 630 10.00 -27.41 -1.89
C ILE D 630 11.43 -26.96 -1.58
N MET D 631 12.05 -27.59 -0.58
CA MET D 631 13.43 -27.24 -0.26
C MET D 631 14.38 -27.62 -1.39
N ASN D 632 14.13 -28.74 -2.07
CA ASN D 632 14.98 -29.13 -3.19
C ASN D 632 14.89 -28.11 -4.32
N PHE D 633 13.68 -27.63 -4.62
CA PHE D 633 13.54 -26.60 -5.64
C PHE D 633 14.19 -25.29 -5.21
N SER D 634 14.02 -24.92 -3.93
CA SER D 634 14.50 -23.63 -3.46
C SER D 634 16.02 -23.59 -3.35
N ILE D 635 16.65 -24.69 -2.94
CA ILE D 635 18.14 -24.71 -2.86
C ILE D 635 18.70 -24.31 -4.23
N TYR D 636 18.19 -24.89 -5.31
CA TYR D 636 18.73 -24.60 -6.66
C TYR D 636 18.40 -23.18 -7.12
N THR D 637 17.16 -22.72 -6.95
CA THR D 637 16.74 -21.36 -7.42
C THR D 637 17.40 -20.25 -6.62
N SER D 638 17.51 -20.42 -5.30
CA SER D 638 18.12 -19.39 -4.41
C SER D 638 19.59 -19.18 -4.78
N LEU D 639 20.30 -20.23 -5.14
CA LEU D 639 21.76 -20.13 -5.44
C LEU D 639 21.98 -20.09 -6.95
N SER D 640 20.95 -19.80 -7.73
CA SER D 640 21.08 -19.67 -9.20
C SER D 640 21.61 -18.28 -9.51
N ILE D 641 22.87 -18.19 -9.94
CA ILE D 641 23.49 -16.91 -10.22
C ILE D 641 23.93 -16.87 -11.68
N THR D 642 23.21 -17.60 -12.52
CA THR D 642 23.49 -17.66 -13.95
C THR D 642 22.24 -17.31 -14.73
N LYS D 643 22.42 -16.97 -16.00
CA LYS D 643 21.29 -16.56 -16.84
C LYS D 643 20.48 -17.73 -17.36
N SER D 644 20.93 -18.96 -17.12
CA SER D 644 20.19 -20.13 -17.59
C SER D 644 18.79 -20.19 -16.98
N VAL D 645 18.68 -19.92 -15.68
CA VAL D 645 17.38 -19.87 -15.04
C VAL D 645 16.67 -18.55 -15.33
N LEU D 646 17.43 -17.50 -15.65
CA LEU D 646 16.81 -16.23 -16.05
C LEU D 646 16.02 -16.40 -17.34
N SER D 647 16.54 -17.20 -18.27
CA SER D 647 15.84 -17.43 -19.53
C SER D 647 14.58 -18.26 -19.36
N LEU D 648 14.34 -18.83 -18.19
CA LEU D 648 13.19 -19.68 -17.94
C LEU D 648 12.17 -19.08 -16.98
N THR D 649 12.62 -18.23 -16.05
CA THR D 649 11.70 -17.71 -15.05
C THR D 649 10.65 -16.79 -15.66
N GLU D 650 11.05 -15.92 -16.58
CA GLU D 650 10.14 -14.93 -17.14
C GLU D 650 9.17 -15.53 -18.15
N PRO D 651 9.62 -16.33 -19.14
CA PRO D 651 8.65 -16.88 -20.11
C PRO D 651 7.63 -17.82 -19.50
N ALA D 652 7.88 -18.35 -18.30
CA ALA D 652 6.92 -19.23 -17.66
C ALA D 652 5.60 -18.51 -17.42
N ARG D 653 5.66 -17.24 -16.99
CA ARG D 653 4.46 -16.43 -16.84
C ARG D 653 3.60 -16.50 -18.07
N TYR D 654 4.15 -16.06 -19.20
CA TYR D 654 3.36 -15.97 -20.43
C TYR D 654 2.87 -17.35 -20.87
N MET D 655 3.76 -18.35 -20.85
CA MET D 655 3.36 -19.66 -21.34
C MET D 655 2.22 -20.26 -20.52
N ILE D 656 2.39 -20.31 -19.20
CA ILE D 656 1.38 -20.95 -18.37
C ILE D 656 0.10 -20.12 -18.31
N MET D 657 0.20 -18.79 -18.26
CA MET D 657 -1.01 -17.97 -18.19
C MET D 657 -1.78 -18.02 -19.50
N ASN D 658 -1.09 -18.05 -20.64
CA ASN D 658 -1.79 -18.20 -21.91
C ASN D 658 -2.40 -19.58 -22.05
N SER D 659 -1.73 -20.60 -21.51
CA SER D 659 -2.33 -21.93 -21.49
C SER D 659 -3.60 -21.96 -20.66
N LEU D 660 -3.60 -21.25 -19.52
CA LEU D 660 -4.76 -21.25 -18.65
C LEU D 660 -5.86 -20.31 -19.13
N ALA D 661 -5.55 -19.43 -20.07
CA ALA D 661 -6.50 -18.41 -20.49
C ALA D 661 -7.51 -19.00 -21.48
N ILE D 662 -8.50 -18.18 -21.84
CA ILE D 662 -9.56 -18.60 -22.76
C ILE D 662 -9.08 -18.47 -24.19
N SER D 663 -8.65 -17.28 -24.58
CA SER D 663 -8.16 -17.01 -25.92
C SER D 663 -6.73 -16.51 -25.81
N SER D 664 -5.80 -17.23 -26.43
CA SER D 664 -4.38 -16.89 -26.35
C SER D 664 -3.63 -17.52 -27.51
N ASN D 665 -2.63 -16.80 -28.00
CA ASN D 665 -1.73 -17.32 -29.04
C ASN D 665 -0.46 -17.87 -28.38
N VAL D 666 -0.68 -18.91 -27.56
CA VAL D 666 0.44 -19.53 -26.85
C VAL D 666 1.40 -20.19 -27.83
N LYS D 667 0.86 -20.75 -28.92
CA LYS D 667 1.70 -21.39 -29.93
C LYS D 667 2.67 -20.40 -30.54
N ASP D 668 2.21 -19.18 -30.84
CA ASP D 668 3.09 -18.18 -31.42
C ASP D 668 4.19 -17.78 -30.43
N TYR D 669 3.85 -17.62 -29.16
CA TYR D 669 4.86 -17.26 -28.17
C TYR D 669 5.91 -18.36 -28.04
N ILE D 670 5.47 -19.61 -27.97
CA ILE D 670 6.43 -20.72 -27.84
C ILE D 670 7.31 -20.80 -29.08
N ALA D 671 6.72 -20.65 -30.26
CA ALA D 671 7.48 -20.82 -31.50
C ALA D 671 8.48 -19.70 -31.70
N GLU D 672 8.07 -18.45 -31.46
CA GLU D 672 8.87 -17.32 -31.89
C GLU D 672 9.60 -16.60 -30.76
N LYS D 673 9.13 -16.70 -29.52
CA LYS D 673 9.74 -15.95 -28.42
C LYS D 673 10.37 -16.82 -27.35
N PHE D 674 9.77 -17.95 -27.01
CA PHE D 674 10.33 -18.81 -25.97
C PHE D 674 11.67 -19.36 -26.44
N SER D 675 12.74 -18.95 -25.77
CA SER D 675 14.10 -19.35 -26.13
C SER D 675 14.82 -19.85 -24.89
N PRO D 676 14.62 -21.11 -24.53
CA PRO D 676 15.29 -21.66 -23.34
C PRO D 676 16.80 -21.67 -23.53
N TYR D 677 17.52 -21.46 -22.43
CA TYR D 677 18.98 -21.40 -22.41
C TYR D 677 19.42 -22.34 -21.29
N THR D 678 19.55 -23.63 -21.61
CA THR D 678 19.76 -24.67 -20.61
C THR D 678 21.22 -25.09 -20.64
N LYS D 679 22.05 -24.41 -19.84
CA LYS D 679 23.44 -24.79 -19.65
C LYS D 679 23.65 -25.69 -18.44
N THR D 680 22.64 -25.88 -17.61
CA THR D 680 22.75 -26.66 -16.39
C THR D 680 21.65 -27.71 -16.34
N LEU D 681 21.90 -28.77 -15.57
CA LEU D 681 20.90 -29.83 -15.43
C LEU D 681 19.63 -29.32 -14.73
N PHE D 682 19.78 -28.38 -13.81
CA PHE D 682 18.60 -27.79 -13.18
C PHE D 682 17.75 -27.05 -14.20
N SER D 683 18.39 -26.38 -15.16
CA SER D 683 17.65 -25.72 -16.22
C SER D 683 16.88 -26.73 -17.06
N VAL D 684 17.49 -27.89 -17.34
CA VAL D 684 16.81 -28.94 -18.09
C VAL D 684 15.61 -29.46 -17.32
N TYR D 685 15.77 -29.65 -16.01
CA TYR D 685 14.66 -30.12 -15.17
C TYR D 685 13.53 -29.09 -15.15
N MET D 686 13.86 -27.81 -14.98
CA MET D 686 12.84 -26.77 -14.93
C MET D 686 12.15 -26.59 -16.27
N THR D 687 12.87 -26.81 -17.38
CA THR D 687 12.23 -26.76 -18.69
C THR D 687 11.17 -27.83 -18.82
N ARG D 688 11.47 -29.06 -18.39
CA ARG D 688 10.47 -30.12 -18.41
C ARG D 688 9.31 -29.79 -17.48
N LEU D 689 9.60 -29.18 -16.33
CA LEU D 689 8.54 -28.77 -15.43
C LEU D 689 7.60 -27.77 -16.10
N ILE D 690 8.16 -26.79 -16.80
CA ILE D 690 7.34 -25.80 -17.51
C ILE D 690 6.54 -26.46 -18.63
N LYS D 691 7.18 -27.37 -19.37
CA LYS D 691 6.50 -28.04 -20.47
C LYS D 691 5.30 -28.84 -19.96
N ASN D 692 5.48 -29.57 -18.85
CA ASN D 692 4.36 -30.30 -18.27
C ASN D 692 3.31 -29.34 -17.73
N ALA D 693 3.74 -28.24 -17.12
CA ALA D 693 2.80 -27.30 -16.51
C ALA D 693 1.93 -26.64 -17.57
N CYS D 694 2.45 -26.44 -18.78
CA CYS D 694 1.62 -25.87 -19.84
C CYS D 694 0.43 -26.78 -20.16
N PHE D 695 0.70 -28.06 -20.38
CA PHE D 695 -0.36 -29.02 -20.68
C PHE D 695 -1.33 -29.12 -19.50
N ASP D 696 -0.80 -29.21 -18.28
CA ASP D 696 -1.68 -29.31 -17.11
C ASP D 696 -2.54 -28.07 -16.95
N ALA D 697 -1.96 -26.89 -17.17
CA ALA D 697 -2.73 -25.65 -17.07
C ALA D 697 -3.83 -25.60 -18.11
N TYR D 698 -3.56 -26.09 -19.32
CA TYR D 698 -4.64 -26.24 -20.29
C TYR D 698 -5.72 -27.18 -19.77
N ASP D 699 -5.30 -28.27 -19.11
CA ASP D 699 -6.25 -29.28 -18.66
C ASP D 699 -7.11 -28.82 -17.49
N GLN D 700 -6.65 -27.85 -16.71
CA GLN D 700 -7.34 -27.50 -15.46
C GLN D 700 -7.88 -26.07 -15.44
N ARG D 701 -8.13 -25.46 -16.59
CA ARG D 701 -8.68 -24.11 -16.58
C ARG D 701 -10.16 -24.11 -16.20
N GLN D 702 -10.81 -25.26 -16.12
CA GLN D 702 -12.21 -25.35 -15.72
C GLN D 702 -12.37 -25.59 -14.22
N ARG D 703 -11.27 -25.67 -13.46
CA ARG D 703 -11.33 -25.90 -12.03
C ARG D 703 -11.29 -24.60 -11.23
N VAL D 704 -11.52 -23.47 -11.87
CA VAL D 704 -11.54 -22.17 -11.20
C VAL D 704 -12.99 -21.79 -10.96
N GLN D 705 -13.37 -21.66 -9.70
CA GLN D 705 -14.73 -21.32 -9.30
C GLN D 705 -14.74 -19.99 -8.55
N LEU D 706 -15.93 -19.47 -8.32
CA LEU D 706 -16.11 -18.16 -7.71
C LEU D 706 -16.82 -18.31 -6.37
N ARG D 707 -16.38 -17.53 -5.39
CA ARG D 707 -17.06 -17.49 -4.11
C ARG D 707 -18.45 -16.89 -4.28
N ASP D 708 -19.38 -17.31 -3.42
CA ASP D 708 -20.71 -16.75 -3.43
C ASP D 708 -20.67 -15.28 -3.04
N ILE D 709 -21.05 -14.40 -3.97
CA ILE D 709 -21.01 -12.97 -3.74
C ILE D 709 -22.11 -12.59 -2.77
N TYR D 710 -21.76 -11.92 -1.68
CA TYR D 710 -22.73 -11.46 -0.69
C TYR D 710 -23.01 -9.99 -0.97
N LEU D 711 -23.94 -9.71 -1.88
CA LEU D 711 -24.25 -8.31 -2.28
C LEU D 711 -25.04 -7.62 -1.17
N SER D 712 -24.38 -6.79 -0.37
CA SER D 712 -25.09 -6.00 0.67
C SER D 712 -26.02 -4.97 0.01
N ASP D 713 -25.66 -4.45 -1.17
CA ASP D 713 -26.44 -3.40 -1.91
C ASP D 713 -25.88 -2.03 -1.52
N TYR D 714 -25.04 -1.97 -0.49
CA TYR D 714 -24.34 -0.72 -0.14
C TYR D 714 -22.86 -0.98 -0.40
N ASP D 715 -22.50 -2.27 -0.52
CA ASP D 715 -21.09 -2.68 -0.74
C ASP D 715 -21.09 -4.16 -1.10
N ILE D 716 -19.94 -4.74 -1.40
CA ILE D 716 -19.83 -6.16 -1.73
C ILE D 716 -18.84 -6.81 -0.78
N THR D 717 -19.28 -7.85 -0.07
CA THR D 717 -18.44 -8.63 0.81
C THR D 717 -18.50 -10.10 0.40
N GLN D 718 -17.52 -10.86 0.86
CA GLN D 718 -17.35 -12.27 0.50
C GLN D 718 -17.32 -12.43 -1.02
N LYS D 719 -16.27 -11.87 -1.60
CA LYS D 719 -16.08 -11.84 -3.04
C LYS D 719 -14.73 -12.46 -3.40
N GLY D 720 -14.62 -12.95 -4.62
CA GLY D 720 -13.36 -13.45 -5.11
C GLY D 720 -13.51 -14.83 -5.71
N ILE D 721 -12.44 -15.61 -5.60
CA ILE D 721 -12.35 -16.94 -6.20
C ILE D 721 -12.17 -17.95 -5.07
N LYS D 722 -12.89 -19.07 -5.15
CA LYS D 722 -12.91 -20.05 -4.08
C LYS D 722 -11.51 -20.59 -3.82
N ASP D 723 -11.28 -21.01 -2.57
CA ASP D 723 -9.96 -21.57 -2.15
C ASP D 723 -10.05 -23.09 -2.08
N ASN D 724 -10.05 -23.76 -3.22
CA ASN D 724 -10.12 -25.22 -3.31
C ASN D 724 -8.81 -25.74 -3.90
N ARG D 725 -8.18 -26.67 -3.19
CA ARG D 725 -6.87 -27.21 -3.63
C ARG D 725 -7.10 -28.29 -4.69
N GLU D 726 -7.43 -27.89 -5.92
CA GLU D 726 -7.65 -28.81 -7.02
C GLU D 726 -6.68 -28.61 -8.18
N LEU D 727 -6.15 -27.40 -8.36
CA LEU D 727 -5.13 -27.18 -9.38
C LEU D 727 -3.84 -27.87 -9.00
N THR D 728 -3.18 -28.45 -10.01
CA THR D 728 -1.93 -29.16 -9.80
C THR D 728 -0.78 -28.17 -9.65
N SER D 729 0.13 -28.47 -8.73
CA SER D 729 1.28 -27.62 -8.53
C SER D 729 2.25 -27.76 -9.70
N ILE D 730 3.12 -26.75 -9.84
CA ILE D 730 3.98 -26.64 -11.02
C ILE D 730 5.37 -27.19 -10.77
N TRP D 731 6.08 -26.60 -9.80
CA TRP D 731 7.48 -26.92 -9.60
C TRP D 731 7.69 -28.16 -8.73
N PHE D 732 6.65 -28.67 -8.10
CA PHE D 732 6.78 -29.84 -7.22
C PHE D 732 5.43 -30.52 -7.07
N PRO D 733 5.40 -31.82 -6.77
CA PRO D 733 4.12 -32.52 -6.67
C PRO D 733 3.23 -31.97 -5.57
N GLY D 734 1.93 -32.00 -5.82
CA GLY D 734 0.96 -31.50 -4.87
C GLY D 734 -0.15 -30.69 -5.52
N SER D 735 -1.10 -30.23 -4.73
CA SER D 735 -2.21 -29.41 -5.20
C SER D 735 -2.12 -28.01 -4.62
N VAL D 736 -2.59 -27.03 -5.40
CA VAL D 736 -2.48 -25.63 -5.02
C VAL D 736 -3.79 -24.93 -5.31
N THR D 737 -4.05 -23.87 -4.54
CA THR D 737 -5.16 -22.97 -4.80
C THR D 737 -4.83 -22.06 -5.98
N LEU D 738 -5.86 -21.42 -6.55
CA LEU D 738 -5.62 -20.52 -7.68
C LEU D 738 -4.72 -19.37 -7.29
N LYS D 739 -4.89 -18.82 -6.08
CA LYS D 739 -3.95 -17.81 -5.60
C LYS D 739 -2.55 -18.38 -5.50
N GLU D 740 -2.42 -19.59 -4.94
CA GLU D 740 -1.11 -20.25 -4.89
C GLU D 740 -0.61 -20.60 -6.28
N TYR D 741 -1.52 -20.94 -7.20
CA TYR D 741 -1.11 -21.22 -8.57
C TYR D 741 -0.52 -19.98 -9.24
N LEU D 742 -1.18 -18.83 -9.08
CA LEU D 742 -0.67 -17.58 -9.63
C LEU D 742 0.65 -17.20 -8.97
N THR D 743 0.77 -17.43 -7.65
CA THR D 743 2.03 -17.18 -6.98
C THR D 743 3.15 -18.03 -7.56
N GLN D 744 2.89 -19.32 -7.78
CA GLN D 744 3.89 -20.20 -8.35
C GLN D 744 4.24 -19.80 -9.78
N ILE D 745 3.28 -19.23 -10.51
CA ILE D 745 3.55 -18.78 -11.87
C ILE D 745 4.43 -17.53 -11.86
N TYR D 746 4.14 -16.58 -10.97
CA TYR D 746 4.70 -15.24 -11.09
C TYR D 746 5.89 -14.97 -10.19
N LEU D 747 6.02 -15.66 -9.06
CA LEU D 747 7.17 -15.44 -8.17
C LEU D 747 8.51 -15.77 -8.81
N PRO D 748 8.68 -16.90 -9.56
CA PRO D 748 10.00 -17.23 -10.10
C PRO D 748 10.71 -16.08 -10.82
N PHE D 749 9.95 -15.16 -11.41
CA PHE D 749 10.57 -14.01 -12.06
C PHE D 749 11.43 -13.22 -11.09
N TYR D 750 11.04 -13.16 -9.83
CA TYR D 750 11.76 -12.38 -8.84
C TYR D 750 12.93 -13.15 -8.23
N PHE D 751 13.11 -14.42 -8.58
CA PHE D 751 14.30 -15.17 -8.20
C PHE D 751 15.53 -14.72 -8.96
N ASN D 752 15.37 -13.94 -10.02
CA ASN D 752 16.49 -13.51 -10.84
C ASN D 752 17.35 -12.50 -10.09
N ALA D 753 18.59 -12.35 -10.56
CA ALA D 753 19.54 -11.41 -9.98
C ALA D 753 19.79 -10.28 -10.96
N LYS D 754 19.67 -9.05 -10.46
CA LYS D 754 19.98 -7.89 -11.28
C LYS D 754 21.49 -7.76 -11.47
N GLY D 755 21.87 -7.22 -12.63
CA GLY D 755 23.28 -7.04 -12.92
C GLY D 755 24.01 -8.31 -13.31
N LEU D 756 23.29 -9.34 -13.76
CA LEU D 756 23.91 -10.55 -14.27
C LEU D 756 24.43 -10.41 -15.69
N HIS D 757 24.00 -9.37 -16.39
CA HIS D 757 24.42 -9.17 -17.77
C HIS D 757 25.87 -8.70 -17.84
N GLU D 758 26.46 -8.82 -19.03
CA GLU D 758 27.76 -8.26 -19.33
C GLU D 758 27.59 -7.14 -20.34
N LYS D 759 28.26 -6.01 -20.09
CA LYS D 759 28.08 -4.85 -20.96
C LYS D 759 28.51 -5.16 -22.38
N HIS D 760 29.60 -5.89 -22.54
CA HIS D 760 30.21 -6.18 -23.84
C HIS D 760 29.21 -6.77 -24.82
N HIS D 761 28.30 -7.62 -24.33
CA HIS D 761 27.35 -8.29 -25.21
C HIS D 761 26.01 -7.55 -25.29
N VAL D 762 25.53 -7.01 -24.17
CA VAL D 762 24.24 -6.34 -24.19
C VAL D 762 24.30 -5.05 -25.00
N MET D 763 25.44 -4.35 -24.99
CA MET D 763 25.57 -3.16 -25.83
C MET D 763 25.34 -3.52 -27.29
N VAL D 764 25.99 -4.58 -27.75
CA VAL D 764 25.86 -5.01 -29.14
C VAL D 764 24.44 -5.48 -29.43
N ASP D 765 23.82 -6.20 -28.49
CA ASP D 765 22.47 -6.71 -28.74
C ASP D 765 21.47 -5.56 -28.85
N LEU D 766 21.55 -4.57 -27.96
CA LEU D 766 20.63 -3.44 -28.01
C LEU D 766 20.87 -2.61 -29.27
N ALA D 767 22.14 -2.38 -29.64
CA ALA D 767 22.41 -1.67 -30.88
C ALA D 767 21.85 -2.43 -32.07
N LYS D 768 22.00 -3.75 -32.08
CA LYS D 768 21.49 -4.56 -33.18
C LYS D 768 19.98 -4.42 -33.30
N THR D 769 19.25 -4.53 -32.19
CA THR D 769 17.79 -4.48 -32.29
C THR D 769 17.32 -3.09 -32.69
N ILE D 770 17.94 -2.04 -32.15
CA ILE D 770 17.54 -0.68 -32.52
C ILE D 770 17.78 -0.43 -34.01
N LEU D 771 18.98 -0.79 -34.49
CA LEU D 771 19.29 -0.54 -35.89
C LEU D 771 18.48 -1.44 -36.82
N GLU D 772 18.13 -2.63 -36.36
CA GLU D 772 17.28 -3.51 -37.16
C GLU D 772 15.90 -2.90 -37.34
N ILE D 773 15.31 -2.41 -36.25
CA ILE D 773 14.00 -1.77 -36.34
C ILE D 773 14.07 -0.55 -37.25
N GLU D 774 15.12 0.26 -37.10
CA GLU D 774 15.26 1.45 -37.92
C GLU D 774 15.42 1.09 -39.40
N CYS D 775 16.20 0.05 -39.69
CA CYS D 775 16.38 -0.37 -41.08
C CYS D 775 15.09 -0.90 -41.68
N GLU D 776 14.32 -1.67 -40.92
CA GLU D 776 13.03 -2.14 -41.42
C GLU D 776 12.11 -0.98 -41.70
N GLN D 777 12.09 0.03 -40.82
CA GLN D 777 11.25 1.20 -41.05
C GLN D 777 11.72 1.95 -42.29
N ARG D 778 13.03 2.07 -42.48
CA ARG D 778 13.56 2.76 -43.66
C ARG D 778 13.16 2.04 -44.95
N GLU D 779 13.25 0.71 -44.95
CA GLU D 779 13.08 -0.04 -46.19
C GLU D 779 11.62 -0.28 -46.52
N ASN D 780 10.86 -0.84 -45.58
CA ASN D 780 9.51 -1.33 -45.88
C ASN D 780 8.44 -0.26 -45.69
N ILE D 781 8.44 0.44 -44.56
CA ILE D 781 7.36 1.37 -44.25
C ILE D 781 7.47 2.61 -45.12
N LYS D 782 6.47 2.84 -45.99
CA LYS D 782 6.46 3.99 -46.87
C LYS D 782 5.22 4.86 -46.71
N GLU D 783 4.11 4.31 -46.23
CA GLU D 783 2.84 5.02 -46.16
C GLU D 783 2.50 5.33 -44.71
N ILE D 784 1.97 6.52 -44.48
CA ILE D 784 1.63 7.00 -43.15
C ILE D 784 0.15 6.77 -42.82
N TRP D 785 -0.73 7.02 -43.78
CA TRP D 785 -2.17 6.89 -43.57
C TRP D 785 -2.74 5.80 -44.46
N SER D 786 -3.55 4.92 -43.88
CA SER D 786 -4.26 3.89 -44.63
C SER D 786 -5.65 3.70 -44.04
N THR D 787 -6.38 2.75 -44.61
CA THR D 787 -7.76 2.49 -44.19
C THR D 787 -7.95 1.02 -43.83
N ASN D 788 -7.14 0.15 -44.42
CA ASN D 788 -7.27 -1.30 -44.23
C ASN D 788 -6.37 -1.84 -43.13
N CYS D 789 -5.96 -0.98 -42.18
CA CYS D 789 -5.28 -1.41 -40.96
C CYS D 789 -3.94 -2.09 -41.23
N THR D 790 -3.14 -1.49 -42.11
CA THR D 790 -1.77 -1.96 -42.29
C THR D 790 -0.93 -1.61 -41.07
N LYS D 791 0.09 -2.42 -40.82
CA LYS D 791 0.93 -2.23 -39.65
C LYS D 791 1.74 -0.94 -39.76
N GLN D 792 1.97 -0.29 -38.62
CA GLN D 792 2.68 0.99 -38.54
C GLN D 792 1.99 2.05 -39.39
N THR D 793 0.66 2.04 -39.39
CA THR D 793 -0.12 3.00 -40.18
C THR D 793 -1.35 3.40 -39.38
N VAL D 794 -1.82 4.62 -39.63
CA VAL D 794 -2.89 5.24 -38.86
C VAL D 794 -4.04 5.59 -39.80
N ASN D 795 -5.27 5.27 -39.40
CA ASN D 795 -6.45 5.70 -40.13
C ASN D 795 -6.71 7.16 -39.80
N LEU D 796 -6.62 8.03 -40.81
CA LEU D 796 -6.58 9.46 -40.57
C LEU D 796 -7.92 9.97 -40.03
N LYS D 797 -9.03 9.64 -40.69
CA LYS D 797 -10.31 10.22 -40.32
C LYS D 797 -10.72 9.81 -38.91
N ILE D 798 -10.58 8.52 -38.60
CA ILE D 798 -10.94 8.03 -37.27
C ILE D 798 -10.07 8.68 -36.21
N LEU D 799 -8.77 8.80 -36.48
CA LEU D 799 -7.87 9.46 -35.55
C LEU D 799 -8.31 10.89 -35.28
N ILE D 800 -8.57 11.66 -36.34
CA ILE D 800 -8.95 13.06 -36.16
C ILE D 800 -10.26 13.19 -35.40
N HIS D 801 -11.25 12.37 -35.75
CA HIS D 801 -12.54 12.49 -35.10
C HIS D 801 -12.46 12.10 -33.63
N SER D 802 -11.74 11.01 -33.32
CA SER D 802 -11.60 10.61 -31.93
C SER D 802 -10.82 11.63 -31.12
N LEU D 803 -9.78 12.21 -31.71
CA LEU D 803 -9.04 13.27 -31.02
C LEU D 803 -9.92 14.46 -30.76
N CYS D 804 -10.75 14.84 -31.74
CA CYS D 804 -11.67 15.96 -31.55
C CYS D 804 -12.62 15.70 -30.39
N LYS D 805 -13.25 14.52 -30.39
CA LYS D 805 -14.20 14.20 -29.32
C LYS D 805 -13.51 14.20 -27.95
N ASN D 806 -12.36 13.54 -27.84
CA ASN D 806 -11.70 13.41 -26.56
C ASN D 806 -11.20 14.76 -26.05
N LEU D 807 -10.62 15.57 -26.94
CA LEU D 807 -10.16 16.89 -26.54
C LEU D 807 -11.32 17.77 -26.11
N LEU D 808 -12.43 17.73 -26.87
CA LEU D 808 -13.60 18.50 -26.48
C LEU D 808 -14.08 18.11 -25.08
N ALA D 809 -14.24 16.81 -24.83
CA ALA D 809 -14.71 16.38 -23.52
C ALA D 809 -13.75 16.80 -22.42
N ASP D 810 -12.45 16.58 -22.62
CA ASP D 810 -11.48 16.86 -21.57
C ASP D 810 -11.40 18.35 -21.25
N THR D 811 -11.34 19.21 -22.28
CA THR D 811 -11.24 20.63 -21.99
C THR D 811 -12.58 21.21 -21.55
N SER D 812 -13.68 20.50 -21.81
CA SER D 812 -14.96 20.91 -21.26
C SER D 812 -15.06 20.55 -19.78
N ARG D 813 -14.36 19.50 -19.37
CA ARG D 813 -14.40 19.09 -17.96
C ARG D 813 -13.83 20.17 -17.05
N HIS D 814 -12.72 20.80 -17.46
CA HIS D 814 -12.05 21.81 -16.65
C HIS D 814 -11.88 23.08 -17.47
N ASN D 815 -12.40 24.20 -16.96
CA ASN D 815 -12.30 25.46 -17.70
C ASN D 815 -10.92 26.09 -17.58
N HIS D 816 -10.25 25.91 -16.45
CA HIS D 816 -8.99 26.59 -16.15
C HIS D 816 -7.80 25.66 -16.36
N LEU D 817 -7.87 24.84 -17.42
CA LEU D 817 -6.82 23.84 -17.65
C LEU D 817 -5.46 24.49 -17.86
N ARG D 818 -5.39 25.59 -18.60
CA ARG D 818 -4.11 26.25 -18.84
C ARG D 818 -3.49 26.74 -17.55
N ASN D 819 -4.29 27.33 -16.66
CA ASN D 819 -3.78 27.77 -15.38
C ASN D 819 -3.30 26.61 -14.53
N ARG D 820 -4.02 25.48 -14.57
CA ARG D 820 -3.58 24.30 -13.83
C ARG D 820 -2.25 23.77 -14.37
N ILE D 821 -2.08 23.78 -15.70
CA ILE D 821 -0.81 23.37 -16.29
C ILE D 821 0.30 24.29 -15.81
N GLU D 822 0.05 25.60 -15.84
CA GLU D 822 1.09 26.56 -15.47
C GLU D 822 1.46 26.44 -13.99
N ASN D 823 0.45 26.34 -13.14
CA ASN D 823 0.70 26.37 -11.68
C ASN D 823 1.45 25.12 -11.25
N ARG D 824 0.86 23.95 -11.44
CA ARG D 824 1.43 22.67 -10.93
C ARG D 824 2.79 22.32 -11.54
N ASN D 825 3.02 22.54 -12.83
CA ASN D 825 4.29 22.11 -13.47
C ASN D 825 5.32 23.23 -13.32
N ASN D 826 4.99 24.25 -12.55
CA ASN D 826 5.91 25.37 -12.25
C ASN D 826 6.35 26.08 -13.51
N PHE D 827 5.44 26.39 -14.43
CA PHE D 827 5.77 27.02 -15.71
C PHE D 827 6.18 28.47 -15.55
N ARG D 828 5.52 29.21 -14.66
CA ARG D 828 5.81 30.61 -14.45
C ARG D 828 6.97 30.85 -13.50
N ARG D 829 7.43 29.81 -12.79
CA ARG D 829 8.51 29.98 -11.83
C ARG D 829 9.85 29.65 -12.48
N SER D 830 10.93 29.89 -11.73
CA SER D 830 12.27 29.72 -12.25
C SER D 830 12.56 28.26 -12.54
N ILE D 831 13.52 28.04 -13.44
CA ILE D 831 13.91 26.68 -13.81
C ILE D 831 14.57 25.96 -12.65
N THR D 832 15.18 26.71 -11.73
CA THR D 832 15.89 26.10 -10.60
C THR D 832 14.94 25.51 -9.55
N THR D 833 13.64 25.76 -9.67
CA THR D 833 12.66 25.26 -8.70
C THR D 833 12.02 23.95 -9.14
N ILE D 834 12.48 23.36 -10.23
CA ILE D 834 11.91 22.12 -10.77
C ILE D 834 12.85 20.98 -10.42
N SER D 835 12.31 19.92 -9.82
CA SER D 835 13.12 18.82 -9.34
C SER D 835 13.82 18.06 -10.46
N THR D 836 13.16 17.87 -11.60
CA THR D 836 13.75 17.09 -12.68
C THR D 836 14.86 17.82 -13.42
N PHE D 837 14.95 19.14 -13.27
CA PHE D 837 16.01 19.93 -13.89
C PHE D 837 17.18 20.20 -12.95
N THR D 838 17.10 19.76 -11.70
CA THR D 838 18.15 20.01 -10.72
C THR D 838 18.63 18.72 -10.05
N SER D 839 18.32 17.56 -10.64
CA SER D 839 18.70 16.28 -10.06
C SER D 839 20.17 16.00 -10.39
N SER D 840 20.66 14.83 -9.95
CA SER D 840 22.02 14.41 -10.23
C SER D 840 22.05 13.19 -11.15
N LYS D 841 21.04 13.05 -12.00
CA LYS D 841 21.03 11.99 -12.99
C LYS D 841 21.79 12.44 -14.23
N SER D 842 22.08 11.48 -15.10
CA SER D 842 22.97 11.73 -16.23
C SER D 842 22.24 12.44 -17.37
N CYS D 843 22.99 13.28 -18.07
CA CYS D 843 22.53 13.97 -19.26
C CYS D 843 23.71 14.16 -20.20
N LEU D 844 23.40 14.47 -21.46
CA LEU D 844 24.38 14.44 -22.53
C LEU D 844 24.86 15.85 -22.87
N LYS D 845 26.14 15.96 -23.21
CA LYS D 845 26.73 17.20 -23.68
C LYS D 845 27.42 16.93 -25.01
N ILE D 846 27.23 17.83 -25.97
CA ILE D 846 27.84 17.73 -27.29
C ILE D 846 28.84 18.87 -27.45
N GLY D 847 30.06 18.54 -27.84
CA GLY D 847 31.08 19.54 -28.04
C GLY D 847 32.46 18.89 -28.09
N ASP D 848 33.46 19.73 -28.32
CA ASP D 848 34.85 19.28 -28.44
C ASP D 848 35.40 19.05 -27.03
N PHE D 849 35.09 17.89 -26.47
CA PHE D 849 35.50 17.54 -25.11
C PHE D 849 36.58 16.47 -25.11
N ARG D 850 37.49 16.53 -26.08
CA ARG D 850 38.53 15.50 -26.18
C ARG D 850 39.51 15.58 -25.02
N LYS D 851 39.75 16.80 -24.51
CA LYS D 851 40.74 16.97 -23.45
C LYS D 851 40.35 16.22 -22.18
N GLU D 852 39.07 16.31 -21.79
CA GLU D 852 38.64 15.69 -20.55
C GLU D 852 38.57 14.17 -20.66
N LYS D 853 38.13 13.67 -21.82
CA LYS D 853 37.96 12.23 -21.98
C LYS D 853 39.29 11.50 -22.03
N GLU D 854 40.32 12.15 -22.59
CA GLU D 854 41.64 11.55 -22.67
C GLU D 854 42.27 11.39 -21.29
N ASN D 892 40.86 2.82 -26.71
CA ASN D 892 41.45 4.14 -26.45
C ASN D 892 40.74 5.22 -27.25
N TYR D 893 40.49 6.35 -26.60
CA TYR D 893 39.76 7.44 -27.26
C TYR D 893 40.58 8.05 -28.38
N GLU D 894 41.90 8.11 -28.23
CA GLU D 894 42.75 8.72 -29.24
C GLU D 894 42.66 7.97 -30.56
N MET D 895 42.76 6.63 -30.51
CA MET D 895 42.66 5.82 -31.72
C MET D 895 41.27 5.96 -32.34
N LEU D 896 40.24 6.00 -31.52
CA LEU D 896 38.87 6.14 -32.02
C LEU D 896 38.70 7.46 -32.76
N ARG D 897 39.23 8.55 -32.18
CA ARG D 897 39.15 9.85 -32.85
C ARG D 897 39.96 9.86 -34.14
N ASN D 898 41.13 9.22 -34.14
CA ASN D 898 41.97 9.21 -35.33
C ASN D 898 41.40 8.34 -36.44
N ALA D 899 40.60 7.34 -36.11
CA ALA D 899 40.07 6.42 -37.10
C ALA D 899 38.65 6.74 -37.55
N MET D 900 37.99 7.71 -36.93
CA MET D 900 36.63 8.07 -37.32
C MET D 900 36.57 9.53 -37.75
N PRO D 901 36.46 9.82 -39.05
CA PRO D 901 36.31 11.21 -39.49
C PRO D 901 35.02 11.85 -39.00
N ASN D 902 33.88 11.19 -39.23
CA ASN D 902 32.58 11.72 -38.83
C ASN D 902 32.23 11.31 -37.40
N TYR D 903 33.13 11.57 -36.47
CA TYR D 903 32.92 11.24 -35.07
C TYR D 903 32.38 12.45 -34.33
N THR D 904 31.19 12.31 -33.76
CA THR D 904 30.56 13.36 -32.98
C THR D 904 30.96 13.18 -31.51
N ASP D 905 31.82 14.08 -31.03
CA ASP D 905 32.30 14.00 -29.66
C ASP D 905 31.15 14.30 -28.69
N TYR D 906 31.05 13.50 -27.64
CA TYR D 906 29.99 13.64 -26.64
C TYR D 906 30.57 13.32 -25.27
N ILE D 907 29.90 13.80 -24.23
CA ILE D 907 30.29 13.49 -22.86
C ILE D 907 29.02 13.38 -22.02
N SER D 908 29.13 12.74 -20.86
CA SER D 908 28.02 12.59 -19.94
C SER D 908 28.31 13.37 -18.66
N THR D 909 27.27 14.03 -18.13
CA THR D 909 27.44 14.84 -16.94
C THR D 909 26.18 14.74 -16.09
N LYS D 910 26.20 15.39 -14.93
CA LYS D 910 25.02 15.41 -14.08
C LYS D 910 24.09 16.55 -14.49
N VAL D 911 22.80 16.36 -14.21
CA VAL D 911 21.80 17.35 -14.61
C VAL D 911 22.03 18.66 -13.88
N PHE D 912 22.29 18.59 -12.57
CA PHE D 912 22.50 19.81 -11.81
C PHE D 912 23.76 20.56 -12.28
N ASP D 913 24.81 19.81 -12.60
CA ASP D 913 26.02 20.44 -13.11
C ASP D 913 25.78 21.06 -14.48
N ARG D 914 24.98 20.39 -15.32
CA ARG D 914 24.64 20.97 -16.62
C ARG D 914 23.85 22.26 -16.46
N LEU D 915 22.89 22.29 -15.54
CA LEU D 915 22.15 23.52 -15.28
C LEU D 915 23.07 24.61 -14.75
N TYR D 916 24.00 24.25 -13.86
CA TYR D 916 24.95 25.22 -13.34
C TYR D 916 25.79 25.81 -14.48
N GLU D 917 26.27 24.96 -15.38
CA GLU D 917 27.08 25.44 -16.50
C GLU D 917 26.26 26.34 -17.42
N LEU D 918 25.02 25.96 -17.71
CA LEU D 918 24.19 26.78 -18.60
C LEU D 918 23.88 28.13 -17.97
N LEU D 919 23.57 28.15 -16.67
CA LEU D 919 23.28 29.41 -16.00
C LEU D 919 24.52 30.28 -15.89
N ASP D 920 25.68 29.67 -15.64
CA ASP D 920 26.90 30.45 -15.47
C ASP D 920 27.40 31.05 -16.77
N LYS D 921 27.03 30.47 -17.92
CA LYS D 921 27.41 31.00 -19.22
C LYS D 921 26.33 31.88 -19.82
N LYS D 922 25.31 32.24 -19.04
CA LYS D 922 24.21 33.13 -19.43
C LYS D 922 23.35 32.54 -20.55
N VAL D 923 23.50 31.25 -20.85
CA VAL D 923 22.58 30.61 -21.79
C VAL D 923 21.17 30.57 -21.21
N LEU D 924 21.05 30.25 -19.93
CA LEU D 924 19.79 30.22 -19.22
C LEU D 924 19.77 31.31 -18.15
N THR D 925 18.57 31.80 -17.85
CA THR D 925 18.43 32.91 -16.88
C THR D 925 17.37 32.54 -15.84
N ASP D 926 17.06 33.44 -14.92
CA ASP D 926 16.07 33.17 -13.86
C ASP D 926 14.69 33.65 -14.32
N LYS D 927 14.49 33.82 -15.63
CA LYS D 927 13.20 34.18 -16.16
C LYS D 927 12.24 33.01 -15.98
N PRO D 928 10.94 33.19 -16.23
CA PRO D 928 10.02 32.05 -16.21
C PRO D 928 10.50 30.94 -17.13
N VAL D 929 10.38 29.70 -16.66
CA VAL D 929 10.98 28.57 -17.35
C VAL D 929 10.28 28.31 -18.68
N ILE D 930 8.99 28.59 -18.75
CA ILE D 930 8.23 28.25 -19.96
C ILE D 930 8.70 29.09 -21.15
N GLU D 931 9.03 30.36 -20.91
CA GLU D 931 9.52 31.20 -21.99
C GLU D 931 10.85 30.71 -22.52
N GLN D 932 11.75 30.31 -21.62
CA GLN D 932 13.03 29.76 -22.05
C GLN D 932 12.84 28.44 -22.80
N ILE D 933 11.90 27.61 -22.34
CA ILE D 933 11.61 26.37 -23.05
C ILE D 933 11.12 26.66 -24.47
N MET D 934 10.22 27.62 -24.61
CA MET D 934 9.69 27.95 -25.93
C MET D 934 10.78 28.52 -26.83
N ASP D 935 11.67 29.35 -26.27
CA ASP D 935 12.78 29.87 -27.06
C ASP D 935 13.72 28.75 -27.50
N MET D 936 13.99 27.80 -26.61
CA MET D 936 14.90 26.71 -26.94
C MET D 936 14.26 25.73 -27.92
N MET D 937 12.92 25.69 -27.96
CA MET D 937 12.24 24.86 -28.94
C MET D 937 12.57 25.29 -30.37
N ILE D 938 13.00 26.53 -30.55
CA ILE D 938 13.47 27.01 -31.85
C ILE D 938 14.99 27.04 -31.93
N ASP D 939 15.65 27.56 -30.89
CA ASP D 939 17.09 27.72 -30.93
C ASP D 939 17.84 26.40 -30.97
N HIS D 940 17.23 25.32 -30.49
CA HIS D 940 17.87 24.00 -30.48
C HIS D 940 17.30 23.19 -31.64
N LYS D 941 18.12 22.97 -32.66
CA LYS D 941 17.66 22.36 -33.90
C LYS D 941 17.93 20.87 -33.99
N LYS D 942 19.10 20.40 -33.55
CA LYS D 942 19.50 19.01 -33.70
C LYS D 942 19.56 18.35 -32.33
N PHE D 943 18.90 17.21 -32.18
CA PHE D 943 18.82 16.48 -30.93
C PHE D 943 19.68 15.23 -31.02
N TYR D 944 20.48 14.99 -29.99
CA TYR D 944 21.33 13.80 -29.92
C TYR D 944 20.94 12.96 -28.71
N PHE D 945 20.97 11.64 -28.88
CA PHE D 945 20.65 10.70 -27.82
C PHE D 945 21.67 9.58 -27.80
N THR D 946 22.03 9.14 -26.60
CA THR D 946 22.88 7.97 -26.41
C THR D 946 22.06 6.90 -25.70
N PHE D 947 22.63 5.70 -25.60
CA PHE D 947 21.88 4.61 -24.98
C PHE D 947 22.85 3.70 -24.23
N PHE D 948 22.27 2.90 -23.34
CA PHE D 948 23.00 1.87 -22.62
C PHE D 948 22.01 0.81 -22.16
N ASN D 949 22.44 -0.07 -21.26
CA ASN D 949 21.65 -1.19 -20.78
C ASN D 949 21.07 -0.86 -19.41
N LYS D 950 19.79 -1.19 -19.21
CA LYS D 950 19.16 -0.95 -17.93
C LYS D 950 19.78 -1.82 -16.84
N GLY D 951 20.10 -3.06 -17.15
CA GLY D 951 20.57 -4.00 -16.15
C GLY D 951 19.47 -4.69 -15.38
N GLN D 952 18.31 -4.86 -16.01
CA GLN D 952 17.17 -5.47 -15.33
C GLN D 952 17.39 -6.97 -15.15
N LYS D 953 16.39 -7.63 -14.58
CA LYS D 953 16.48 -9.04 -14.23
C LYS D 953 15.86 -9.97 -15.27
N THR D 954 15.52 -9.45 -16.45
CA THR D 954 14.98 -10.30 -17.51
C THR D 954 16.12 -10.98 -18.26
N SER D 955 15.74 -11.94 -19.11
CA SER D 955 16.73 -12.64 -19.92
C SER D 955 17.42 -11.71 -20.90
N LYS D 956 16.68 -10.82 -21.53
CA LYS D 956 17.23 -9.81 -22.44
C LYS D 956 17.09 -8.44 -21.79
N ASP D 957 18.15 -7.65 -21.88
CA ASP D 957 18.16 -6.35 -21.24
C ASP D 957 17.36 -5.35 -22.06
N ARG D 958 17.09 -4.19 -21.45
CA ARG D 958 16.29 -3.14 -22.06
C ARG D 958 17.17 -1.93 -22.34
N GLU D 959 17.03 -1.37 -23.54
CA GLU D 959 17.80 -0.19 -23.91
C GLU D 959 17.26 1.04 -23.19
N ILE D 960 18.17 1.87 -22.70
CA ILE D 960 17.85 3.08 -21.94
C ILE D 960 18.54 4.26 -22.59
N PHE D 961 17.78 5.33 -22.80
CA PHE D 961 18.21 6.43 -23.65
C PHE D 961 18.40 7.69 -22.83
N VAL D 962 19.54 8.36 -23.04
CA VAL D 962 19.87 9.62 -22.40
C VAL D 962 19.91 10.70 -23.48
N GLY D 963 19.15 11.77 -23.26
CA GLY D 963 19.20 12.93 -24.12
C GLY D 963 20.00 14.07 -23.49
N GLU D 964 19.94 15.21 -24.17
CA GLU D 964 20.66 16.40 -23.67
C GLU D 964 19.71 17.21 -22.81
N TYR D 965 20.12 18.41 -22.38
CA TYR D 965 19.31 19.23 -21.49
C TYR D 965 18.18 19.92 -22.25
N GLU D 966 18.46 20.44 -23.44
CA GLU D 966 17.45 21.17 -24.21
C GLU D 966 16.29 20.25 -24.59
N ALA D 967 16.61 19.03 -25.02
CA ALA D 967 15.57 18.04 -25.29
C ALA D 967 14.76 17.75 -24.03
N LYS D 968 15.44 17.69 -22.87
CA LYS D 968 14.73 17.48 -21.62
C LYS D 968 13.73 18.60 -21.35
N MET D 969 14.13 19.85 -21.59
CA MET D 969 13.24 20.98 -21.35
C MET D 969 12.01 20.92 -22.27
N CYS D 970 12.25 20.77 -23.57
CA CYS D 970 11.12 20.75 -24.51
C CYS D 970 10.21 19.56 -24.25
N MET D 971 10.79 18.39 -23.99
CA MET D 971 10.00 17.21 -23.70
C MET D 971 9.23 17.37 -22.38
N TYR D 972 9.82 18.06 -21.40
CA TYR D 972 9.13 18.36 -20.16
C TYR D 972 7.88 19.18 -20.44
N ALA D 973 8.03 20.21 -21.26
CA ALA D 973 6.87 21.03 -21.61
C ALA D 973 5.77 20.19 -22.25
N VAL D 974 6.12 19.41 -23.27
CA VAL D 974 5.13 18.63 -23.99
C VAL D 974 4.49 17.60 -23.06
N GLU D 975 5.31 16.90 -22.26
CA GLU D 975 4.80 15.86 -21.38
C GLU D 975 3.87 16.44 -20.33
N ARG D 976 4.17 17.63 -19.80
CA ARG D 976 3.30 18.22 -18.80
C ARG D 976 1.98 18.67 -19.42
N ILE D 977 2.04 19.23 -20.63
CA ILE D 977 0.82 19.60 -21.34
C ILE D 977 -0.07 18.37 -21.53
N ALA D 978 0.53 17.24 -21.89
CA ALA D 978 -0.26 16.03 -22.07
C ALA D 978 -0.72 15.45 -20.73
N LYS D 979 0.09 15.58 -19.68
CA LYS D 979 -0.23 15.00 -18.38
C LYS D 979 -1.43 15.68 -17.75
N GLU D 980 -1.48 17.00 -17.82
CA GLU D 980 -2.60 17.70 -17.18
C GLU D 980 -3.91 17.42 -17.90
N ARG D 981 -3.86 16.79 -19.07
CA ARG D 981 -5.11 16.40 -19.75
C ARG D 981 -5.35 14.91 -19.45
N CYS D 982 -4.28 14.13 -19.29
CA CYS D 982 -4.46 12.74 -18.90
C CYS D 982 -5.05 12.62 -17.50
N LYS D 983 -4.82 13.64 -16.65
CA LYS D 983 -5.41 13.62 -15.32
C LYS D 983 -6.93 13.68 -15.38
N LEU D 984 -7.47 14.35 -16.40
CA LEU D 984 -8.92 14.47 -16.54
C LEU D 984 -9.57 13.26 -17.18
N ASN D 985 -8.77 12.41 -17.83
CA ASN D 985 -9.31 11.22 -18.54
C ASN D 985 -9.47 10.08 -17.53
N PRO D 986 -10.67 9.54 -17.25
CA PRO D 986 -10.81 8.41 -16.31
C PRO D 986 -10.13 7.13 -16.80
N ASP D 987 -9.88 7.01 -18.10
CA ASP D 987 -9.29 5.79 -18.64
C ASP D 987 -7.77 5.84 -18.71
N GLU D 988 -7.16 6.97 -18.38
CA GLU D 988 -5.71 7.09 -18.36
C GLU D 988 -5.21 6.86 -16.95
N MET D 989 -4.17 6.04 -16.80
CA MET D 989 -3.76 5.55 -15.50
C MET D 989 -2.35 5.94 -15.08
N ILE D 990 -1.53 6.51 -15.98
CA ILE D 990 -0.25 7.06 -15.55
C ILE D 990 -0.48 8.24 -14.61
N SER D 991 -1.47 9.08 -14.92
CA SER D 991 -1.82 10.19 -14.07
C SER D 991 -2.27 9.75 -12.68
N GLU D 992 -2.81 8.54 -12.57
CA GLU D 992 -3.24 8.05 -11.27
C GLU D 992 -2.04 7.85 -10.36
N PRO D 993 -2.04 8.39 -9.15
CA PRO D 993 -0.91 8.19 -8.24
C PRO D 993 -0.67 6.72 -7.97
N GLY D 994 0.61 6.37 -7.80
CA GLY D 994 1.05 5.00 -7.71
C GLY D 994 0.36 4.15 -6.65
N ASP D 995 0.12 2.89 -6.99
CA ASP D 995 -0.41 1.85 -6.10
C ASP D 995 -1.91 2.12 -5.89
N GLY D 996 -2.40 3.26 -6.37
CA GLY D 996 -3.84 3.48 -6.41
C GLY D 996 -4.52 2.81 -7.58
N LYS D 997 -3.74 2.35 -8.56
CA LYS D 997 -4.29 1.62 -9.69
C LYS D 997 -4.94 0.32 -9.24
N LEU D 998 -4.44 -0.27 -8.14
CA LEU D 998 -5.10 -1.43 -7.57
C LEU D 998 -6.49 -1.07 -7.07
N LYS D 999 -6.62 0.09 -6.42
CA LYS D 999 -7.93 0.56 -5.98
C LYS D 999 -8.85 0.81 -7.17
N VAL D 1000 -8.32 1.38 -8.25
CA VAL D 1000 -9.13 1.61 -9.44
C VAL D 1000 -9.61 0.30 -10.04
N LEU D 1001 -8.71 -0.70 -10.12
CA LEU D 1001 -9.09 -2.02 -10.61
C LEU D 1001 -10.19 -2.62 -9.75
N GLU D 1002 -10.07 -2.50 -8.42
CA GLU D 1002 -11.09 -3.02 -7.53
C GLU D 1002 -12.44 -2.34 -7.78
N GLN D 1003 -12.42 -1.01 -7.91
CA GLN D 1003 -13.68 -0.28 -8.13
C GLN D 1003 -14.34 -0.70 -9.44
N LYS D 1004 -13.55 -0.82 -10.51
CA LYS D 1004 -14.10 -1.27 -11.79
C LYS D 1004 -14.67 -2.66 -11.67
N SER D 1005 -13.98 -3.57 -10.96
CA SER D 1005 -14.50 -4.92 -10.80
C SER D 1005 -15.81 -4.94 -10.04
N GLU D 1006 -15.92 -4.14 -8.97
CA GLU D 1006 -17.18 -4.10 -8.23
C GLU D 1006 -18.31 -3.56 -9.09
N GLN D 1007 -18.01 -2.57 -9.93
CA GLN D 1007 -19.02 -2.01 -10.86
C GLN D 1007 -19.51 -3.11 -11.80
N GLU D 1008 -18.60 -3.87 -12.41
CA GLU D 1008 -18.98 -4.92 -13.39
C GLU D 1008 -19.79 -6.04 -12.73
N ILE D 1009 -19.42 -6.45 -11.53
CA ILE D 1009 -20.23 -7.47 -10.81
C ILE D 1009 -21.63 -6.87 -10.59
N ARG D 1010 -21.72 -5.60 -10.20
CA ARG D 1010 -23.05 -5.06 -9.95
C ARG D 1010 -23.83 -4.90 -11.24
N PHE D 1011 -23.16 -4.44 -12.32
CA PHE D 1011 -23.83 -4.32 -13.61
C PHE D 1011 -24.31 -5.68 -14.11
N LEU D 1012 -23.47 -6.71 -14.01
CA LEU D 1012 -23.88 -8.04 -14.44
C LEU D 1012 -25.08 -8.52 -13.65
N VAL D 1013 -25.02 -8.39 -12.32
CA VAL D 1013 -26.12 -8.88 -11.48
C VAL D 1013 -27.42 -8.15 -11.83
N GLU D 1014 -27.38 -6.82 -11.86
CA GLU D 1014 -28.59 -6.05 -12.08
C GLU D 1014 -29.16 -6.30 -13.49
N THR D 1015 -28.30 -6.28 -14.51
CA THR D 1015 -28.78 -6.48 -15.88
C THR D 1015 -29.37 -7.86 -16.06
N THR D 1016 -28.72 -8.89 -15.53
CA THR D 1016 -29.24 -10.24 -15.68
C THR D 1016 -30.55 -10.42 -14.93
N ARG D 1017 -30.65 -9.85 -13.72
CA ARG D 1017 -31.88 -9.96 -12.96
C ARG D 1017 -33.04 -9.23 -13.64
N GLN D 1018 -32.75 -8.06 -14.21
CA GLN D 1018 -33.82 -7.27 -14.84
C GLN D 1018 -34.26 -7.91 -16.16
N LYS D 1019 -33.30 -8.30 -17.00
CA LYS D 1019 -33.64 -8.84 -18.31
C LYS D 1019 -34.41 -10.16 -18.20
N ASN D 1020 -33.94 -11.05 -17.34
CA ASN D 1020 -34.57 -12.35 -17.16
C ASN D 1020 -35.72 -12.32 -16.15
N ARG D 1021 -36.26 -11.14 -15.86
CA ARG D 1021 -37.35 -11.05 -14.89
C ARG D 1021 -38.58 -11.80 -15.38
N GLU D 1022 -38.93 -11.65 -16.66
CA GLU D 1022 -40.08 -12.35 -17.20
C GLU D 1022 -39.88 -13.86 -17.16
N ILE D 1023 -38.69 -14.32 -17.56
CA ILE D 1023 -38.41 -15.75 -17.56
C ILE D 1023 -38.40 -16.29 -16.13
N ASP D 1024 -37.82 -15.54 -15.19
CA ASP D 1024 -37.81 -15.98 -13.80
C ASP D 1024 -39.22 -16.06 -13.24
N GLU D 1025 -40.08 -15.11 -13.59
CA GLU D 1025 -41.48 -15.18 -13.18
C GLU D 1025 -42.17 -16.40 -13.78
N ALA D 1026 -41.89 -16.69 -15.05
CA ALA D 1026 -42.51 -17.84 -15.69
C ALA D 1026 -42.05 -19.15 -15.05
N ILE D 1027 -40.78 -19.24 -14.66
CA ILE D 1027 -40.26 -20.45 -14.05
C ILE D 1027 -40.99 -20.76 -12.75
N GLU D 1028 -41.17 -19.75 -11.90
CA GLU D 1028 -41.81 -19.93 -10.61
C GLU D 1028 -43.09 -19.11 -10.50
N ILE D 1055 -39.73 -26.47 -18.77
CA ILE D 1055 -39.19 -25.17 -18.41
C ILE D 1055 -37.74 -25.04 -18.91
N GLU D 1056 -37.21 -26.14 -19.45
CA GLU D 1056 -35.86 -26.13 -19.97
C GLU D 1056 -35.73 -25.20 -21.17
N LYS D 1057 -36.75 -25.17 -22.03
CA LYS D 1057 -36.76 -24.23 -23.15
C LYS D 1057 -36.78 -22.79 -22.64
N LEU D 1058 -37.53 -22.54 -21.56
CA LEU D 1058 -37.52 -21.21 -20.96
C LEU D 1058 -36.13 -20.84 -20.44
N SER D 1059 -35.45 -21.81 -19.81
CA SER D 1059 -34.10 -21.55 -19.33
C SER D 1059 -33.13 -21.26 -20.49
N LEU D 1060 -33.30 -21.97 -21.60
CA LEU D 1060 -32.45 -21.71 -22.76
C LEU D 1060 -32.76 -20.35 -23.39
N GLY D 1061 -34.03 -19.95 -23.38
CA GLY D 1061 -34.41 -18.72 -24.07
C GLY D 1061 -33.92 -17.46 -23.38
N LYS D 1062 -33.72 -17.52 -22.06
CA LYS D 1062 -33.36 -16.34 -21.29
C LYS D 1062 -31.98 -15.83 -21.67
N ALA D 1063 -31.76 -14.53 -21.49
CA ALA D 1063 -30.49 -13.92 -21.83
C ALA D 1063 -29.38 -14.41 -20.90
N LYS D 1064 -28.18 -14.56 -21.44
CA LYS D 1064 -27.04 -15.07 -20.69
C LYS D 1064 -25.93 -14.03 -20.64
N GLY D 1065 -25.39 -13.81 -19.44
CA GLY D 1065 -24.30 -12.88 -19.28
C GLY D 1065 -22.97 -13.44 -19.73
N LEU D 1066 -22.03 -12.53 -19.99
CA LEU D 1066 -20.68 -12.91 -20.39
C LEU D 1066 -19.72 -11.84 -19.91
N LYS D 1067 -18.60 -12.27 -19.34
CA LYS D 1067 -17.57 -11.38 -18.83
C LYS D 1067 -16.24 -11.73 -19.48
N MET D 1068 -15.55 -10.72 -20.00
CA MET D 1068 -14.33 -10.91 -20.76
C MET D 1068 -13.28 -9.93 -20.26
N GLU D 1069 -12.06 -10.40 -20.03
CA GLU D 1069 -10.97 -9.52 -19.56
C GLU D 1069 -9.80 -9.60 -20.53
N ILE D 1070 -9.66 -8.61 -21.41
CA ILE D 1070 -8.56 -8.61 -22.42
C ILE D 1070 -7.30 -8.02 -21.81
N ASN D 1071 -6.57 -8.78 -21.00
CA ASN D 1071 -5.25 -8.30 -20.49
C ASN D 1071 -4.38 -8.18 -21.74
N ALA D 1072 -3.65 -7.08 -21.93
CA ALA D 1072 -2.95 -6.91 -23.23
C ALA D 1072 -1.65 -6.11 -23.16
N ASP D 1073 -0.64 -6.50 -23.95
CA ASP D 1073 0.59 -5.76 -24.06
C ASP D 1073 0.77 -5.36 -25.52
N MET D 1074 1.42 -4.23 -25.74
CA MET D 1074 1.63 -3.71 -27.08
C MET D 1074 3.06 -3.97 -27.53
N SER D 1075 3.20 -4.45 -28.76
CA SER D 1075 4.50 -4.80 -29.31
C SER D 1075 5.25 -3.55 -29.73
N LYS D 1076 6.43 -3.35 -29.13
CA LYS D 1076 7.34 -2.26 -29.48
C LYS D 1076 6.59 -0.92 -29.48
N TRP D 1077 6.16 -0.53 -28.28
CA TRP D 1077 5.33 0.66 -28.12
C TRP D 1077 6.02 1.90 -28.68
N SER D 1078 7.30 2.08 -28.38
CA SER D 1078 8.02 3.27 -28.81
C SER D 1078 8.67 3.13 -30.18
N ALA D 1079 9.04 1.91 -30.58
CA ALA D 1079 9.74 1.72 -31.85
C ALA D 1079 8.78 1.78 -33.03
N GLN D 1080 7.81 0.89 -33.07
CA GLN D 1080 6.87 0.79 -34.19
C GLN D 1080 5.64 1.65 -33.95
N ASP D 1081 5.88 2.94 -33.75
CA ASP D 1081 4.82 3.90 -33.49
C ASP D 1081 4.88 5.03 -34.51
N VAL D 1082 3.72 5.42 -35.03
CA VAL D 1082 3.62 6.52 -35.98
C VAL D 1082 3.61 7.82 -35.18
N PHE D 1083 4.69 8.59 -35.30
CA PHE D 1083 4.79 9.86 -34.59
C PHE D 1083 3.85 10.93 -35.13
N TYR D 1084 3.53 10.90 -36.43
CA TYR D 1084 2.80 11.98 -37.07
C TYR D 1084 1.44 12.24 -36.44
N LYS D 1085 0.76 11.21 -35.93
CA LYS D 1085 -0.52 11.42 -35.29
C LYS D 1085 -0.43 12.42 -34.15
N TYR D 1086 0.68 12.43 -33.40
CA TYR D 1086 0.82 13.37 -32.31
C TYR D 1086 0.73 14.81 -32.78
N PHE D 1087 1.16 15.09 -34.01
CA PHE D 1087 1.00 16.43 -34.56
C PHE D 1087 -0.43 16.92 -34.40
N TRP D 1088 -1.39 16.06 -34.75
CA TRP D 1088 -2.79 16.45 -34.64
C TRP D 1088 -3.16 16.80 -33.20
N LEU D 1089 -2.66 16.02 -32.24
CA LEU D 1089 -2.96 16.31 -30.84
C LEU D 1089 -2.45 17.69 -30.45
N ILE D 1090 -1.37 18.15 -31.10
CA ILE D 1090 -0.91 19.51 -30.86
C ILE D 1090 -1.72 20.50 -31.68
N ALA D 1091 -2.08 20.13 -32.91
CA ALA D 1091 -2.80 21.04 -33.78
C ALA D 1091 -4.24 21.27 -33.31
N LEU D 1092 -4.87 20.26 -32.72
CA LEU D 1092 -6.25 20.36 -32.28
C LEU D 1092 -6.39 20.84 -30.84
N ASP D 1093 -5.29 21.19 -30.19
CA ASP D 1093 -5.34 21.59 -28.79
C ASP D 1093 -5.98 22.97 -28.66
N PRO D 1094 -7.08 23.12 -27.92
CA PRO D 1094 -7.71 24.43 -27.78
C PRO D 1094 -7.08 25.34 -26.74
N ILE D 1095 -6.20 24.82 -25.89
CA ILE D 1095 -5.61 25.60 -24.82
C ILE D 1095 -4.25 26.18 -25.21
N LEU D 1096 -3.87 26.09 -26.47
CA LEU D 1096 -2.60 26.59 -26.94
C LEU D 1096 -2.82 27.70 -27.97
N TYR D 1097 -2.00 28.74 -27.89
CA TYR D 1097 -2.03 29.80 -28.87
C TYR D 1097 -1.39 29.33 -30.17
N PRO D 1098 -1.72 29.96 -31.30
CA PRO D 1098 -1.13 29.53 -32.58
C PRO D 1098 0.40 29.56 -32.58
N GLN D 1099 1.00 30.56 -31.94
CA GLN D 1099 2.46 30.60 -31.84
C GLN D 1099 2.99 29.42 -31.02
N GLU D 1100 2.31 29.09 -29.92
CA GLU D 1100 2.74 27.95 -29.12
C GLU D 1100 2.60 26.65 -29.90
N LYS D 1101 1.50 26.50 -30.65
CA LYS D 1101 1.34 25.32 -31.48
C LYS D 1101 2.45 25.24 -32.51
N GLU D 1102 2.80 26.37 -33.14
CA GLU D 1102 3.84 26.37 -34.16
C GLU D 1102 5.18 25.97 -33.55
N ARG D 1103 5.52 26.52 -32.38
CA ARG D 1103 6.79 26.18 -31.75
C ARG D 1103 6.85 24.72 -31.33
N ILE D 1104 5.76 24.21 -30.75
CA ILE D 1104 5.74 22.81 -30.33
C ILE D 1104 5.84 21.88 -31.52
N LEU D 1105 5.14 22.19 -32.62
CA LEU D 1105 5.21 21.36 -33.81
C LEU D 1105 6.58 21.43 -34.45
N TYR D 1106 7.23 22.61 -34.40
CA TYR D 1106 8.60 22.72 -34.89
C TYR D 1106 9.54 21.85 -34.06
N PHE D 1107 9.37 21.85 -32.74
CA PHE D 1107 10.17 20.99 -31.89
C PHE D 1107 9.95 19.52 -32.24
N MET D 1108 8.69 19.15 -32.47
CA MET D 1108 8.41 17.75 -32.81
C MET D 1108 9.00 17.37 -34.15
N CYS D 1109 8.97 18.28 -35.13
CA CYS D 1109 9.58 18.03 -36.42
C CYS D 1109 11.09 17.84 -36.28
N ASN D 1110 11.74 18.70 -35.49
CA ASN D 1110 13.17 18.53 -35.24
C ASN D 1110 13.46 17.25 -34.47
N TYR D 1111 12.58 16.85 -33.56
CA TYR D 1111 12.74 15.59 -32.83
C TYR D 1111 12.63 14.40 -33.76
N MET D 1112 11.80 14.49 -34.79
CA MET D 1112 11.68 13.41 -35.75
C MET D 1112 12.95 13.23 -36.60
N ASP D 1113 13.88 14.17 -36.53
CA ASP D 1113 15.17 14.07 -37.21
C ASP D 1113 16.31 13.91 -36.20
N LYS D 1114 16.05 13.21 -35.11
CA LYS D 1114 17.05 13.02 -34.06
C LYS D 1114 18.13 12.05 -34.51
N GLU D 1115 19.29 12.15 -33.88
CA GLU D 1115 20.41 11.26 -34.12
C GLU D 1115 20.78 10.53 -32.84
N LEU D 1116 20.91 9.21 -32.92
CA LEU D 1116 21.32 8.38 -31.80
C LEU D 1116 22.82 8.16 -31.87
N ILE D 1117 23.52 8.52 -30.80
CA ILE D 1117 24.98 8.38 -30.73
C ILE D 1117 25.31 7.04 -30.09
N LEU D 1118 26.09 6.22 -30.79
CA LEU D 1118 26.50 4.95 -30.24
C LEU D 1118 27.52 5.17 -29.12
N PRO D 1119 27.50 4.33 -28.08
CA PRO D 1119 28.44 4.52 -26.97
C PRO D 1119 29.88 4.35 -27.41
N ASP D 1120 30.78 5.01 -26.69
CA ASP D 1120 32.20 4.95 -27.03
C ASP D 1120 32.75 3.53 -26.85
N GLU D 1121 32.34 2.84 -25.78
CA GLU D 1121 32.84 1.49 -25.55
C GLU D 1121 32.33 0.51 -26.60
N LEU D 1122 31.12 0.76 -27.14
CA LEU D 1122 30.61 -0.09 -28.21
C LEU D 1122 31.49 0.03 -29.45
N LEU D 1123 31.89 1.25 -29.80
CA LEU D 1123 32.84 1.41 -30.91
C LEU D 1123 34.20 0.83 -30.55
N PHE D 1124 34.60 0.92 -29.28
CA PHE D 1124 35.89 0.39 -28.87
C PHE D 1124 35.96 -1.12 -29.09
N ASN D 1125 34.90 -1.85 -28.71
CA ASN D 1125 34.93 -3.30 -28.89
C ASN D 1125 34.38 -3.74 -30.24
N LEU D 1126 33.85 -2.82 -31.06
CA LEU D 1126 33.52 -3.15 -32.44
C LEU D 1126 34.67 -2.91 -33.40
N LEU D 1127 35.58 -1.99 -33.06
CA LEU D 1127 36.73 -1.70 -33.93
C LEU D 1127 37.93 -2.59 -33.65
N ASP D 1128 37.90 -3.38 -32.58
CA ASP D 1128 39.02 -4.24 -32.21
C ASP D 1128 38.67 -5.71 -32.39
N GLN D 1129 37.77 -6.00 -33.33
CA GLN D 1129 37.35 -7.38 -33.53
C GLN D 1129 38.41 -8.20 -34.26
N LYS D 1130 39.04 -7.61 -35.28
CA LYS D 1130 40.04 -8.18 -36.16
C LYS D 1130 39.45 -9.14 -37.18
N VAL D 1131 38.16 -9.44 -37.10
CA VAL D 1131 37.48 -10.27 -38.08
C VAL D 1131 36.15 -9.62 -38.44
N ALA D 1132 35.88 -9.50 -39.73
CA ALA D 1132 34.65 -8.87 -40.18
C ALA D 1132 33.44 -9.75 -39.91
N TYR D 1133 32.36 -9.14 -39.44
CA TYR D 1133 31.13 -9.87 -39.17
C TYR D 1133 30.46 -10.26 -40.49
N GLN D 1134 29.58 -11.27 -40.41
CA GLN D 1134 28.94 -11.79 -41.61
C GLN D 1134 28.05 -10.75 -42.26
N ASN D 1135 27.02 -10.28 -41.55
CA ASN D 1135 26.15 -9.20 -42.00
C ASN D 1135 26.08 -8.18 -40.87
N ASP D 1136 27.01 -7.24 -40.85
CA ASP D 1136 27.05 -6.28 -39.73
C ASP D 1136 25.95 -5.24 -39.93
N ILE D 1137 24.83 -5.37 -39.22
CA ILE D 1137 23.76 -4.33 -39.30
C ILE D 1137 24.37 -3.04 -38.76
N ILE D 1138 25.19 -3.13 -37.71
CA ILE D 1138 25.75 -1.90 -37.07
C ILE D 1138 26.60 -1.15 -38.10
N ALA D 1139 27.44 -1.86 -38.86
CA ALA D 1139 28.37 -1.17 -39.79
C ALA D 1139 27.58 -0.60 -40.96
N THR D 1140 26.64 -1.37 -41.52
CA THR D 1140 25.80 -0.87 -42.63
C THR D 1140 25.25 0.51 -42.27
N MET D 1141 24.50 0.62 -41.16
CA MET D 1141 23.89 1.91 -40.72
C MET D 1141 24.97 2.93 -40.36
N THR D 1142 26.09 2.48 -39.80
CA THR D 1142 27.18 3.39 -39.33
C THR D 1142 28.05 3.78 -40.52
N ASN D 1143 27.69 3.34 -41.74
CA ASN D 1143 28.51 3.63 -42.95
C ASN D 1143 29.92 3.06 -42.78
N GLN D 1144 30.03 1.77 -42.47
CA GLN D 1144 31.34 1.09 -42.26
C GLN D 1144 32.07 1.75 -41.09
N LEU D 1145 31.34 2.16 -40.06
CA LEU D 1145 31.93 2.73 -38.82
C LEU D 1145 32.54 4.11 -39.09
N ASN D 1146 32.17 4.73 -40.22
CA ASN D 1146 32.62 6.11 -40.50
C ASN D 1146 31.97 7.11 -39.52
N SER D 1147 30.68 6.93 -39.20
CA SER D 1147 30.00 7.94 -38.34
C SER D 1147 29.31 7.27 -37.15
N ASN D 1148 29.60 7.72 -35.93
CA ASN D 1148 29.00 7.12 -34.71
C ASN D 1148 27.48 7.31 -34.70
N THR D 1149 26.98 8.47 -35.12
CA THR D 1149 25.52 8.76 -35.03
C THR D 1149 24.69 7.98 -36.06
N VAL D 1150 23.43 7.66 -35.71
CA VAL D 1150 22.49 6.98 -36.66
C VAL D 1150 21.18 7.76 -36.62
N LEU D 1151 20.58 8.05 -37.78
CA LEU D 1151 19.38 8.88 -37.85
C LEU D 1151 18.16 8.01 -37.55
N ILE D 1152 17.44 8.36 -36.48
CA ILE D 1152 16.21 7.67 -36.08
C ILE D 1152 15.04 8.61 -36.33
N LYS D 1153 14.01 8.11 -37.01
CA LYS D 1153 12.89 8.95 -37.43
C LYS D 1153 11.59 8.55 -36.74
N ARG D 1154 11.15 7.30 -36.84
CA ARG D 1154 9.84 6.93 -36.37
C ARG D 1154 9.83 6.41 -34.93
N ASN D 1155 11.00 6.20 -34.33
CA ASN D 1155 11.08 5.60 -33.00
C ASN D 1155 11.29 6.71 -31.99
N TRP D 1156 10.20 7.31 -31.50
CA TRP D 1156 10.32 8.21 -30.36
C TRP D 1156 10.78 7.40 -29.16
N LEU D 1157 11.70 7.97 -28.39
CA LEU D 1157 12.55 7.14 -27.56
C LEU D 1157 11.75 6.58 -26.37
N GLN D 1158 12.24 5.47 -25.83
CA GLN D 1158 11.49 4.75 -24.80
C GLN D 1158 11.23 5.62 -23.58
N GLY D 1159 9.97 5.70 -23.16
CA GLY D 1159 9.59 6.39 -21.96
C GLY D 1159 9.49 7.89 -22.09
N ASN D 1160 9.89 8.45 -23.23
CA ASN D 1160 9.93 9.91 -23.36
C ASN D 1160 8.55 10.50 -23.55
N PHE D 1161 7.65 9.79 -24.22
CA PHE D 1161 6.33 10.29 -24.57
C PHE D 1161 5.23 9.43 -23.96
N ASN D 1162 5.37 9.12 -22.67
CA ASN D 1162 4.41 8.23 -22.01
C ASN D 1162 3.00 8.82 -22.04
N TYR D 1163 2.86 10.10 -21.67
CA TYR D 1163 1.53 10.68 -21.51
C TYR D 1163 0.81 10.84 -22.85
N THR D 1164 1.49 11.36 -23.86
CA THR D 1164 0.86 11.55 -25.17
C THR D 1164 0.46 10.21 -25.77
N SER D 1165 1.36 9.23 -25.72
CA SER D 1165 1.05 7.91 -26.26
C SER D 1165 -0.10 7.26 -25.52
N SER D 1166 -0.13 7.41 -24.20
CA SER D 1166 -1.24 6.85 -23.41
C SER D 1166 -2.55 7.55 -23.73
N TYR D 1167 -2.50 8.86 -24.01
CA TYR D 1167 -3.71 9.57 -24.38
C TYR D 1167 -4.25 9.08 -25.72
N VAL D 1168 -3.36 8.89 -26.70
CA VAL D 1168 -3.83 8.34 -27.98
C VAL D 1168 -4.34 6.91 -27.80
N HIS D 1169 -3.72 6.13 -26.92
CA HIS D 1169 -4.22 4.80 -26.62
C HIS D 1169 -5.62 4.86 -26.01
N SER D 1170 -5.85 5.85 -25.15
CA SER D 1170 -7.18 6.02 -24.52
C SER D 1170 -8.19 6.37 -25.59
N CYS D 1171 -7.82 7.22 -26.55
CA CYS D 1171 -8.73 7.55 -27.65
C CYS D 1171 -9.06 6.31 -28.48
N ALA D 1172 -8.06 5.49 -28.77
CA ALA D 1172 -8.29 4.25 -29.50
C ALA D 1172 -9.24 3.33 -28.74
N MET D 1173 -9.06 3.22 -27.42
CA MET D 1173 -9.94 2.39 -26.62
C MET D 1173 -11.36 2.96 -26.56
N SER D 1174 -11.49 4.29 -26.61
CA SER D 1174 -12.82 4.88 -26.70
C SER D 1174 -13.51 4.54 -28.01
N VAL D 1175 -12.75 4.55 -29.11
CA VAL D 1175 -13.29 4.10 -30.40
C VAL D 1175 -13.72 2.64 -30.29
N TYR D 1176 -12.92 1.82 -29.62
CA TYR D 1176 -13.27 0.42 -29.40
C TYR D 1176 -14.57 0.29 -28.61
N LYS D 1177 -14.73 1.11 -27.57
CA LYS D 1177 -15.97 1.12 -26.81
C LYS D 1177 -17.16 1.47 -27.69
N GLU D 1178 -17.02 2.49 -28.54
CA GLU D 1178 -18.12 2.86 -29.42
C GLU D 1178 -18.47 1.74 -30.38
N ILE D 1179 -17.46 1.07 -30.94
CA ILE D 1179 -17.72 -0.06 -31.84
C ILE D 1179 -18.50 -1.14 -31.11
N LEU D 1180 -18.03 -1.52 -29.91
CA LEU D 1180 -18.70 -2.59 -29.18
C LEU D 1180 -20.11 -2.20 -28.76
N LYS D 1181 -20.31 -0.96 -28.33
CA LYS D 1181 -21.65 -0.54 -27.93
C LYS D 1181 -22.61 -0.54 -29.12
N GLU D 1182 -22.17 -0.05 -30.27
CA GLU D 1182 -23.03 -0.10 -31.46
C GLU D 1182 -23.35 -1.54 -31.85
N ALA D 1183 -22.34 -2.41 -31.80
CA ALA D 1183 -22.57 -3.81 -32.18
C ALA D 1183 -23.56 -4.50 -31.24
N ILE D 1184 -23.43 -4.26 -29.93
CA ILE D 1184 -24.38 -4.85 -28.99
C ILE D 1184 -25.76 -4.22 -29.14
N THR D 1185 -25.83 -2.94 -29.50
CA THR D 1185 -27.11 -2.33 -29.80
C THR D 1185 -27.78 -3.02 -30.98
N LEU D 1186 -26.98 -3.45 -31.95
CA LEU D 1186 -27.53 -4.25 -33.06
C LEU D 1186 -28.10 -5.58 -32.58
N LEU D 1187 -27.67 -6.06 -31.40
CA LEU D 1187 -28.15 -7.33 -30.85
C LEU D 1187 -29.18 -7.15 -29.75
N ASP D 1188 -29.60 -5.91 -29.47
CA ASP D 1188 -30.57 -5.62 -28.42
C ASP D 1188 -30.10 -6.18 -27.08
N GLY D 1189 -28.90 -5.77 -26.67
CA GLY D 1189 -28.32 -6.20 -25.41
C GLY D 1189 -27.75 -5.03 -24.64
N SER D 1190 -27.09 -5.37 -23.53
CA SER D 1190 -26.45 -4.39 -22.67
C SER D 1190 -24.96 -4.69 -22.59
N ILE D 1191 -24.14 -3.64 -22.65
CA ILE D 1191 -22.68 -3.80 -22.65
C ILE D 1191 -22.05 -2.74 -21.77
N LEU D 1192 -21.10 -3.14 -20.95
CA LEU D 1192 -20.28 -2.24 -20.14
C LEU D 1192 -18.81 -2.52 -20.44
N VAL D 1193 -18.10 -1.50 -20.90
CA VAL D 1193 -16.68 -1.62 -21.23
C VAL D 1193 -15.90 -0.64 -20.38
N ASN D 1194 -14.90 -1.15 -19.66
CA ASN D 1194 -14.05 -0.34 -18.78
C ASN D 1194 -12.60 -0.63 -19.13
N SER D 1195 -12.03 0.22 -20.00
CA SER D 1195 -10.63 0.06 -20.38
C SER D 1195 -9.73 0.90 -19.47
N LEU D 1196 -8.65 0.29 -19.01
CA LEU D 1196 -7.61 0.96 -18.25
C LEU D 1196 -6.33 0.92 -19.07
N VAL D 1197 -5.72 2.09 -19.28
CA VAL D 1197 -4.62 2.24 -20.22
C VAL D 1197 -3.45 2.90 -19.51
N HIS D 1198 -2.35 2.18 -19.38
CA HIS D 1198 -1.08 2.72 -18.98
C HIS D 1198 -0.26 3.08 -20.23
N SER D 1199 1.04 3.29 -20.06
CA SER D 1199 1.92 3.61 -21.18
C SER D 1199 1.73 2.65 -22.34
N ASP D 1200 1.92 1.35 -22.09
CA ASP D 1200 1.72 0.34 -23.12
C ASP D 1200 0.98 -0.90 -22.64
N ASP D 1201 0.55 -0.95 -21.39
CA ASP D 1201 -0.17 -2.10 -20.88
C ASP D 1201 -1.65 -1.77 -20.75
N ASN D 1202 -2.49 -2.61 -21.36
CA ASN D 1202 -3.93 -2.32 -21.39
C ASN D 1202 -4.72 -3.41 -20.65
N GLN D 1203 -5.81 -3.05 -20.00
CA GLN D 1203 -6.73 -3.96 -19.31
C GLN D 1203 -8.13 -3.58 -19.74
N THR D 1204 -8.75 -4.37 -20.61
CA THR D 1204 -10.08 -4.08 -21.11
C THR D 1204 -11.06 -5.10 -20.56
N SER D 1205 -12.07 -4.58 -19.86
CA SER D 1205 -13.09 -5.47 -19.25
C SER D 1205 -14.43 -5.23 -19.93
N ILE D 1206 -15.05 -6.27 -20.43
CA ILE D 1206 -16.30 -6.18 -21.18
C ILE D 1206 -17.32 -7.10 -20.53
N THR D 1207 -18.48 -6.54 -20.20
CA THR D 1207 -19.61 -7.29 -19.66
C THR D 1207 -20.78 -7.14 -20.63
N ILE D 1208 -21.25 -8.26 -21.17
CA ILE D 1208 -22.25 -8.26 -22.22
C ILE D 1208 -23.40 -9.18 -21.81
N VAL D 1209 -24.62 -8.66 -21.85
CA VAL D 1209 -25.83 -9.43 -21.58
C VAL D 1209 -26.70 -9.37 -22.83
N GLN D 1210 -26.91 -10.53 -23.46
CA GLN D 1210 -27.69 -10.61 -24.72
C GLN D 1210 -28.29 -12.01 -24.84
N ASP D 1211 -29.32 -12.19 -25.69
CA ASP D 1211 -29.99 -13.50 -25.82
C ASP D 1211 -29.95 -14.03 -27.24
N LYS D 1212 -29.44 -13.26 -28.20
CA LYS D 1212 -29.51 -13.68 -29.62
C LYS D 1212 -28.50 -14.78 -29.99
N MET D 1213 -27.21 -14.56 -29.76
CA MET D 1213 -26.19 -15.50 -30.22
C MET D 1213 -25.35 -15.99 -29.05
N GLU D 1214 -24.69 -17.12 -29.26
CA GLU D 1214 -23.85 -17.72 -28.22
C GLU D 1214 -22.57 -16.93 -28.04
N ASN D 1215 -21.82 -17.26 -26.98
CA ASN D 1215 -20.73 -16.41 -26.53
C ASN D 1215 -19.52 -16.48 -27.46
N ASP D 1216 -19.36 -17.60 -28.18
CA ASP D 1216 -18.14 -17.78 -28.98
C ASP D 1216 -18.03 -16.72 -30.08
N LYS D 1217 -19.14 -16.45 -30.77
CA LYS D 1217 -19.14 -15.42 -31.80
C LYS D 1217 -18.79 -14.06 -31.21
N ILE D 1218 -19.34 -13.74 -30.04
CA ILE D 1218 -19.07 -12.46 -29.40
C ILE D 1218 -17.61 -12.35 -29.03
N ILE D 1219 -17.02 -13.42 -28.50
CA ILE D 1219 -15.61 -13.39 -28.13
C ILE D 1219 -14.73 -13.18 -29.35
N ASP D 1220 -15.01 -13.92 -30.43
CA ASP D 1220 -14.20 -13.76 -31.64
C ASP D 1220 -14.33 -12.36 -32.20
N PHE D 1221 -15.55 -11.82 -32.23
CA PHE D 1221 -15.77 -10.47 -32.72
C PHE D 1221 -15.04 -9.44 -31.86
N ALA D 1222 -15.11 -9.60 -30.54
CA ALA D 1222 -14.44 -8.67 -29.64
C ALA D 1222 -12.93 -8.70 -29.83
N MET D 1223 -12.36 -9.89 -30.00
CA MET D 1223 -10.92 -9.98 -30.20
C MET D 1223 -10.48 -9.37 -31.53
N LYS D 1224 -11.23 -9.65 -32.60
CA LYS D 1224 -10.89 -9.06 -33.89
C LYS D 1224 -11.01 -7.54 -33.84
N GLU D 1225 -12.05 -7.03 -33.18
CA GLU D 1225 -12.21 -5.59 -33.08
C GLU D 1225 -11.14 -4.97 -32.20
N PHE D 1226 -10.69 -5.66 -31.16
CA PHE D 1226 -9.60 -5.15 -30.34
C PHE D 1226 -8.33 -5.03 -31.17
N GLU D 1227 -8.01 -6.06 -31.95
CA GLU D 1227 -6.82 -5.99 -32.81
C GLU D 1227 -6.95 -4.85 -33.83
N ARG D 1228 -8.11 -4.73 -34.47
CA ARG D 1228 -8.28 -3.68 -35.48
C ARG D 1228 -8.22 -2.28 -34.87
N ALA D 1229 -8.90 -2.08 -33.73
CA ALA D 1229 -8.88 -0.78 -33.08
C ALA D 1229 -7.49 -0.41 -32.61
N CYS D 1230 -6.70 -1.39 -32.15
CA CYS D 1230 -5.29 -1.12 -31.87
C CYS D 1230 -4.55 -0.71 -33.14
N LEU D 1231 -4.84 -1.38 -34.26
CA LEU D 1231 -4.12 -1.10 -35.50
C LEU D 1231 -4.55 0.24 -36.12
N THR D 1232 -5.82 0.61 -35.95
CA THR D 1232 -6.31 1.82 -36.61
C THR D 1232 -5.66 3.10 -36.09
N PHE D 1233 -5.07 3.06 -34.91
CA PHE D 1233 -4.45 4.24 -34.31
C PHE D 1233 -2.93 4.16 -34.29
N GLY D 1234 -2.34 3.28 -35.09
CA GLY D 1234 -0.91 3.14 -35.15
C GLY D 1234 -0.32 2.16 -34.15
N CYS D 1235 -1.09 1.72 -33.18
CA CYS D 1235 -0.63 0.75 -32.20
C CYS D 1235 -0.79 -0.67 -32.74
N GLN D 1236 -0.36 -1.63 -31.93
CA GLN D 1236 -0.47 -3.07 -32.30
C GLN D 1236 -0.40 -3.91 -31.03
N ALA D 1237 -1.31 -4.85 -30.83
CA ALA D 1237 -1.39 -5.67 -29.62
C ALA D 1237 -0.48 -6.88 -29.76
N ASN D 1238 0.34 -7.12 -28.73
CA ASN D 1238 1.18 -8.31 -28.70
C ASN D 1238 0.31 -9.53 -28.43
N MET D 1239 -0.26 -10.11 -29.49
CA MET D 1239 -1.18 -11.23 -29.31
C MET D 1239 -0.50 -12.43 -28.69
N LYS D 1240 0.83 -12.49 -28.74
CA LYS D 1240 1.56 -13.55 -28.06
C LYS D 1240 1.46 -13.40 -26.54
N LYS D 1241 1.52 -12.18 -26.04
CA LYS D 1241 1.44 -11.91 -24.60
C LYS D 1241 0.10 -11.33 -24.18
N THR D 1242 -0.86 -11.24 -25.09
CA THR D 1242 -2.20 -10.74 -24.78
C THR D 1242 -3.12 -11.93 -24.58
N TYR D 1243 -3.77 -12.02 -23.42
CA TYR D 1243 -4.64 -13.15 -23.14
C TYR D 1243 -5.99 -12.68 -22.65
N VAL D 1244 -6.93 -13.63 -22.59
CA VAL D 1244 -8.32 -13.37 -22.26
C VAL D 1244 -8.72 -14.29 -21.12
N THR D 1245 -9.36 -13.72 -20.11
CA THR D 1245 -9.76 -14.49 -18.93
C THR D 1245 -11.18 -14.11 -18.54
N ASN D 1246 -11.88 -15.04 -17.91
CA ASN D 1246 -13.21 -14.74 -17.37
C ASN D 1246 -13.14 -13.88 -16.11
N CYS D 1247 -12.16 -14.12 -15.25
CA CYS D 1247 -12.09 -13.50 -13.94
C CYS D 1247 -10.86 -12.64 -13.73
N ILE D 1248 -9.67 -13.18 -13.98
CA ILE D 1248 -8.42 -12.56 -13.56
C ILE D 1248 -8.18 -11.29 -14.35
N LYS D 1249 -7.88 -10.20 -13.63
CA LYS D 1249 -7.41 -8.95 -14.21
C LYS D 1249 -5.94 -8.81 -13.87
N GLU D 1250 -5.14 -8.29 -14.82
CA GLU D 1250 -3.71 -7.99 -14.53
C GLU D 1250 -3.36 -6.70 -15.28
N PHE D 1251 -3.34 -5.56 -14.59
CA PHE D 1251 -3.10 -4.29 -15.25
C PHE D 1251 -1.61 -3.94 -15.27
N VAL D 1252 -1.02 -3.69 -14.11
CA VAL D 1252 0.43 -3.47 -14.01
C VAL D 1252 0.92 -4.26 -12.80
N SER D 1253 1.31 -5.51 -13.05
CA SER D 1253 1.80 -6.42 -11.99
C SER D 1253 0.87 -6.44 -10.78
N LEU D 1254 -0.39 -6.07 -10.98
CA LEU D 1254 -1.39 -6.05 -9.94
C LEU D 1254 -2.62 -6.79 -10.43
N PHE D 1255 -3.11 -7.71 -9.60
CA PHE D 1255 -4.19 -8.60 -10.01
C PHE D 1255 -5.49 -8.17 -9.34
N ASN D 1256 -6.59 -8.66 -9.90
CA ASN D 1256 -7.92 -8.53 -9.32
C ASN D 1256 -8.69 -9.77 -9.71
N LEU D 1257 -8.70 -10.77 -8.83
CA LEU D 1257 -9.24 -12.08 -9.19
C LEU D 1257 -10.72 -11.99 -9.54
N TYR D 1258 -11.56 -11.64 -8.58
CA TYR D 1258 -12.95 -11.31 -8.88
C TYR D 1258 -13.45 -10.30 -7.87
N GLY D 1259 -13.31 -9.02 -8.18
CA GLY D 1259 -13.57 -7.96 -7.23
C GLY D 1259 -12.61 -7.92 -6.05
N GLU D 1260 -11.74 -8.91 -5.91
CA GLU D 1260 -10.85 -9.03 -4.77
C GLU D 1260 -9.43 -8.73 -5.21
N PRO D 1261 -8.80 -7.68 -4.67
CA PRO D 1261 -7.43 -7.35 -5.09
C PRO D 1261 -6.46 -8.47 -4.73
N PHE D 1262 -5.43 -8.61 -5.55
CA PHE D 1262 -4.41 -9.63 -5.33
C PHE D 1262 -3.09 -9.11 -5.89
N SER D 1263 -2.02 -9.30 -5.14
CA SER D 1263 -0.70 -8.88 -5.57
C SER D 1263 0.33 -9.89 -5.09
N ILE D 1264 1.39 -10.04 -5.86
CA ILE D 1264 2.47 -10.97 -5.53
C ILE D 1264 3.37 -10.22 -4.54
N TYR D 1265 3.04 -10.34 -3.26
CA TYR D 1265 3.82 -9.68 -2.23
C TYR D 1265 5.19 -10.32 -2.05
N GLY D 1266 5.37 -11.57 -2.51
CA GLY D 1266 6.61 -12.27 -2.30
C GLY D 1266 7.83 -11.53 -2.81
N ARG D 1267 7.67 -10.78 -3.91
CA ARG D 1267 8.78 -10.00 -4.43
C ARG D 1267 9.33 -9.06 -3.38
N PHE D 1268 8.44 -8.34 -2.69
CA PHE D 1268 8.88 -7.48 -1.60
C PHE D 1268 9.59 -8.29 -0.52
N LEU D 1269 9.06 -9.47 -0.20
CA LEU D 1269 9.74 -10.34 0.75
C LEU D 1269 11.13 -10.68 0.27
N LEU D 1270 11.29 -10.95 -1.03
CA LEU D 1270 12.60 -11.30 -1.56
C LEU D 1270 13.57 -10.13 -1.52
N THR D 1271 13.07 -8.93 -1.21
CA THR D 1271 13.98 -7.76 -1.11
C THR D 1271 14.35 -7.53 0.35
N SER D 1272 14.03 -8.47 1.24
CA SER D 1272 14.45 -8.35 2.63
C SER D 1272 15.96 -8.47 2.81
N VAL D 1273 16.65 -9.12 1.87
CA VAL D 1273 18.10 -9.19 1.89
C VAL D 1273 18.67 -8.32 0.78
N GLY D 1274 17.87 -7.36 0.33
CA GLY D 1274 18.27 -6.50 -0.76
C GLY D 1274 19.37 -5.52 -0.37
N ASP D 1275 19.76 -4.72 -1.35
CA ASP D 1275 20.81 -3.73 -1.11
C ASP D 1275 20.30 -2.63 -0.18
N CYS D 1276 21.25 -1.86 0.35
CA CYS D 1276 20.94 -0.76 1.26
C CYS D 1276 21.99 0.32 1.09
N ALA D 1277 21.86 1.39 1.89
CA ALA D 1277 22.80 2.49 1.79
C ALA D 1277 24.14 2.16 2.42
N TYR D 1278 24.20 1.16 3.30
CA TYR D 1278 25.43 0.75 3.98
C TYR D 1278 26.06 1.92 4.74
N ILE D 1279 25.29 2.47 5.67
CA ILE D 1279 25.78 3.53 6.54
C ILE D 1279 26.06 3.05 7.95
N GLY D 1280 25.34 2.05 8.46
CA GLY D 1280 25.54 1.54 9.79
C GLY D 1280 24.60 0.41 10.12
N PRO D 1281 24.73 -0.13 11.33
CA PRO D 1281 23.86 -1.25 11.73
C PRO D 1281 22.38 -0.89 11.74
N TYR D 1282 22.04 0.38 11.98
CA TYR D 1282 20.64 0.76 12.14
C TYR D 1282 20.00 1.18 10.83
N GLU D 1283 20.73 1.92 9.98
CA GLU D 1283 20.15 2.41 8.73
C GLU D 1283 19.79 1.26 7.80
N ASP D 1284 20.67 0.25 7.69
CA ASP D 1284 20.37 -0.90 6.84
C ASP D 1284 19.16 -1.66 7.35
N LEU D 1285 19.08 -1.84 8.68
CA LEU D 1285 17.93 -2.51 9.26
C LEU D 1285 16.65 -1.75 8.97
N ALA D 1286 16.69 -0.42 9.06
CA ALA D 1286 15.53 0.39 8.71
C ALA D 1286 15.15 0.22 7.24
N SER D 1287 16.16 0.28 6.37
CA SER D 1287 15.90 0.17 4.93
C SER D 1287 15.28 -1.19 4.63
N ARG D 1288 15.87 -2.26 5.15
CA ARG D 1288 15.38 -3.65 4.90
C ARG D 1288 13.99 -3.84 5.52
N ILE D 1289 13.71 -3.24 6.68
CA ILE D 1289 12.39 -3.38 7.34
C ILE D 1289 11.31 -2.79 6.43
N SER D 1290 11.67 -1.80 5.61
CA SER D 1290 10.71 -1.18 4.66
C SER D 1290 10.17 -2.25 3.71
N SER D 1291 11.02 -3.17 3.26
CA SER D 1291 10.59 -4.27 2.36
C SER D 1291 9.54 -5.07 3.07
N ALA D 1292 9.71 -5.28 4.37
CA ALA D 1292 8.66 -5.98 5.15
C ALA D 1292 7.41 -5.11 5.25
N GLN D 1293 7.53 -3.82 5.61
CA GLN D 1293 6.24 -3.11 5.67
C GLN D 1293 5.58 -3.05 4.30
N THR D 1294 6.37 -2.83 3.25
CA THR D 1294 5.80 -2.78 1.90
C THR D 1294 5.16 -4.11 1.54
N ALA D 1295 5.80 -5.22 1.92
CA ALA D 1295 5.18 -6.53 1.74
C ALA D 1295 3.90 -6.65 2.56
N ILE D 1296 3.90 -6.13 3.78
CA ILE D 1296 2.70 -6.17 4.61
C ILE D 1296 1.55 -5.44 3.94
N LYS D 1297 1.85 -4.34 3.24
CA LYS D 1297 0.80 -3.57 2.57
C LYS D 1297 0.08 -4.42 1.53
N HIS D 1298 0.80 -5.29 0.84
CA HIS D 1298 0.23 -6.11 -0.22
C HIS D 1298 -0.27 -7.46 0.29
N GLY D 1299 -1.07 -7.42 1.34
CA GLY D 1299 -1.74 -8.62 1.84
C GLY D 1299 -0.82 -9.74 2.28
N CYS D 1300 0.32 -9.41 2.88
CA CYS D 1300 1.20 -10.47 3.37
C CYS D 1300 0.71 -10.98 4.73
N PRO D 1301 0.67 -12.31 4.97
CA PRO D 1301 0.16 -12.86 6.21
C PRO D 1301 1.10 -12.43 7.35
N PRO D 1302 0.63 -12.25 8.61
CA PRO D 1302 1.52 -11.84 9.66
C PRO D 1302 2.81 -12.66 9.81
N SER D 1303 2.73 -13.99 9.79
CA SER D 1303 3.92 -14.83 10.07
C SER D 1303 5.04 -14.62 9.06
N LEU D 1304 4.72 -14.58 7.77
CA LEU D 1304 5.76 -14.46 6.73
C LEU D 1304 6.37 -13.05 6.78
N ALA D 1305 5.63 -12.07 7.30
CA ALA D 1305 6.21 -10.71 7.47
C ALA D 1305 7.18 -10.74 8.65
N TRP D 1306 6.85 -11.46 9.72
CA TRP D 1306 7.78 -11.63 10.83
C TRP D 1306 9.03 -12.36 10.40
N VAL D 1307 8.89 -13.35 9.52
CA VAL D 1307 10.05 -14.05 8.98
C VAL D 1307 10.92 -13.08 8.19
N SER D 1308 10.30 -12.19 7.41
CA SER D 1308 11.06 -11.20 6.65
C SER D 1308 11.80 -10.25 7.58
N ILE D 1309 11.16 -9.81 8.67
CA ILE D 1309 11.82 -8.94 9.64
C ILE D 1309 13.00 -9.66 10.27
N ALA D 1310 12.81 -10.93 10.63
CA ALA D 1310 13.90 -11.71 11.21
C ALA D 1310 15.05 -11.85 10.24
N ILE D 1311 14.75 -12.09 8.96
CA ILE D 1311 15.78 -12.25 7.95
C ILE D 1311 16.53 -10.94 7.73
N SER D 1312 15.81 -9.81 7.78
CA SER D 1312 16.47 -8.51 7.69
C SER D 1312 17.42 -8.29 8.85
N HIS D 1313 16.98 -8.60 10.06
CA HIS D 1313 17.86 -8.47 11.23
C HIS D 1313 19.08 -9.37 11.10
N TRP D 1314 18.87 -10.62 10.65
CA TRP D 1314 19.98 -11.54 10.49
C TRP D 1314 20.97 -11.04 9.43
N MET D 1315 20.46 -10.51 8.32
CA MET D 1315 21.33 -10.00 7.28
C MET D 1315 22.15 -8.82 7.77
N THR D 1316 21.53 -7.90 8.51
CA THR D 1316 22.27 -6.76 9.06
C THR D 1316 23.34 -7.23 10.04
N SER D 1317 22.98 -8.15 10.93
CA SER D 1317 23.93 -8.65 11.91
C SER D 1317 25.11 -9.35 11.23
N LEU D 1318 24.83 -10.14 10.21
CA LEU D 1318 25.90 -10.81 9.48
C LEU D 1318 26.77 -9.80 8.74
N THR D 1319 26.16 -8.74 8.21
CA THR D 1319 26.93 -7.71 7.53
C THR D 1319 27.89 -7.02 8.50
N TYR D 1320 27.45 -6.75 9.72
CA TYR D 1320 28.29 -6.07 10.70
C TYR D 1320 28.80 -6.98 11.81
N ASN D 1321 28.88 -8.29 11.56
CA ASN D 1321 29.43 -9.25 12.52
C ASN D 1321 28.75 -9.15 13.88
N MET D 1322 27.41 -9.05 13.87
CA MET D 1322 26.62 -8.89 15.07
C MET D 1322 25.83 -10.15 15.42
N LEU D 1323 26.08 -11.26 14.74
CA LEU D 1323 25.36 -12.49 15.05
C LEU D 1323 25.84 -13.02 16.40
N PRO D 1324 25.01 -13.83 17.09
CA PRO D 1324 25.40 -14.35 18.40
C PRO D 1324 26.71 -15.13 18.36
N GLY D 1325 27.63 -14.78 19.25
CA GLY D 1325 28.93 -15.41 19.33
C GLY D 1325 30.02 -14.66 18.59
N GLN D 1326 29.65 -13.76 17.68
CA GLN D 1326 30.64 -13.02 16.92
C GLN D 1326 31.23 -11.88 17.77
N SER D 1327 32.16 -11.15 17.16
CA SER D 1327 32.92 -10.14 17.91
C SER D 1327 32.05 -8.98 18.36
N ASN D 1328 31.16 -8.49 17.50
CA ASN D 1328 30.40 -7.28 17.79
C ASN D 1328 29.03 -7.58 18.40
N ASP D 1329 28.87 -8.74 19.03
CA ASP D 1329 27.61 -9.07 19.69
C ASP D 1329 27.48 -8.24 20.96
N PRO D 1330 26.46 -7.39 21.09
CA PRO D 1330 26.35 -6.51 22.26
C PRO D 1330 25.59 -7.09 23.45
N ILE D 1331 25.21 -8.36 23.40
CA ILE D 1331 24.37 -8.92 24.46
C ILE D 1331 25.10 -8.97 25.79
N ASP D 1332 26.40 -9.25 25.77
CA ASP D 1332 27.18 -9.41 27.00
C ASP D 1332 27.69 -8.08 27.54
N TYR D 1333 27.41 -6.97 26.87
CA TYR D 1333 27.88 -5.66 27.30
C TYR D 1333 26.78 -4.75 27.84
N PHE D 1334 25.52 -5.15 27.73
CA PHE D 1334 24.39 -4.39 28.21
C PHE D 1334 23.60 -5.22 29.20
N PRO D 1335 22.91 -4.58 30.15
CA PRO D 1335 22.07 -5.33 31.09
C PRO D 1335 20.82 -5.86 30.42
N ALA D 1336 20.96 -6.93 29.65
CA ALA D 1336 19.84 -7.49 28.90
C ALA D 1336 19.99 -9.00 28.82
N GLU D 1337 18.87 -9.70 28.92
CA GLU D 1337 18.86 -11.15 28.80
C GLU D 1337 18.88 -11.63 27.35
N ASN D 1338 18.38 -10.82 26.42
CA ASN D 1338 18.34 -11.18 25.01
C ASN D 1338 18.30 -9.90 24.19
N ARG D 1339 18.63 -10.03 22.90
CA ARG D 1339 18.82 -8.84 22.07
C ARG D 1339 17.51 -8.10 21.81
N LYS D 1340 16.36 -8.70 22.13
CA LYS D 1340 15.11 -7.96 22.05
C LYS D 1340 15.07 -6.83 23.08
N ASP D 1341 15.81 -6.97 24.17
CA ASP D 1341 15.80 -5.94 25.21
C ASP D 1341 16.62 -4.74 24.80
N ILE D 1342 17.73 -4.95 24.09
CA ILE D 1342 18.61 -3.83 23.73
C ILE D 1342 17.88 -2.91 22.76
N PRO D 1343 18.01 -1.59 22.90
CA PRO D 1343 17.36 -0.69 21.93
C PRO D 1343 17.88 -0.90 20.52
N ILE D 1344 17.03 -0.57 19.54
CA ILE D 1344 17.35 -0.81 18.14
C ILE D 1344 18.60 -0.04 17.74
N GLU D 1345 18.70 1.23 18.15
CA GLU D 1345 19.85 2.05 17.77
C GLU D 1345 21.14 1.52 18.37
N LEU D 1346 21.04 0.76 19.46
CA LEU D 1346 22.20 0.12 20.08
C LEU D 1346 22.38 -1.32 19.64
N ASN D 1347 22.02 -1.63 18.39
CA ASN D 1347 22.25 -2.94 17.78
C ASN D 1347 21.38 -4.02 18.42
N GLY D 1348 20.17 -3.66 18.82
CA GLY D 1348 19.17 -4.62 19.22
C GLY D 1348 18.26 -4.99 18.06
N VAL D 1349 17.29 -5.84 18.34
CA VAL D 1349 16.30 -6.24 17.35
C VAL D 1349 14.96 -5.63 17.72
N LEU D 1350 14.14 -5.40 16.69
CA LEU D 1350 12.85 -4.73 16.90
C LEU D 1350 11.87 -5.67 17.58
N ASP D 1351 11.22 -5.17 18.63
CA ASP D 1351 10.22 -5.93 19.38
C ASP D 1351 8.99 -5.05 19.55
N ALA D 1352 7.97 -5.31 18.73
CA ALA D 1352 6.74 -4.53 18.75
C ALA D 1352 5.67 -5.25 17.94
N PRO D 1353 4.38 -4.97 18.18
CA PRO D 1353 3.34 -5.59 17.35
C PRO D 1353 3.47 -5.19 15.89
N LEU D 1354 3.07 -6.10 15.00
CA LEU D 1354 3.22 -5.86 13.57
C LEU D 1354 2.42 -4.64 13.11
N SER D 1355 1.26 -4.40 13.73
CA SER D 1355 0.48 -3.22 13.40
C SER D 1355 1.25 -1.95 13.74
N MET D 1356 1.92 -1.94 14.89
CA MET D 1356 2.75 -0.80 15.25
C MET D 1356 3.88 -0.61 14.26
N ILE D 1357 4.57 -1.69 13.89
CA ILE D 1357 5.67 -1.61 12.95
C ILE D 1357 5.19 -1.02 11.63
N SER D 1358 4.01 -1.46 11.17
CA SER D 1358 3.47 -0.94 9.92
C SER D 1358 3.08 0.52 10.03
N THR D 1359 2.50 0.93 11.17
CA THR D 1359 1.94 2.27 11.27
C THR D 1359 3.00 3.32 11.62
N VAL D 1360 3.63 3.20 12.78
CA VAL D 1360 4.50 4.28 13.25
C VAL D 1360 5.88 4.18 12.60
N GLY D 1361 6.22 3.02 12.06
CA GLY D 1361 7.43 2.90 11.26
C GLY D 1361 8.74 2.99 12.01
N LEU D 1362 9.07 1.96 12.78
CA LEU D 1362 10.33 1.71 13.47
C LEU D 1362 10.49 2.55 14.73
N GLU D 1363 9.58 3.47 15.03
CA GLU D 1363 9.50 4.07 16.35
C GLU D 1363 8.69 3.20 17.30
N SER D 1364 8.14 2.09 16.80
CA SER D 1364 7.36 1.19 17.63
C SER D 1364 8.19 0.55 18.73
N GLY D 1365 9.52 0.59 18.62
CA GLY D 1365 10.36 0.05 19.67
C GLY D 1365 10.21 0.81 20.98
N ASN D 1366 10.54 2.11 20.94
CA ASN D 1366 10.40 2.94 22.14
C ASN D 1366 8.95 3.02 22.58
N LEU D 1367 8.02 3.14 21.63
CA LEU D 1367 6.60 3.24 21.98
C LEU D 1367 6.13 1.98 22.69
N TYR D 1368 6.54 0.80 22.20
CA TYR D 1368 6.13 -0.45 22.83
C TYR D 1368 6.80 -0.63 24.18
N PHE D 1369 8.07 -0.21 24.31
CA PHE D 1369 8.72 -0.29 25.62
C PHE D 1369 8.00 0.58 26.64
N LEU D 1370 7.63 1.80 26.25
CA LEU D 1370 6.92 2.68 27.16
C LEU D 1370 5.52 2.15 27.48
N ILE D 1371 4.87 1.52 26.50
CA ILE D 1371 3.55 0.94 26.75
C ILE D 1371 3.65 -0.24 27.72
N LYS D 1372 4.69 -1.06 27.57
CA LYS D 1372 4.92 -2.14 28.53
C LYS D 1372 5.16 -1.59 29.92
N LEU D 1373 5.96 -0.53 30.03
CA LEU D 1373 6.19 0.10 31.32
C LEU D 1373 4.89 0.62 31.93
N LEU D 1374 4.05 1.25 31.11
CA LEU D 1374 2.76 1.73 31.60
C LEU D 1374 1.88 0.58 32.08
N SER D 1375 1.83 -0.49 31.29
CA SER D 1375 1.00 -1.64 31.66
C SER D 1375 1.49 -2.32 32.93
N LYS D 1376 2.80 -2.25 33.21
CA LYS D 1376 3.36 -2.91 34.39
C LYS D 1376 3.33 -2.06 35.65
N TYR D 1377 3.55 -0.75 35.54
CA TYR D 1377 3.82 0.08 36.71
C TYR D 1377 2.72 1.07 37.05
N THR D 1378 1.69 1.21 36.23
CA THR D 1378 0.57 2.06 36.62
C THR D 1378 -0.29 1.36 37.66
N PRO D 1379 -0.97 2.13 38.52
CA PRO D 1379 -1.86 1.51 39.50
C PRO D 1379 -3.00 0.76 38.83
N VAL D 1380 -3.54 -0.22 39.56
CA VAL D 1380 -4.60 -1.06 38.99
C VAL D 1380 -5.83 -0.23 38.67
N MET D 1381 -6.15 0.76 39.51
CA MET D 1381 -7.37 1.54 39.30
C MET D 1381 -7.26 2.43 38.05
N GLN D 1382 -6.03 2.82 37.69
CA GLN D 1382 -5.84 3.57 36.43
C GLN D 1382 -5.16 2.65 35.42
N LYS D 1383 -5.58 1.38 35.34
CA LYS D 1383 -4.99 0.42 34.42
C LYS D 1383 -5.81 0.20 33.17
N ARG D 1384 -7.09 0.59 33.16
CA ARG D 1384 -7.98 0.41 32.02
C ARG D 1384 -8.44 1.80 31.54
N GLU D 1385 -7.49 2.72 31.45
CA GLU D 1385 -7.79 4.09 31.05
C GLU D 1385 -6.91 4.45 29.85
N SER D 1386 -7.14 5.65 29.31
CA SER D 1386 -6.41 6.10 28.15
C SER D 1386 -4.94 6.30 28.47
N VAL D 1387 -4.13 6.44 27.42
CA VAL D 1387 -2.68 6.54 27.60
C VAL D 1387 -2.30 7.84 28.32
N VAL D 1388 -3.05 8.93 28.07
CA VAL D 1388 -2.71 10.20 28.72
C VAL D 1388 -3.02 10.14 30.21
N ASN D 1389 -4.13 9.48 30.58
CA ASN D 1389 -4.45 9.34 31.99
C ASN D 1389 -3.42 8.50 32.72
N GLN D 1390 -2.92 7.46 32.06
CA GLN D 1390 -1.92 6.56 32.70
C GLN D 1390 -0.55 7.24 32.74
N ILE D 1391 -0.24 8.10 31.76
CA ILE D 1391 1.06 8.84 31.75
C ILE D 1391 1.04 9.88 32.87
N ALA D 1392 -0.14 10.37 33.24
CA ALA D 1392 -0.26 11.35 34.34
C ALA D 1392 0.19 10.72 35.66
N GLU D 1393 0.01 9.41 35.82
CA GLU D 1393 0.30 8.73 37.12
C GLU D 1393 1.78 8.33 37.20
N VAL D 1394 2.61 8.78 36.26
CA VAL D 1394 4.08 8.48 36.28
C VAL D 1394 4.70 9.10 37.54
N LYS D 1395 4.16 10.21 38.03
CA LYS D 1395 4.70 10.87 39.24
C LYS D 1395 4.64 9.90 40.43
N ASN D 1396 3.57 9.12 40.53
CA ASN D 1396 3.41 8.16 41.64
C ASN D 1396 4.50 7.10 41.62
N TRP D 1397 4.96 6.69 40.43
CA TRP D 1397 5.94 5.60 40.29
C TRP D 1397 7.12 5.65 41.25
N LYS D 1398 7.68 4.48 41.60
CA LYS D 1398 8.85 4.34 42.46
C LYS D 1398 9.99 3.81 41.63
N VAL D 1399 10.99 4.65 41.38
CA VAL D 1399 12.13 4.26 40.55
C VAL D 1399 13.01 3.22 41.21
N GLU D 1400 12.77 2.90 42.48
CA GLU D 1400 13.55 1.87 43.16
C GLU D 1400 13.19 0.49 42.62
N ASP D 1401 11.92 0.29 42.23
CA ASP D 1401 11.46 -1.01 41.78
C ASP D 1401 11.79 -1.28 40.31
N LEU D 1402 12.29 -0.29 39.57
CA LEU D 1402 12.61 -0.51 38.17
C LEU D 1402 13.75 -1.51 38.02
N THR D 1403 13.61 -2.42 37.07
CA THR D 1403 14.65 -3.39 36.80
C THR D 1403 15.83 -2.72 36.11
N ASP D 1404 16.96 -3.43 36.09
CA ASP D 1404 18.19 -2.86 35.52
C ASP D 1404 18.03 -2.58 34.04
N ASN D 1405 17.38 -3.48 33.30
CA ASN D 1405 17.17 -3.26 31.88
C ASN D 1405 16.29 -2.04 31.63
N GLU D 1406 15.23 -1.88 32.43
CA GLU D 1406 14.34 -0.74 32.26
C GLU D 1406 15.06 0.56 32.60
N ILE D 1407 15.89 0.55 33.65
CA ILE D 1407 16.66 1.75 33.98
C ILE D 1407 17.63 2.09 32.85
N PHE D 1408 18.28 1.07 32.28
CA PHE D 1408 19.19 1.31 31.17
C PHE D 1408 18.48 1.92 29.97
N ARG D 1409 17.34 1.34 29.59
CA ARG D 1409 16.62 1.85 28.41
C ARG D 1409 16.06 3.24 28.68
N LEU D 1410 15.57 3.50 29.89
CA LEU D 1410 15.06 4.82 30.22
C LEU D 1410 16.17 5.86 30.22
N LYS D 1411 17.36 5.49 30.71
CA LYS D 1411 18.49 6.41 30.66
C LYS D 1411 18.89 6.70 29.21
N ILE D 1412 18.88 5.67 28.36
CA ILE D 1412 19.15 5.88 26.94
C ILE D 1412 18.15 6.88 26.36
N LEU D 1413 16.86 6.67 26.63
CA LEU D 1413 15.84 7.55 26.08
C LEU D 1413 15.99 8.98 26.61
N ARG D 1414 16.31 9.12 27.91
CA ARG D 1414 16.35 10.47 28.54
C ARG D 1414 17.60 11.25 28.13
N TYR D 1415 18.73 10.58 27.91
CA TYR D 1415 19.96 11.30 27.65
C TYR D 1415 20.46 11.20 26.21
N LEU D 1416 20.47 10.01 25.61
CA LEU D 1416 20.93 9.85 24.25
C LEU D 1416 19.92 10.32 23.21
N VAL D 1417 18.62 10.19 23.49
CA VAL D 1417 17.58 10.58 22.56
C VAL D 1417 17.10 12.00 22.82
N LEU D 1418 16.70 12.28 24.06
CA LEU D 1418 16.18 13.64 24.39
C LEU D 1418 17.33 14.55 24.84
N ASP D 1419 17.03 15.66 25.50
CA ASP D 1419 18.07 16.63 25.94
C ASP D 1419 17.90 16.91 27.43
N ALA D 1420 18.99 17.23 28.13
CA ALA D 1420 18.91 17.39 29.59
C ALA D 1420 18.31 18.75 29.97
N GLU D 1421 18.00 19.60 28.99
CA GLU D 1421 17.39 20.87 29.32
C GLU D 1421 15.87 20.81 29.36
N MET D 1422 15.26 19.69 28.98
CA MET D 1422 13.81 19.58 29.00
C MET D 1422 13.29 19.45 30.42
N ASP D 1423 12.07 19.91 30.62
CA ASP D 1423 11.40 19.88 31.92
C ASP D 1423 10.00 19.33 31.71
N PRO D 1424 9.42 18.70 32.75
CA PRO D 1424 8.02 18.25 32.65
C PRO D 1424 7.05 19.40 32.46
N SER D 1425 7.42 20.62 32.88
CA SER D 1425 6.56 21.78 32.72
C SER D 1425 6.51 22.28 31.29
N ASP D 1426 7.35 21.75 30.39
CA ASP D 1426 7.30 22.16 29.00
C ASP D 1426 5.94 21.81 28.38
N ILE D 1427 5.39 22.77 27.63
CA ILE D 1427 4.08 22.60 27.02
C ILE D 1427 4.15 22.47 25.51
N MET D 1428 5.33 22.67 24.90
CA MET D 1428 5.45 22.60 23.44
C MET D 1428 6.89 22.18 23.14
N GLY D 1429 7.06 20.89 22.84
CA GLY D 1429 8.36 20.31 22.61
C GLY D 1429 8.46 19.64 21.26
N GLU D 1430 9.67 19.14 20.98
CA GLU D 1430 9.95 18.55 19.66
C GLU D 1430 9.33 17.16 19.55
N THR D 1431 8.91 16.79 18.35
CA THR D 1431 8.30 15.51 18.07
C THR D 1431 9.38 14.54 17.58
N SER D 1432 9.09 13.25 17.70
CA SER D 1432 10.07 12.22 17.37
C SER D 1432 10.52 12.32 15.91
N ASP D 1433 9.70 12.93 15.06
CA ASP D 1433 10.08 13.09 13.66
C ASP D 1433 11.15 14.16 13.49
N MET D 1434 11.34 15.00 14.50
CA MET D 1434 12.29 16.11 14.43
C MET D 1434 13.70 15.73 14.89
N ARG D 1435 13.93 14.46 15.22
CA ARG D 1435 15.23 14.01 15.70
C ARG D 1435 15.60 12.69 15.05
N GLY D 1436 16.90 12.44 14.95
CA GLY D 1436 17.42 11.22 14.38
C GLY D 1436 17.67 10.16 15.44
N ARG D 1437 17.77 8.92 14.99
CA ARG D 1437 17.95 7.78 15.89
C ARG D 1437 19.32 7.13 15.78
N SER D 1438 20.11 7.47 14.76
CA SER D 1438 21.42 6.85 14.61
C SER D 1438 22.37 7.32 15.71
N ILE D 1439 23.09 6.36 16.29
CA ILE D 1439 24.08 6.67 17.33
C ILE D 1439 25.44 6.16 16.89
N LEU D 1440 25.55 4.85 16.68
CA LEU D 1440 26.80 4.21 16.26
C LEU D 1440 26.81 4.13 14.74
N THR D 1441 27.31 5.18 14.11
CA THR D 1441 27.45 5.21 12.66
C THR D 1441 28.92 5.06 12.30
N PRO D 1442 29.32 3.94 11.69
CA PRO D 1442 30.72 3.78 11.30
C PRO D 1442 31.16 4.86 10.33
N ARG D 1443 32.40 5.33 10.50
CA ARG D 1443 32.96 6.35 9.63
C ARG D 1443 33.83 5.71 8.57
N LYS D 1444 33.59 6.12 7.32
CA LYS D 1444 34.28 5.46 6.18
C LYS D 1444 35.40 6.31 5.61
N PHE D 1445 36.60 5.76 5.58
CA PHE D 1445 37.76 6.40 4.95
C PHE D 1445 37.82 5.94 3.49
N THR D 1446 37.30 6.77 2.59
CA THR D 1446 37.16 6.39 1.19
C THR D 1446 37.98 7.32 0.31
N THR D 1447 38.30 6.83 -0.89
CA THR D 1447 39.01 7.65 -1.87
C THR D 1447 38.14 8.81 -2.30
N ALA D 1448 38.79 9.94 -2.59
CA ALA D 1448 38.05 11.16 -2.92
C ALA D 1448 37.25 11.00 -4.20
N GLY D 1449 37.73 10.16 -5.12
CA GLY D 1449 37.12 10.06 -6.44
C GLY D 1449 37.66 11.14 -7.36
N SER D 1450 37.28 11.02 -8.64
CA SER D 1450 37.82 11.97 -9.62
C SER D 1450 37.04 13.27 -9.61
N LEU D 1451 35.78 13.23 -10.03
CA LEU D 1451 34.89 14.40 -10.15
C LEU D 1451 35.50 15.52 -10.99
N ARG D 1452 36.51 15.24 -11.81
CA ARG D 1452 37.13 16.29 -12.62
C ARG D 1452 36.17 16.83 -13.67
N LYS D 1453 35.37 15.96 -14.29
CA LYS D 1453 34.59 16.37 -15.45
C LYS D 1453 33.53 17.40 -15.11
N LEU D 1454 33.16 17.49 -13.84
CA LEU D 1454 32.08 18.40 -13.44
C LEU D 1454 32.53 19.86 -13.53
N TYR D 1455 31.72 20.67 -14.20
CA TYR D 1455 31.98 22.11 -14.27
C TYR D 1455 31.83 22.77 -12.90
N SER D 1456 30.74 22.47 -12.20
CA SER D 1456 30.50 23.06 -10.90
C SER D 1456 31.55 22.64 -9.87
N PHE D 1457 32.09 21.42 -9.97
CA PHE D 1457 33.17 21.03 -9.08
C PHE D 1457 34.44 21.83 -9.37
N SER D 1458 34.72 22.11 -10.64
CA SER D 1458 35.86 22.95 -10.97
C SER D 1458 35.68 24.36 -10.42
N LYS D 1459 34.46 24.91 -10.52
CA LYS D 1459 34.19 26.21 -9.93
C LYS D 1459 34.36 26.18 -8.41
N TYR D 1460 33.92 25.09 -7.78
CA TYR D 1460 34.08 24.95 -6.34
C TYR D 1460 35.55 24.90 -5.94
N GLN D 1461 36.36 24.17 -6.72
CA GLN D 1461 37.80 24.13 -6.44
C GLN D 1461 38.43 25.50 -6.61
N ASP D 1462 38.04 26.23 -7.66
CA ASP D 1462 38.57 27.58 -7.84
C ASP D 1462 38.18 28.50 -6.70
N ARG D 1463 36.93 28.40 -6.22
CA ARG D 1463 36.51 29.20 -5.08
C ARG D 1463 37.29 28.83 -3.83
N LEU D 1464 37.55 27.53 -3.63
CA LEU D 1464 38.34 27.08 -2.48
C LEU D 1464 39.75 27.63 -2.53
N SER D 1465 40.37 27.62 -3.73
CA SER D 1465 41.73 28.11 -3.85
C SER D 1465 41.81 29.61 -3.63
N SER D 1466 40.75 30.34 -3.99
CA SER D 1466 40.75 31.78 -3.82
C SER D 1466 40.80 32.12 -2.33
N PRO D 1467 41.50 33.20 -1.95
CA PRO D 1467 41.57 33.56 -0.53
C PRO D 1467 40.33 34.33 -0.10
N GLY D 1468 39.70 33.84 0.96
CA GLY D 1468 38.47 34.44 1.46
C GLY D 1468 37.28 34.18 0.56
N GLY D 1469 37.40 33.15 -0.29
CA GLY D 1469 36.28 32.80 -1.16
C GLY D 1469 35.15 32.11 -0.41
N MET D 1470 35.50 31.19 0.51
CA MET D 1470 34.48 30.39 1.18
C MET D 1470 33.73 31.18 2.25
N VAL D 1471 34.35 32.20 2.82
CA VAL D 1471 33.68 32.98 3.86
C VAL D 1471 32.50 33.74 3.28
N GLU D 1472 32.63 34.24 2.04
CA GLU D 1472 31.51 34.91 1.40
C GLU D 1472 30.35 33.95 1.16
N LEU D 1473 30.66 32.74 0.68
CA LEU D 1473 29.63 31.71 0.53
C LEU D 1473 28.93 31.43 1.86
N PHE D 1474 29.71 31.24 2.92
CA PHE D 1474 29.13 30.85 4.21
C PHE D 1474 28.30 31.98 4.80
N THR D 1475 28.77 33.23 4.67
CA THR D 1475 27.99 34.34 5.21
C THR D 1475 26.74 34.60 4.37
N TYR D 1476 26.78 34.34 3.06
CA TYR D 1476 25.58 34.42 2.24
C TYR D 1476 24.57 33.37 2.68
N LEU D 1477 25.05 32.15 2.94
CA LEU D 1477 24.16 31.10 3.41
C LEU D 1477 23.54 31.42 4.76
N LEU D 1478 24.35 31.95 5.68
CA LEU D 1478 23.83 32.30 7.00
C LEU D 1478 22.83 33.44 6.91
N GLU D 1479 23.11 34.44 6.06
CA GLU D 1479 22.18 35.56 5.91
C GLU D 1479 20.88 35.12 5.26
N LYS D 1480 20.90 34.05 4.48
CA LYS D 1480 19.73 33.53 3.77
C LYS D 1480 19.61 32.03 4.03
N PRO D 1481 19.26 31.64 5.26
CA PRO D 1481 19.29 30.22 5.62
C PRO D 1481 18.14 29.39 5.08
N GLU D 1482 17.04 30.02 4.65
CA GLU D 1482 15.88 29.26 4.18
C GLU D 1482 16.23 28.35 3.03
N LEU D 1483 17.27 28.66 2.27
CA LEU D 1483 17.76 27.78 1.22
C LEU D 1483 18.83 26.82 1.72
N LEU D 1484 18.58 26.20 2.87
CA LEU D 1484 19.39 25.09 3.35
C LEU D 1484 18.57 23.81 3.48
N VAL D 1485 17.24 23.90 3.42
CA VAL D 1485 16.36 22.74 3.51
C VAL D 1485 15.38 22.79 2.36
N THR D 1486 15.43 23.86 1.57
CA THR D 1486 14.54 24.07 0.44
C THR D 1486 15.34 24.45 -0.79
N LYS D 1487 14.63 24.86 -1.83
CA LYS D 1487 15.25 25.26 -3.10
C LYS D 1487 15.19 26.78 -3.25
N GLY D 1488 16.21 27.34 -3.89
CA GLY D 1488 16.21 28.77 -4.12
C GLY D 1488 15.21 29.18 -5.18
N GLU D 1489 14.91 30.48 -5.25
CA GLU D 1489 13.90 30.97 -6.21
C GLU D 1489 14.57 31.64 -7.41
N ASP D 1490 15.90 31.72 -7.43
CA ASP D 1490 16.58 32.31 -8.57
C ASP D 1490 17.95 31.65 -8.74
N MET D 1491 18.66 32.06 -9.78
CA MET D 1491 19.92 31.42 -10.13
C MET D 1491 21.00 31.66 -9.07
N LYS D 1492 21.01 32.82 -8.44
CA LYS D 1492 22.05 33.12 -7.46
C LYS D 1492 21.97 32.18 -6.26
N ASP D 1493 20.76 31.91 -5.78
CA ASP D 1493 20.59 30.97 -4.68
C ASP D 1493 20.99 29.57 -5.08
N TYR D 1494 20.61 29.15 -6.29
CA TYR D 1494 20.90 27.79 -6.74
C TYR D 1494 22.40 27.56 -6.88
N MET D 1495 23.13 28.53 -7.45
CA MET D 1495 24.57 28.38 -7.59
C MET D 1495 25.24 28.21 -6.22
N GLU D 1496 24.90 29.07 -5.27
CA GLU D 1496 25.52 29.01 -3.96
C GLU D 1496 25.15 27.72 -3.24
N SER D 1497 23.90 27.26 -3.43
CA SER D 1497 23.47 26.01 -2.83
C SER D 1497 24.27 24.83 -3.37
N VAL D 1498 24.50 24.80 -4.68
CA VAL D 1498 25.30 23.71 -5.26
C VAL D 1498 26.73 23.76 -4.73
N ILE D 1499 27.34 24.96 -4.73
CA ILE D 1499 28.71 25.08 -4.26
C ILE D 1499 28.83 24.63 -2.80
N PHE D 1500 27.85 24.98 -1.98
CA PHE D 1500 27.86 24.50 -0.60
C PHE D 1500 27.64 22.99 -0.52
N ARG D 1501 26.77 22.45 -1.36
CA ARG D 1501 26.48 21.02 -1.31
C ARG D 1501 27.72 20.21 -1.68
N TYR D 1502 28.64 20.80 -2.45
CA TYR D 1502 29.90 20.11 -2.71
C TYR D 1502 30.72 19.93 -1.43
N ASN D 1503 30.47 20.74 -0.41
CA ASN D 1503 31.28 20.71 0.80
C ASN D 1503 31.04 19.45 1.62
N SER D 1504 29.92 18.79 1.41
CA SER D 1504 29.55 17.60 2.18
C SER D 1504 30.22 16.37 1.57
N LYS D 1505 30.80 15.53 2.43
CA LYS D 1505 31.49 14.34 1.95
C LYS D 1505 30.51 13.31 1.38
N ARG D 1506 29.33 13.23 1.98
CA ARG D 1506 28.34 12.23 1.54
C ARG D 1506 27.91 12.48 0.10
N PHE D 1507 27.62 13.72 -0.27
CA PHE D 1507 27.22 14.01 -1.63
C PHE D 1507 28.36 13.76 -2.61
N LYS D 1508 29.58 14.13 -2.23
CA LYS D 1508 30.73 13.88 -3.10
C LYS D 1508 30.97 12.39 -3.33
N GLU D 1509 30.79 11.56 -2.30
CA GLU D 1509 30.88 10.12 -2.49
C GLU D 1509 29.71 9.59 -3.30
N SER D 1510 28.54 10.22 -3.18
CA SER D 1510 27.38 9.81 -3.98
C SER D 1510 27.62 10.05 -5.47
N LEU D 1511 28.26 11.18 -5.81
CA LEU D 1511 28.51 11.48 -7.22
C LEU D 1511 29.40 10.43 -7.86
N SER D 1512 30.42 9.98 -7.13
CA SER D 1512 31.31 8.91 -7.66
C SER D 1512 30.49 7.64 -7.86
N ILE D 1513 30.81 6.84 -8.88
CA ILE D 1513 29.98 5.64 -9.19
C ILE D 1513 29.98 4.72 -7.96
N GLN D 1514 28.82 4.24 -7.55
CA GLN D 1514 28.73 3.32 -6.39
C GLN D 1514 27.98 2.05 -6.77
N ASN D 1515 28.55 0.88 -6.45
CA ASN D 1515 27.85 -0.40 -6.71
C ASN D 1515 27.58 -1.05 -5.34
N PRO D 1516 26.36 -1.50 -4.97
CA PRO D 1516 26.13 -2.00 -3.61
C PRO D 1516 27.06 -3.12 -3.18
N ALA D 1517 27.54 -3.94 -4.12
CA ALA D 1517 28.38 -5.08 -3.75
C ALA D 1517 29.69 -4.63 -3.13
N GLN D 1518 30.32 -3.60 -3.71
CA GLN D 1518 31.59 -3.11 -3.18
C GLN D 1518 31.41 -2.54 -1.77
N LEU D 1519 30.33 -1.78 -1.55
CA LEU D 1519 30.04 -1.27 -0.22
C LEU D 1519 29.78 -2.40 0.77
N PHE D 1520 29.07 -3.43 0.32
CA PHE D 1520 28.77 -4.57 1.19
C PHE D 1520 30.05 -5.26 1.64
N ILE D 1521 30.96 -5.52 0.70
CA ILE D 1521 32.22 -6.17 1.06
C ILE D 1521 33.07 -5.26 1.94
N GLU D 1522 33.06 -3.95 1.66
CA GLU D 1522 33.81 -3.02 2.49
C GLU D 1522 33.28 -2.99 3.92
N GLN D 1523 31.96 -2.99 4.08
CA GLN D 1523 31.38 -2.98 5.42
C GLN D 1523 31.64 -4.29 6.14
N ILE D 1524 31.68 -5.41 5.41
CA ILE D 1524 32.09 -6.67 6.03
C ILE D 1524 33.52 -6.57 6.54
N LEU D 1525 34.41 -6.02 5.71
CA LEU D 1525 35.83 -6.01 6.07
C LEU D 1525 36.10 -5.04 7.22
N PHE D 1526 35.58 -3.83 7.15
CA PHE D 1526 35.87 -2.79 8.14
C PHE D 1526 34.87 -2.80 9.27
N SER D 1527 34.84 -3.89 10.04
CA SER D 1527 33.99 -4.01 11.21
C SER D 1527 34.78 -4.06 12.52
N HIS D 1528 35.88 -4.82 12.55
CA HIS D 1528 36.69 -4.89 13.76
C HIS D 1528 37.51 -3.62 13.96
N LYS D 1529 37.75 -2.87 12.89
CA LYS D 1529 38.54 -1.66 12.99
C LYS D 1529 37.76 -0.57 13.72
N PRO D 1530 38.45 0.34 14.41
CA PRO D 1530 37.75 1.46 15.05
C PRO D 1530 37.15 2.39 14.02
N VAL D 1531 35.82 2.49 14.03
CA VAL D 1531 35.09 3.23 13.01
C VAL D 1531 34.11 4.20 13.64
N ILE D 1532 33.98 4.16 14.96
CA ILE D 1532 33.01 4.97 15.69
C ILE D 1532 33.72 6.16 16.30
N ASP D 1533 33.12 7.35 16.15
CA ASP D 1533 33.61 8.56 16.80
C ASP D 1533 32.77 8.80 18.06
N PHE D 1534 33.32 8.37 19.19
CA PHE D 1534 32.57 8.46 20.45
C PHE D 1534 32.45 9.89 20.96
N SER D 1535 33.15 10.84 20.34
CA SER D 1535 33.10 12.22 20.81
C SER D 1535 31.68 12.78 20.75
N GLY D 1536 30.99 12.57 19.63
CA GLY D 1536 29.62 13.06 19.51
C GLY D 1536 28.67 12.35 20.46
N ILE D 1537 28.85 11.04 20.63
CA ILE D 1537 28.00 10.27 21.53
C ILE D 1537 28.14 10.79 22.95
N ARG D 1538 29.37 11.09 23.38
CA ARG D 1538 29.56 11.68 24.70
C ARG D 1538 29.01 13.12 24.73
N ASP D 1539 28.97 13.77 23.57
CA ASP D 1539 28.49 15.19 23.52
C ASP D 1539 26.97 15.24 23.67
N LYS D 1540 26.27 14.15 23.39
CA LYS D 1540 24.79 14.12 23.55
C LYS D 1540 24.45 14.31 25.03
N TYR D 1541 25.17 13.64 25.93
CA TYR D 1541 24.98 13.90 27.39
C TYR D 1541 26.00 14.95 27.81
N ILE D 1542 26.27 15.09 29.11
CA ILE D 1542 27.17 16.20 29.54
C ILE D 1542 28.52 16.04 28.84
N ASN D 1543 29.02 17.14 28.28
CA ASN D 1543 30.34 17.12 27.59
C ASN D 1543 30.61 15.74 26.98
N LEU D 1557 40.67 10.81 23.22
CA LEU D 1557 40.03 9.73 22.50
C LEU D 1557 40.12 9.93 20.99
N GLY D 1558 39.52 9.01 20.25
CA GLY D 1558 39.51 9.09 18.81
C GLY D 1558 38.52 8.11 18.24
N LYS D 1559 38.87 7.53 17.09
CA LYS D 1559 38.05 6.49 16.50
C LYS D 1559 38.05 5.27 17.42
N VAL D 1560 36.87 4.70 17.63
CA VAL D 1560 36.69 3.63 18.60
C VAL D 1560 35.92 2.49 17.95
N THR D 1561 36.14 1.27 18.45
CA THR D 1561 35.45 0.09 17.95
C THR D 1561 34.05 -0.01 18.55
N PHE D 1562 33.30 -1.03 18.11
CA PHE D 1562 31.94 -1.22 18.60
C PHE D 1562 31.94 -1.68 20.05
N THR D 1563 32.76 -2.68 20.39
CA THR D 1563 32.80 -3.22 21.75
C THR D 1563 33.25 -2.16 22.75
N GLU D 1564 34.22 -1.38 22.37
CA GLU D 1564 34.74 -0.42 23.34
C GLU D 1564 33.68 0.64 23.46
N ALA D 1565 33.03 0.96 22.35
CA ALA D 1565 31.96 1.95 22.42
C ALA D 1565 30.85 1.51 23.37
N TYR D 1566 30.50 0.22 23.35
CA TYR D 1566 29.50 -0.30 24.30
C TYR D 1566 29.98 -0.12 25.73
N ARG D 1567 31.25 -0.47 25.99
CA ARG D 1567 31.75 -0.39 27.36
C ARG D 1567 31.81 1.06 27.82
N LEU D 1568 32.22 1.97 26.93
CA LEU D 1568 32.25 3.39 27.26
C LEU D 1568 30.85 3.93 27.54
N LEU D 1569 29.87 3.53 26.73
CA LEU D 1569 28.51 3.98 26.96
C LEU D 1569 27.98 3.49 28.30
N MET D 1570 28.24 2.23 28.64
CA MET D 1570 27.81 1.72 29.93
C MET D 1570 28.54 2.38 31.09
N ARG D 1571 29.82 2.72 30.93
CA ARG D 1571 30.52 3.50 31.96
C ARG D 1571 29.93 4.89 32.11
N ASP D 1572 29.57 5.53 31.01
CA ASP D 1572 29.02 6.88 31.08
C ASP D 1572 27.64 6.89 31.74
N LEU D 1573 26.76 5.97 31.35
CA LEU D 1573 25.42 5.95 31.92
C LEU D 1573 25.40 5.43 33.36
N SER D 1574 26.48 4.81 33.82
CA SER D 1574 26.52 4.34 35.20
C SER D 1574 26.45 5.50 36.19
N SER D 1575 27.16 6.60 35.89
CA SER D 1575 27.18 7.73 36.80
C SER D 1575 25.87 8.50 36.77
N LEU D 1576 25.16 8.46 35.65
CA LEU D 1576 23.92 9.22 35.52
C LEU D 1576 22.83 8.61 36.41
N GLU D 1577 21.80 9.43 36.68
CA GLU D 1577 20.71 9.04 37.56
C GLU D 1577 19.37 9.26 36.87
N LEU D 1578 18.38 8.50 37.31
CA LEU D 1578 17.02 8.58 36.77
C LEU D 1578 16.05 8.88 37.91
N THR D 1579 15.09 9.77 37.63
CA THR D 1579 14.11 10.21 38.62
C THR D 1579 12.74 10.24 37.95
N ASN D 1580 11.69 10.31 38.77
CA ASN D 1580 10.34 10.40 38.23
C ASN D 1580 10.19 11.60 37.29
N ASP D 1581 10.95 12.66 37.55
CA ASP D 1581 10.94 13.81 36.64
C ASP D 1581 11.44 13.40 35.26
N ASP D 1582 12.51 12.60 35.21
CA ASP D 1582 13.05 12.16 33.92
C ASP D 1582 12.08 11.25 33.19
N ILE D 1583 11.40 10.37 33.92
CA ILE D 1583 10.42 9.49 33.29
C ILE D 1583 9.25 10.30 32.76
N GLN D 1584 8.82 11.32 33.51
CA GLN D 1584 7.77 12.20 33.03
C GLN D 1584 8.20 12.93 31.76
N VAL D 1585 9.46 13.40 31.73
CA VAL D 1585 9.97 14.05 30.53
C VAL D 1585 9.96 13.09 29.34
N ILE D 1586 10.39 11.85 29.56
CA ILE D 1586 10.41 10.86 28.49
C ILE D 1586 9.00 10.63 27.95
N TYR D 1587 8.04 10.40 28.85
CA TYR D 1587 6.67 10.12 28.41
C TYR D 1587 6.06 11.33 27.70
N SER D 1588 6.34 12.54 28.19
CA SER D 1588 5.78 13.73 27.57
C SER D 1588 6.40 14.00 26.20
N TYR D 1589 7.69 13.72 26.04
CA TYR D 1589 8.40 14.08 24.82
C TYR D 1589 8.43 12.97 23.79
N ILE D 1590 7.99 11.75 24.13
CA ILE D 1590 7.96 10.65 23.19
C ILE D 1590 6.53 10.35 22.73
N ILE D 1591 5.57 10.38 23.63
CA ILE D 1591 4.20 9.98 23.34
C ILE D 1591 3.26 11.19 23.29
N LEU D 1592 3.31 12.05 24.30
CA LEU D 1592 2.34 13.14 24.41
C LEU D 1592 2.46 14.16 23.30
N ASN D 1593 3.56 14.14 22.57
CA ASN D 1593 3.75 15.15 21.50
C ASN D 1593 2.90 14.79 20.28
N ASP D 1594 3.06 13.62 19.68
CA ASP D 1594 2.45 13.26 18.42
C ASP D 1594 1.06 12.67 18.65
N PRO D 1595 0.01 13.22 18.05
CA PRO D 1595 -1.30 12.58 18.15
C PRO D 1595 -1.33 11.16 17.61
N MET D 1596 -0.54 10.87 16.59
CA MET D 1596 -0.52 9.51 16.04
C MET D 1596 0.02 8.51 17.05
N MET D 1597 1.07 8.89 17.78
CA MET D 1597 1.62 8.00 18.80
C MET D 1597 0.62 7.76 19.92
N ILE D 1598 -0.10 8.82 20.33
CA ILE D 1598 -1.14 8.67 21.35
C ILE D 1598 -2.22 7.72 20.87
N THR D 1599 -2.65 7.89 19.62
CA THR D 1599 -3.68 7.01 19.06
C THR D 1599 -3.22 5.57 19.01
N ILE D 1600 -1.98 5.33 18.58
CA ILE D 1600 -1.46 3.96 18.50
C ILE D 1600 -1.35 3.34 19.89
N ALA D 1601 -0.87 4.11 20.87
CA ALA D 1601 -0.79 3.60 22.23
C ALA D 1601 -2.16 3.27 22.77
N ASN D 1602 -3.15 4.11 22.50
CA ASN D 1602 -4.51 3.84 22.94
C ASN D 1602 -5.07 2.59 22.27
N THR D 1603 -4.79 2.41 20.98
CA THR D 1603 -5.25 1.21 20.29
C THR D 1603 -4.65 -0.04 20.90
N HIS D 1604 -3.36 0.01 21.24
CA HIS D 1604 -2.75 -1.17 21.85
C HIS D 1604 -3.27 -1.42 23.26
N ILE D 1605 -3.47 -0.36 24.04
CA ILE D 1605 -3.89 -0.53 25.43
C ILE D 1605 -5.34 -1.00 25.52
N LEU D 1606 -6.23 -0.41 24.72
CA LEU D 1606 -7.67 -0.59 24.90
C LEU D 1606 -8.29 -1.52 23.86
N SER D 1607 -7.49 -2.30 23.14
CA SER D 1607 -8.04 -3.19 22.12
C SER D 1607 -8.83 -4.33 22.74
N ILE D 1608 -9.91 -4.72 22.08
CA ILE D 1608 -10.71 -5.89 22.43
C ILE D 1608 -10.98 -6.65 21.14
N TYR D 1609 -10.61 -7.93 21.11
CA TYR D 1609 -10.70 -8.73 19.90
C TYR D 1609 -11.99 -9.56 19.92
N GLY D 1610 -12.70 -9.56 18.79
CA GLY D 1610 -14.01 -10.18 18.73
C GLY D 1610 -14.06 -11.51 18.00
N SER D 1611 -15.06 -11.68 17.15
CA SER D 1611 -15.30 -12.96 16.51
C SER D 1611 -14.25 -13.24 15.44
N PRO D 1612 -13.56 -14.38 15.51
CA PRO D 1612 -12.59 -14.71 14.45
C PRO D 1612 -13.28 -15.30 13.24
N GLN D 1613 -12.98 -14.76 12.05
CA GLN D 1613 -13.57 -15.24 10.81
C GLN D 1613 -12.50 -15.30 9.72
N ARG D 1614 -12.72 -16.20 8.76
CA ARG D 1614 -11.79 -16.35 7.66
C ARG D 1614 -11.88 -15.18 6.70
N ARG D 1615 -10.74 -14.78 6.15
CA ARG D 1615 -10.72 -13.69 5.18
C ARG D 1615 -11.41 -14.11 3.89
N MET D 1616 -12.62 -13.61 3.66
CA MET D 1616 -13.39 -13.98 2.48
C MET D 1616 -13.24 -12.98 1.35
N GLY D 1617 -13.55 -11.71 1.60
CA GLY D 1617 -13.40 -10.69 0.59
C GLY D 1617 -12.53 -9.54 1.04
N MET D 1618 -11.38 -9.37 0.40
CA MET D 1618 -10.45 -8.32 0.75
C MET D 1618 -10.70 -7.09 -0.11
N SER D 1619 -10.23 -5.94 0.38
CA SER D 1619 -10.44 -4.69 -0.33
C SER D 1619 -9.29 -3.74 -0.02
N CYS D 1620 -9.07 -2.80 -0.93
CA CYS D 1620 -8.04 -1.78 -0.76
C CYS D 1620 -8.63 -0.59 -0.04
N SER D 1621 -7.86 -0.03 0.89
CA SER D 1621 -8.29 1.15 1.63
C SER D 1621 -7.05 1.97 1.97
N THR D 1622 -7.13 3.28 1.78
CA THR D 1622 -5.98 4.13 2.01
C THR D 1622 -5.84 4.48 3.49
N MET D 1623 -4.62 4.78 3.89
CA MET D 1623 -4.36 5.16 5.28
C MET D 1623 -4.86 6.58 5.54
N PRO D 1624 -5.67 6.79 6.57
CA PRO D 1624 -6.17 8.13 6.87
C PRO D 1624 -5.08 8.99 7.50
N GLU D 1625 -5.46 10.20 7.88
CA GLU D 1625 -4.57 11.15 8.53
C GLU D 1625 -4.81 11.12 10.03
N PHE D 1626 -3.76 10.89 10.80
CA PHE D 1626 -3.90 10.85 12.26
C PHE D 1626 -3.81 12.24 12.86
N ARG D 1627 -3.18 13.18 12.16
CA ARG D 1627 -3.07 14.56 12.63
C ARG D 1627 -4.06 15.44 11.85
N ASN D 1628 -5.29 15.45 12.33
CA ASN D 1628 -6.36 16.18 11.64
C ASN D 1628 -6.22 17.69 11.83
N LEU D 1629 -5.94 18.13 13.05
CA LEU D 1629 -5.90 19.56 13.32
C LEU D 1629 -4.69 20.20 12.61
N LYS D 1630 -4.95 21.28 11.89
CA LYS D 1630 -3.93 21.97 11.11
C LYS D 1630 -3.81 23.41 11.56
N LEU D 1631 -2.58 23.91 11.67
CA LEU D 1631 -2.33 25.28 12.10
C LEU D 1631 -1.67 26.13 11.03
N ILE D 1632 -0.82 25.55 10.19
CA ILE D 1632 -0.07 26.29 9.18
C ILE D 1632 -0.83 26.20 7.86
N HIS D 1633 -1.29 27.34 7.36
CA HIS D 1633 -2.07 27.35 6.13
C HIS D 1633 -1.19 27.12 4.90
N HIS D 1634 -0.03 27.75 4.85
CA HIS D 1634 0.77 27.77 3.64
C HIS D 1634 1.79 26.63 3.64
N SER D 1635 2.48 26.50 2.51
CA SER D 1635 3.46 25.43 2.35
C SER D 1635 4.66 25.67 3.24
N PRO D 1636 5.37 24.62 3.67
CA PRO D 1636 6.53 24.81 4.55
C PRO D 1636 7.61 25.71 3.97
N ALA D 1637 7.87 25.60 2.66
CA ALA D 1637 8.92 26.40 2.06
C ALA D 1637 8.60 27.89 2.15
N LEU D 1638 7.36 28.26 1.86
CA LEU D 1638 6.96 29.67 1.93
C LEU D 1638 7.05 30.19 3.36
N VAL D 1639 6.60 29.39 4.33
CA VAL D 1639 6.65 29.81 5.72
C VAL D 1639 8.09 30.00 6.18
N LEU D 1640 8.97 29.08 5.81
CA LEU D 1640 10.38 29.24 6.18
C LEU D 1640 11.00 30.46 5.50
N ARG D 1641 10.66 30.69 4.23
CA ARG D 1641 11.18 31.86 3.52
C ARG D 1641 10.73 33.15 4.20
N ALA D 1642 9.48 33.21 4.65
CA ALA D 1642 9.01 34.38 5.39
C ALA D 1642 9.69 34.48 6.74
N TYR D 1643 9.93 33.35 7.41
CA TYR D 1643 10.50 33.37 8.74
C TYR D 1643 11.96 33.78 8.74
N SER D 1644 12.69 33.47 7.66
CA SER D 1644 14.07 33.92 7.57
C SER D 1644 14.15 35.44 7.59
N LYS D 1645 13.27 36.09 6.84
CA LYS D 1645 13.05 37.53 6.96
C LYS D 1645 12.03 37.77 8.08
N ASN D 1646 11.52 39.00 8.16
CA ASN D 1646 10.39 39.31 9.02
C ASN D 1646 9.25 39.95 8.25
N ASN D 1647 9.16 39.60 6.97
CA ASN D 1647 8.11 40.18 6.09
C ASN D 1647 7.02 39.14 5.88
N PRO D 1648 5.80 39.33 6.42
CA PRO D 1648 4.72 38.39 6.14
C PRO D 1648 4.47 38.37 4.64
N ASP D 1649 4.50 39.53 3.98
CA ASP D 1649 4.14 39.56 2.54
C ASP D 1649 5.34 39.08 1.70
N ILE D 1650 5.18 37.95 1.01
CA ILE D 1650 6.26 37.39 0.15
C ILE D 1650 5.59 37.02 -1.18
N GLN D 1651 6.35 36.93 -2.26
CA GLN D 1651 5.82 36.54 -3.57
C GLN D 1651 5.02 35.25 -3.46
N GLY D 1652 3.73 35.33 -3.79
CA GLY D 1652 2.85 34.19 -3.69
C GLY D 1652 2.35 33.86 -2.31
N ALA D 1653 2.28 34.85 -1.42
CA ALA D 1653 1.84 34.63 -0.04
C ALA D 1653 0.71 35.57 0.32
N ASP D 1654 -0.16 35.10 1.22
CA ASP D 1654 -1.28 35.89 1.72
C ASP D 1654 -0.87 36.55 3.02
N PRO D 1655 -0.88 37.88 3.12
CA PRO D 1655 -0.33 38.57 4.30
C PRO D 1655 -0.92 38.13 5.64
N THR D 1656 -2.23 37.92 5.72
CA THR D 1656 -2.84 37.54 6.99
C THR D 1656 -2.49 36.12 7.38
N GLU D 1657 -2.61 35.19 6.41
CA GLU D 1657 -2.26 33.80 6.69
C GLU D 1657 -0.77 33.67 7.01
N MET D 1658 0.08 34.38 6.26
CA MET D 1658 1.51 34.36 6.57
C MET D 1658 1.77 34.96 7.94
N ALA D 1659 1.05 36.03 8.31
CA ALA D 1659 1.25 36.63 9.62
C ALA D 1659 0.93 35.65 10.74
N ARG D 1660 -0.21 34.96 10.63
CA ARG D 1660 -0.59 34.03 11.69
C ARG D 1660 0.31 32.80 11.70
N ASP D 1661 0.76 32.35 10.52
CA ASP D 1661 1.69 31.23 10.48
C ASP D 1661 3.03 31.61 11.10
N LEU D 1662 3.51 32.83 10.84
CA LEU D 1662 4.74 33.29 11.47
C LEU D 1662 4.57 33.42 12.98
N VAL D 1663 3.38 33.86 13.42
CA VAL D 1663 3.11 33.93 14.86
C VAL D 1663 3.20 32.53 15.47
N HIS D 1664 2.59 31.54 14.82
CA HIS D 1664 2.66 30.17 15.33
C HIS D 1664 4.08 29.65 15.35
N LEU D 1665 4.86 29.91 14.29
CA LEU D 1665 6.23 29.43 14.22
C LEU D 1665 7.09 30.08 15.30
N LYS D 1666 6.93 31.38 15.50
CA LYS D 1666 7.68 32.07 16.56
C LYS D 1666 7.29 31.56 17.93
N GLU D 1667 6.00 31.29 18.14
CA GLU D 1667 5.56 30.70 19.40
C GLU D 1667 6.22 29.35 19.63
N PHE D 1668 6.27 28.51 18.60
CA PHE D 1668 6.92 27.22 18.73
C PHE D 1668 8.40 27.37 19.05
N VAL D 1669 9.08 28.28 18.36
CA VAL D 1669 10.51 28.47 18.57
C VAL D 1669 10.79 28.94 19.99
N GLU D 1670 10.00 29.90 20.47
CA GLU D 1670 10.24 30.43 21.82
C GLU D 1670 9.85 29.41 22.89
N ASN D 1671 8.86 28.56 22.59
CA ASN D 1671 8.43 27.56 23.57
C ASN D 1671 9.47 26.44 23.71
N THR D 1672 9.97 25.93 22.58
CA THR D 1672 10.89 24.80 22.66
C THR D 1672 12.34 25.27 22.79
N ASN D 1673 12.57 26.58 22.69
CA ASN D 1673 13.88 27.18 22.93
C ASN D 1673 14.97 26.64 22.01
N LEU D 1674 14.65 26.44 20.72
CA LEU D 1674 15.67 26.01 19.77
C LEU D 1674 16.73 27.09 19.59
N GLU D 1675 16.31 28.36 19.49
CA GLU D 1675 17.24 29.44 19.21
C GLU D 1675 18.25 29.60 20.36
N GLU D 1676 17.77 29.55 21.60
CA GLU D 1676 18.66 29.69 22.74
C GLU D 1676 19.65 28.54 22.81
N LYS D 1677 19.18 27.31 22.57
CA LYS D 1677 20.08 26.16 22.59
C LYS D 1677 21.16 26.27 21.51
N MET D 1678 20.75 26.67 20.30
CA MET D 1678 21.71 26.83 19.22
C MET D 1678 22.73 27.91 19.55
N LYS D 1679 22.27 29.05 20.08
CA LYS D 1679 23.19 30.13 20.42
C LYS D 1679 24.16 29.69 21.52
N VAL D 1680 23.66 28.96 22.53
CA VAL D 1680 24.54 28.48 23.60
C VAL D 1680 25.59 27.54 23.03
N ARG D 1681 25.18 26.62 22.15
CA ARG D 1681 26.13 25.66 21.60
C ARG D 1681 27.21 26.35 20.78
N ILE D 1682 26.81 27.28 19.91
CA ILE D 1682 27.79 27.97 19.07
C ILE D 1682 28.69 28.84 19.93
N ALA D 1683 28.15 29.44 21.01
CA ALA D 1683 28.98 30.23 21.90
C ALA D 1683 29.99 29.37 22.63
N MET D 1684 29.58 28.18 23.08
CA MET D 1684 30.49 27.27 23.75
C MET D 1684 31.63 26.85 22.83
N ASN D 1685 31.31 26.50 21.58
CA ASN D 1685 32.36 26.11 20.66
C ASN D 1685 33.24 27.30 20.27
N GLU D 1686 32.66 28.50 20.21
CA GLU D 1686 33.45 29.70 19.97
C GLU D 1686 34.46 29.92 21.09
N ALA D 1687 34.02 29.75 22.34
CA ALA D 1687 34.92 29.91 23.47
C ALA D 1687 35.97 28.81 23.50
N GLU D 1688 35.59 27.59 23.12
CA GLU D 1688 36.51 26.47 23.13
C GLU D 1688 37.62 26.64 22.09
N LYS D 1689 37.24 26.72 20.81
CA LYS D 1689 38.25 26.86 19.76
C LYS D 1689 38.97 28.20 19.85
N GLY D 1690 38.23 29.28 20.10
CA GLY D 1690 38.79 30.61 20.11
C GLY D 1690 38.64 31.37 18.81
N GLN D 1691 38.38 30.68 17.70
CA GLN D 1691 38.11 31.31 16.42
C GLN D 1691 36.71 30.93 15.98
N ARG D 1692 36.07 31.80 15.22
CA ARG D 1692 34.69 31.57 14.82
C ARG D 1692 34.60 30.39 13.86
N ASP D 1693 33.86 29.36 14.29
CA ASP D 1693 33.67 28.15 13.49
C ASP D 1693 32.37 28.33 12.70
N ILE D 1694 32.49 28.89 11.50
CA ILE D 1694 31.31 29.25 10.72
C ILE D 1694 30.58 28.00 10.22
N VAL D 1695 31.34 26.95 9.84
CA VAL D 1695 30.70 25.76 9.29
C VAL D 1695 29.86 25.06 10.35
N PHE D 1696 30.30 25.08 11.61
CA PHE D 1696 29.49 24.54 12.68
C PHE D 1696 28.22 25.35 12.87
N GLU D 1697 28.32 26.67 12.72
CA GLU D 1697 27.12 27.51 12.79
C GLU D 1697 26.16 27.18 11.66
N LEU D 1698 26.68 26.91 10.46
CA LEU D 1698 25.84 26.48 9.36
C LEU D 1698 25.17 25.15 9.67
N LYS D 1699 25.90 24.22 10.27
CA LYS D 1699 25.30 22.94 10.64
C LYS D 1699 24.18 23.13 11.66
N GLU D 1700 24.40 23.98 12.66
CA GLU D 1700 23.38 24.24 13.67
C GLU D 1700 22.15 24.91 13.05
N MET D 1701 22.38 25.87 12.15
CA MET D 1701 21.28 26.52 11.47
C MET D 1701 20.52 25.55 10.60
N THR D 1702 21.22 24.63 9.95
CA THR D 1702 20.57 23.60 9.15
C THR D 1702 19.70 22.71 10.01
N ARG D 1703 20.21 22.29 11.17
CA ARG D 1703 19.41 21.48 12.07
C ARG D 1703 18.17 22.24 12.56
N PHE D 1704 18.35 23.51 12.93
CA PHE D 1704 17.24 24.31 13.41
C PHE D 1704 16.17 24.48 12.33
N TYR D 1705 16.59 24.74 11.10
CA TYR D 1705 15.61 24.93 10.03
C TYR D 1705 15.00 23.61 9.58
N GLN D 1706 15.71 22.49 9.74
CA GLN D 1706 15.10 21.19 9.51
C GLN D 1706 13.99 20.93 10.52
N VAL D 1707 14.24 21.28 11.79
CA VAL D 1707 13.19 21.12 12.81
C VAL D 1707 12.01 22.02 12.48
N CYS D 1708 12.27 23.27 12.06
CA CYS D 1708 11.18 24.17 11.70
C CYS D 1708 10.39 23.65 10.50
N TYR D 1709 11.09 23.12 9.50
CA TYR D 1709 10.43 22.56 8.32
C TYR D 1709 9.57 21.37 8.70
N GLU D 1710 10.09 20.52 9.59
CA GLU D 1710 9.31 19.37 10.04
C GLU D 1710 8.10 19.82 10.85
N TYR D 1711 8.21 20.98 11.51
CA TYR D 1711 7.10 21.43 12.34
C TYR D 1711 5.89 21.85 11.51
N VAL D 1712 6.12 22.66 10.46
CA VAL D 1712 4.99 23.24 9.74
C VAL D 1712 4.36 22.20 8.82
N LYS D 1713 5.06 21.80 7.76
CA LYS D 1713 4.83 20.55 7.02
C LYS D 1713 3.37 20.13 7.03
N SER D 1714 2.53 20.98 6.43
CA SER D 1714 1.08 20.91 6.64
C SER D 1714 0.53 19.51 6.40
N THR D 1715 0.61 19.00 5.17
CA THR D 1715 0.13 17.67 4.87
C THR D 1715 1.13 16.96 3.96
N GLU D 1716 1.44 15.70 4.30
CA GLU D 1716 2.20 14.86 3.38
C GLU D 1716 1.31 14.33 2.26
N HIS D 1717 0.06 14.01 2.58
CA HIS D 1717 -0.93 13.51 1.63
C HIS D 1717 -0.41 12.28 0.87
N LYS D 1718 0.29 11.41 1.59
CA LYS D 1718 0.83 10.20 0.98
C LYS D 1718 -0.28 9.23 0.62
N ILE D 1719 -0.10 8.53 -0.48
CA ILE D 1719 -1.07 7.52 -0.94
C ILE D 1719 -0.59 6.12 -0.56
N LYS D 1720 -1.02 5.65 0.61
CA LYS D 1720 -0.68 4.31 1.09
C LYS D 1720 -1.98 3.52 1.20
N VAL D 1721 -2.14 2.54 0.31
CA VAL D 1721 -3.33 1.70 0.29
C VAL D 1721 -2.96 0.31 0.80
N PHE D 1722 -3.76 -0.18 1.75
CA PHE D 1722 -3.57 -1.50 2.33
C PHE D 1722 -4.67 -2.42 1.87
N ILE D 1723 -4.34 -3.71 1.78
CA ILE D 1723 -5.32 -4.75 1.46
C ILE D 1723 -5.81 -5.33 2.78
N LEU D 1724 -7.05 -5.05 3.11
CA LEU D 1724 -7.63 -5.33 4.42
C LEU D 1724 -8.88 -6.18 4.25
N PRO D 1725 -9.27 -6.92 5.29
CA PRO D 1725 -10.47 -7.78 5.18
C PRO D 1725 -11.74 -7.02 4.92
N ALA D 1726 -11.79 -5.72 5.18
CA ALA D 1726 -12.97 -4.91 4.90
C ALA D 1726 -12.51 -3.55 4.40
N LYS D 1727 -13.51 -2.67 4.19
CA LYS D 1727 -13.21 -1.30 3.71
C LYS D 1727 -13.17 -0.38 4.92
N SER D 1728 -12.11 0.42 5.03
CA SER D 1728 -11.95 1.35 6.13
C SER D 1728 -12.22 2.76 5.64
N TYR D 1729 -13.10 3.47 6.35
CA TYR D 1729 -13.45 4.84 6.00
C TYR D 1729 -12.92 5.86 6.99
N THR D 1730 -12.87 5.53 8.28
CA THR D 1730 -12.42 6.44 9.31
C THR D 1730 -11.12 5.91 9.93
N THR D 1731 -10.52 6.73 10.79
CA THR D 1731 -9.25 6.36 11.42
C THR D 1731 -9.43 5.16 12.35
N THR D 1732 -10.49 5.17 13.16
CA THR D 1732 -10.69 4.08 14.10
C THR D 1732 -11.02 2.77 13.39
N ASP D 1733 -11.79 2.84 12.30
CA ASP D 1733 -12.07 1.64 11.52
C ASP D 1733 -10.80 1.09 10.90
N PHE D 1734 -9.94 1.97 10.38
CA PHE D 1734 -8.68 1.52 9.81
C PHE D 1734 -7.79 0.87 10.86
N CYS D 1735 -7.72 1.47 12.05
CA CYS D 1735 -6.91 0.89 13.12
C CYS D 1735 -7.46 -0.47 13.54
N SER D 1736 -8.79 -0.59 13.64
CA SER D 1736 -9.38 -1.87 14.00
C SER D 1736 -9.07 -2.94 12.95
N LEU D 1737 -9.19 -2.59 11.67
CA LEU D 1737 -8.90 -3.55 10.62
C LEU D 1737 -7.43 -3.96 10.62
N MET D 1738 -6.53 -2.99 10.82
CA MET D 1738 -5.11 -3.31 10.88
C MET D 1738 -4.77 -4.19 12.08
N GLN D 1739 -5.38 -3.93 13.23
CA GLN D 1739 -5.10 -4.77 14.39
C GLN D 1739 -5.68 -6.17 14.24
N GLY D 1740 -6.86 -6.30 13.61
CA GLY D 1740 -7.44 -7.61 13.43
C GLY D 1740 -6.77 -8.43 12.34
N ASN D 1741 -6.22 -7.76 11.33
CA ASN D 1741 -5.63 -8.49 10.20
C ASN D 1741 -4.24 -9.02 10.51
N LEU D 1742 -3.53 -8.43 11.46
CA LEU D 1742 -2.10 -8.68 11.64
C LEU D 1742 -1.76 -9.33 12.96
N ILE D 1743 -2.56 -10.31 13.39
CA ILE D 1743 -2.25 -11.06 14.64
C ILE D 1743 -2.15 -12.56 14.36
N LYS D 1744 -3.05 -13.10 13.53
CA LYS D 1744 -3.05 -14.55 13.21
C LYS D 1744 -3.11 -14.71 11.69
N ASP D 1745 -2.46 -15.74 11.14
CA ASP D 1745 -2.39 -15.92 9.68
C ASP D 1745 -3.69 -16.53 9.16
N LYS D 1746 -4.32 -17.38 9.96
CA LYS D 1746 -5.54 -18.09 9.48
C LYS D 1746 -6.75 -17.17 9.37
N GLU D 1747 -7.08 -16.41 10.41
CA GLU D 1747 -8.29 -15.61 10.39
C GLU D 1747 -7.99 -14.18 10.79
N TRP D 1748 -8.99 -13.32 10.63
CA TRP D 1748 -8.94 -11.94 11.06
C TRP D 1748 -10.03 -11.68 12.10
N TYR D 1749 -9.76 -10.75 13.00
CA TYR D 1749 -10.62 -10.49 14.15
C TYR D 1749 -11.28 -9.13 14.04
N THR D 1750 -12.42 -8.99 14.70
CA THR D 1750 -13.11 -7.71 14.83
C THR D 1750 -12.67 -7.04 16.12
N VAL D 1751 -12.09 -5.84 15.99
CA VAL D 1751 -11.47 -5.15 17.10
C VAL D 1751 -12.30 -3.93 17.44
N HIS D 1752 -12.64 -3.78 18.72
CA HIS D 1752 -13.27 -2.56 19.22
C HIS D 1752 -12.53 -2.09 20.48
N TYR D 1753 -12.57 -0.79 20.72
CA TYR D 1753 -11.74 -0.19 21.75
C TYR D 1753 -12.56 0.18 22.97
N LEU D 1754 -11.93 0.07 24.13
CA LEU D 1754 -12.61 0.37 25.40
C LEU D 1754 -12.99 1.84 25.50
N LYS D 1755 -12.10 2.73 25.07
CA LYS D 1755 -12.34 4.15 25.14
C LYS D 1755 -11.93 4.79 23.82
N GLN D 1756 -12.33 6.06 23.64
CA GLN D 1756 -11.99 6.76 22.42
C GLN D 1756 -10.49 6.85 22.24
N ILE D 1757 -9.98 6.15 21.22
CA ILE D 1757 -8.55 6.12 20.97
C ILE D 1757 -8.03 7.46 20.45
N LEU D 1758 -8.80 8.13 19.59
CA LEU D 1758 -8.33 9.37 19.00
C LEU D 1758 -8.14 10.46 20.05
N SER D 1759 -7.15 11.32 19.80
CA SER D 1759 -6.84 12.44 20.68
C SER D 1759 -6.56 13.66 19.80
N GLY D 1760 -7.58 14.51 19.62
CA GLY D 1760 -7.40 15.71 18.83
C GLY D 1760 -6.33 16.62 19.42
N GLY D 1761 -5.33 16.94 18.62
CA GLY D 1761 -4.24 17.77 19.09
C GLY D 1761 -3.27 18.03 17.97
N HIS D 1762 -2.27 18.84 18.27
CA HIS D 1762 -1.28 19.26 17.29
C HIS D 1762 0.02 18.47 17.48
N LYS D 1763 0.90 18.58 16.48
CA LYS D 1763 2.03 17.66 16.37
C LYS D 1763 3.03 17.85 17.51
N ALA D 1764 3.32 19.09 17.89
CA ALA D 1764 4.40 19.37 18.83
C ALA D 1764 3.92 19.92 20.15
N ILE D 1765 2.68 19.63 20.55
CA ILE D 1765 2.10 20.16 21.78
C ILE D 1765 1.67 18.98 22.66
N MET D 1766 1.99 19.05 23.95
CA MET D 1766 1.54 18.03 24.88
C MET D 1766 0.01 17.97 24.93
N GLN D 1767 -0.52 16.76 25.05
CA GLN D 1767 -1.95 16.55 25.21
C GLN D 1767 -2.19 16.00 26.62
N HIS D 1768 -2.52 16.89 27.56
CA HIS D 1768 -2.77 16.51 28.94
C HIS D 1768 -4.26 16.30 29.21
N ASN D 1769 -5.09 16.32 28.16
CA ASN D 1769 -6.53 16.18 28.32
C ASN D 1769 -7.00 14.92 27.61
N ALA D 1770 -8.05 14.31 28.14
CA ALA D 1770 -8.61 13.08 27.62
C ALA D 1770 -10.00 13.33 27.05
N THR D 1771 -10.31 12.61 25.98
CA THR D 1771 -11.62 12.75 25.34
C THR D 1771 -12.72 12.19 26.24
N SER D 1772 -13.91 12.77 26.09
CA SER D 1772 -15.06 12.33 26.87
C SER D 1772 -15.55 10.95 26.40
N GLU D 1773 -16.38 10.33 27.23
CA GLU D 1773 -16.92 9.01 26.97
C GLU D 1773 -18.33 9.05 26.41
N GLN D 1774 -18.64 10.09 25.61
CA GLN D 1774 -19.96 10.18 24.99
C GLN D 1774 -20.21 9.06 24.00
N ASN D 1775 -19.21 8.74 23.18
CA ASN D 1775 -19.36 7.68 22.19
C ASN D 1775 -19.61 6.33 22.86
N ILE D 1776 -19.04 6.13 24.04
CA ILE D 1776 -19.30 4.90 24.79
C ILE D 1776 -20.78 4.79 25.14
N ALA D 1777 -21.37 5.89 25.61
CA ALA D 1777 -22.79 5.89 25.92
C ALA D 1777 -23.63 5.63 24.69
N PHE D 1778 -23.28 6.28 23.57
CA PHE D 1778 -24.02 6.08 22.34
C PHE D 1778 -24.00 4.61 21.91
N GLU D 1779 -22.80 4.01 21.88
CA GLU D 1779 -22.69 2.61 21.49
C GLU D 1779 -23.45 1.72 22.44
N CYS D 1780 -23.33 1.96 23.75
CA CYS D 1780 -24.00 1.14 24.74
C CYS D 1780 -25.50 1.12 24.52
N PHE D 1781 -26.10 2.29 24.36
CA PHE D 1781 -27.56 2.32 24.31
C PHE D 1781 -28.10 1.92 22.94
N LYS D 1782 -27.33 2.16 21.86
CA LYS D 1782 -27.72 1.57 20.59
C LYS D 1782 -27.74 0.06 20.69
N LEU D 1783 -26.70 -0.53 21.30
CA LEU D 1783 -26.64 -1.97 21.49
C LEU D 1783 -27.82 -2.47 22.31
N ILE D 1784 -28.10 -1.81 23.44
CA ILE D 1784 -29.21 -2.26 24.29
C ILE D 1784 -30.54 -2.20 23.54
N THR D 1785 -30.82 -1.07 22.89
CA THR D 1785 -32.10 -0.93 22.20
C THR D 1785 -32.27 -2.00 21.12
N HIS D 1786 -31.24 -2.17 20.27
CA HIS D 1786 -31.39 -3.09 19.15
C HIS D 1786 -31.39 -4.54 19.61
N PHE D 1787 -30.57 -4.88 20.61
CA PHE D 1787 -30.58 -6.23 21.14
C PHE D 1787 -31.94 -6.55 21.77
N ALA D 1788 -32.52 -5.58 22.48
CA ALA D 1788 -33.80 -5.80 23.14
C ALA D 1788 -34.91 -6.02 22.13
N ASP D 1789 -35.00 -5.16 21.11
CA ASP D 1789 -36.12 -5.33 20.19
C ASP D 1789 -35.82 -6.36 19.10
N SER D 1790 -34.61 -6.93 19.11
CA SER D 1790 -34.31 -7.99 18.14
C SER D 1790 -34.40 -9.38 18.74
N PHE D 1791 -33.97 -9.57 19.99
CA PHE D 1791 -33.88 -10.90 20.58
C PHE D 1791 -34.73 -11.08 21.83
N ILE D 1792 -35.60 -10.12 22.15
CA ILE D 1792 -36.44 -10.22 23.35
C ILE D 1792 -37.88 -9.99 22.95
N ASP D 1793 -38.79 -10.67 23.66
CA ASP D 1793 -40.21 -10.53 23.40
C ASP D 1793 -40.67 -9.11 23.71
N SER D 1794 -41.76 -8.71 23.04
CA SER D 1794 -42.21 -7.32 23.12
C SER D 1794 -42.59 -6.93 24.55
N LEU D 1795 -43.25 -7.84 25.28
CA LEU D 1795 -43.72 -7.51 26.62
C LEU D 1795 -42.56 -7.32 27.59
N SER D 1796 -41.51 -8.13 27.45
CA SER D 1796 -40.42 -8.09 28.42
C SER D 1796 -39.35 -7.06 28.07
N ARG D 1797 -39.51 -6.35 26.95
CA ARG D 1797 -38.46 -5.44 26.50
C ARG D 1797 -38.25 -4.29 27.48
N SER D 1798 -39.34 -3.69 27.96
CA SER D 1798 -39.20 -2.56 28.88
C SER D 1798 -38.56 -3.00 30.20
N ALA D 1799 -38.98 -4.14 30.73
CA ALA D 1799 -38.39 -4.65 31.96
C ALA D 1799 -36.93 -4.98 31.78
N PHE D 1800 -36.57 -5.56 30.64
CA PHE D 1800 -35.16 -5.86 30.36
C PHE D 1800 -34.34 -4.58 30.29
N LEU D 1801 -34.87 -3.55 29.61
CA LEU D 1801 -34.14 -2.29 29.53
C LEU D 1801 -33.95 -1.67 30.90
N GLN D 1802 -35.01 -1.69 31.72
CA GLN D 1802 -34.90 -1.14 33.07
C GLN D 1802 -33.86 -1.89 33.89
N LEU D 1803 -33.87 -3.22 33.80
CA LEU D 1803 -32.91 -4.03 34.56
C LEU D 1803 -31.47 -3.75 34.11
N ILE D 1804 -31.25 -3.66 32.80
CA ILE D 1804 -29.90 -3.35 32.31
C ILE D 1804 -29.46 -1.99 32.79
N ILE D 1805 -30.32 -0.98 32.69
CA ILE D 1805 -29.95 0.36 33.12
C ILE D 1805 -29.64 0.37 34.61
N ASP D 1806 -30.39 -0.42 35.39
CA ASP D 1806 -30.22 -0.39 36.84
C ASP D 1806 -28.93 -1.07 37.28
N GLU D 1807 -28.62 -2.25 36.73
CA GLU D 1807 -27.58 -3.08 37.33
C GLU D 1807 -26.44 -3.50 36.41
N PHE D 1808 -26.35 -2.97 35.19
CA PHE D 1808 -25.30 -3.39 34.27
C PHE D 1808 -24.28 -2.29 34.08
N SER D 1809 -23.18 -2.64 33.38
CA SER D 1809 -22.11 -1.71 33.08
C SER D 1809 -21.49 -2.09 31.75
N TYR D 1810 -21.25 -1.09 30.90
CA TYR D 1810 -20.68 -1.28 29.58
C TYR D 1810 -19.27 -0.73 29.54
N LYS D 1811 -18.30 -1.60 29.24
CA LYS D 1811 -16.89 -1.19 29.13
C LYS D 1811 -16.41 -0.48 30.38
N ASP D 1812 -16.58 -1.13 31.53
CA ASP D 1812 -16.09 -0.72 32.84
C ASP D 1812 -16.86 0.46 33.40
N VAL D 1813 -17.78 1.05 32.66
CA VAL D 1813 -18.54 2.22 33.10
C VAL D 1813 -19.98 1.81 33.32
N LYS D 1814 -20.53 2.17 34.48
CA LYS D 1814 -21.91 1.85 34.78
C LYS D 1814 -22.84 2.51 33.76
N VAL D 1815 -23.80 1.74 33.26
CA VAL D 1815 -24.70 2.23 32.22
C VAL D 1815 -25.58 3.37 32.73
N SER D 1816 -25.80 3.44 34.05
CA SER D 1816 -26.57 4.55 34.60
C SER D 1816 -25.83 5.87 34.37
N LYS D 1817 -24.52 5.87 34.53
CA LYS D 1817 -23.73 7.07 34.24
C LYS D 1817 -23.82 7.45 32.78
N LEU D 1818 -23.81 6.46 31.88
CA LEU D 1818 -23.95 6.75 30.45
C LEU D 1818 -25.32 7.33 30.14
N TYR D 1819 -26.36 6.78 30.75
CA TYR D 1819 -27.70 7.37 30.52
C TYR D 1819 -27.70 8.81 31.03
N ASP D 1820 -27.13 9.05 32.22
CA ASP D 1820 -27.07 10.42 32.72
C ASP D 1820 -26.34 11.32 31.73
N ILE D 1821 -25.27 10.82 31.11
CA ILE D 1821 -24.54 11.60 30.12
C ILE D 1821 -25.44 11.94 28.94
N ILE D 1822 -26.21 10.95 28.45
CA ILE D 1822 -27.09 11.20 27.31
C ILE D 1822 -28.21 12.15 27.71
N LYS D 1823 -28.80 11.96 28.89
CA LYS D 1823 -29.87 12.85 29.34
C LYS D 1823 -29.35 14.28 29.53
N ASN D 1824 -28.19 14.42 30.16
CA ASN D 1824 -27.60 15.74 30.40
C ASN D 1824 -26.64 16.10 29.27
N GLY D 1825 -27.18 16.06 28.05
CA GLY D 1825 -26.40 16.36 26.87
C GLY D 1825 -27.22 17.10 25.84
N TYR D 1826 -26.55 17.52 24.77
CA TYR D 1826 -27.17 18.26 23.69
C TYR D 1826 -27.51 17.37 22.49
N ASN D 1827 -27.45 16.05 22.65
CA ASN D 1827 -27.68 15.11 21.56
C ASN D 1827 -28.76 14.10 21.97
N ARG D 1828 -29.87 14.61 22.50
CA ARG D 1828 -30.98 13.77 22.95
C ARG D 1828 -32.01 13.53 21.86
N THR D 1829 -31.69 13.92 20.62
CA THR D 1829 -32.59 13.70 19.51
C THR D 1829 -32.30 12.42 18.73
N ASP D 1830 -31.11 11.87 18.87
CA ASP D 1830 -30.77 10.59 18.27
C ASP D 1830 -31.32 9.41 19.06
N PHE D 1831 -31.81 9.65 20.28
CA PHE D 1831 -32.30 8.60 21.16
C PHE D 1831 -33.72 8.91 21.63
N ILE D 1832 -34.58 9.32 20.70
CA ILE D 1832 -35.96 9.62 21.06
C ILE D 1832 -36.70 8.41 21.61
N PRO D 1833 -36.68 7.22 20.98
CA PRO D 1833 -37.44 6.10 21.55
C PRO D 1833 -36.95 5.69 22.93
N LEU D 1834 -35.62 5.59 23.11
CA LEU D 1834 -35.07 5.23 24.40
C LEU D 1834 -35.47 6.21 25.48
N LEU D 1835 -35.42 7.51 25.17
CA LEU D 1835 -35.85 8.50 26.14
C LEU D 1835 -37.33 8.36 26.46
N PHE D 1836 -38.17 8.19 25.43
CA PHE D 1836 -39.61 8.17 25.65
C PHE D 1836 -40.02 6.97 26.49
N ARG D 1837 -39.37 5.83 26.28
CA ARG D 1837 -39.72 4.58 27.02
C ARG D 1837 -39.43 4.74 28.51
N THR D 1838 -38.41 5.51 28.88
CA THR D 1838 -38.09 5.75 30.31
C THR D 1838 -38.46 7.19 30.71
N GLY D 1839 -39.72 7.60 30.48
CA GLY D 1839 -40.15 8.94 30.81
C GLY D 1839 -39.45 10.00 29.97
N ASP D 1840 -38.65 10.81 30.64
CA ASP D 1840 -37.78 11.84 30.01
C ASP D 1840 -37.94 12.09 28.50
N LEU D 1841 -39.05 12.67 28.05
CA LEU D 1841 -39.11 13.10 26.63
C LEU D 1841 -39.16 14.62 26.65
N ARG D 1842 -40.09 15.23 27.42
CA ARG D 1842 -40.11 16.70 27.66
C ARG D 1842 -40.56 17.58 26.49
N GLN D 1843 -41.07 17.01 25.40
CA GLN D 1843 -41.62 17.84 24.27
C GLN D 1843 -40.51 18.67 23.59
N ALA D 1844 -39.42 18.96 24.30
CA ALA D 1844 -38.37 19.80 23.72
C ALA D 1844 -37.57 19.03 22.69
N ASP D 1845 -37.26 17.77 22.99
CA ASP D 1845 -36.60 16.91 22.01
C ASP D 1845 -37.48 16.73 20.77
N LEU D 1846 -38.79 16.65 20.96
CA LEU D 1846 -39.71 16.62 19.83
C LEU D 1846 -39.52 17.85 18.96
N ASP D 1847 -39.47 19.03 19.57
CA ASP D 1847 -39.33 20.27 18.81
C ASP D 1847 -38.03 20.30 18.03
N LYS D 1848 -36.92 19.94 18.69
CA LYS D 1848 -35.64 19.94 17.99
C LYS D 1848 -35.63 18.93 16.86
N TYR D 1849 -36.19 17.73 17.08
CA TYR D 1849 -36.18 16.70 16.07
C TYR D 1849 -37.01 17.12 14.85
N ASP D 1850 -38.19 17.68 15.07
CA ASP D 1850 -39.02 18.08 13.94
C ASP D 1850 -38.41 19.29 13.23
N ALA D 1851 -37.75 20.17 13.98
CA ALA D 1851 -37.08 21.31 13.37
C ALA D 1851 -35.97 20.86 12.44
N MET D 1852 -35.17 19.88 12.89
CA MET D 1852 -34.12 19.35 12.03
C MET D 1852 -34.69 18.60 10.83
N LYS D 1853 -35.79 17.86 11.06
CA LYS D 1853 -36.37 17.08 9.97
C LYS D 1853 -37.25 17.93 9.07
N SER D 1854 -37.61 19.13 9.51
CA SER D 1854 -38.50 19.98 8.73
C SER D 1854 -37.85 20.44 7.44
N HIS D 1855 -38.66 20.60 6.40
CA HIS D 1855 -38.20 21.10 5.11
C HIS D 1855 -39.39 21.83 4.47
N GLU D 1856 -39.15 22.46 3.33
CA GLU D 1856 -40.21 23.16 2.61
C GLU D 1856 -41.13 22.15 1.95
N ARG D 1857 -42.41 22.19 2.32
CA ARG D 1857 -43.41 21.23 1.86
C ARG D 1857 -44.38 21.94 0.93
N VAL D 1858 -44.60 21.37 -0.25
CA VAL D 1858 -45.49 21.95 -1.24
C VAL D 1858 -46.70 21.05 -1.40
N THR D 1859 -47.78 21.63 -1.92
CA THR D 1859 -49.02 20.90 -2.14
C THR D 1859 -49.48 21.02 -3.59
N LEU D 1876 -52.86 26.14 -3.75
CA LEU D 1876 -51.45 26.12 -3.38
C LEU D 1876 -51.24 26.58 -1.95
N THR D 1877 -50.51 25.79 -1.17
CA THR D 1877 -50.18 26.10 0.23
C THR D 1877 -48.81 25.50 0.52
N ILE D 1878 -47.78 26.35 0.54
CA ILE D 1878 -46.42 25.91 0.80
C ILE D 1878 -46.17 26.05 2.29
N THR D 1879 -45.85 24.94 2.95
CA THR D 1879 -45.72 24.88 4.40
C THR D 1879 -44.30 24.54 4.80
N GLY D 1880 -43.82 25.19 5.85
CA GLY D 1880 -42.53 24.91 6.44
C GLY D 1880 -42.55 25.32 7.91
N TYR D 1881 -41.42 25.20 8.59
CA TYR D 1881 -41.40 25.35 10.04
C TYR D 1881 -41.81 26.78 10.41
N ASN D 1882 -43.05 26.93 10.86
CA ASN D 1882 -43.63 28.22 11.23
C ASN D 1882 -43.63 29.20 10.05
N ARG D 1883 -43.75 28.70 8.83
CA ARG D 1883 -43.75 29.56 7.64
C ARG D 1883 -44.71 28.98 6.61
N SER D 1884 -45.89 29.56 6.47
CA SER D 1884 -46.88 29.06 5.53
C SER D 1884 -47.30 30.15 4.57
N ILE D 1885 -47.21 29.87 3.26
CA ILE D 1885 -47.59 30.84 2.24
C ILE D 1885 -48.70 30.25 1.38
N THR D 1886 -49.64 31.11 1.01
CA THR D 1886 -50.78 30.72 0.19
C THR D 1886 -51.08 31.84 -0.79
N ILE D 1887 -50.93 31.57 -2.08
CA ILE D 1887 -51.18 32.54 -3.14
C ILE D 1887 -52.45 32.11 -3.87
N ILE D 1888 -53.38 33.04 -4.04
CA ILE D 1888 -54.63 32.78 -4.74
C ILE D 1888 -54.66 33.67 -5.97
N GLY D 1889 -54.82 33.06 -7.14
CA GLY D 1889 -54.87 33.82 -8.38
C GLY D 1889 -54.97 32.89 -9.56
N GLU D 1890 -55.26 33.49 -10.71
CA GLU D 1890 -55.39 32.74 -11.95
C GLU D 1890 -54.01 32.57 -12.59
N ASP D 1891 -53.98 32.06 -13.83
CA ASP D 1891 -52.71 31.91 -14.54
C ASP D 1891 -52.09 33.27 -14.84
N ASN D 1892 -52.90 34.24 -15.24
CA ASN D 1892 -52.38 35.55 -15.62
C ASN D 1892 -52.15 36.43 -14.39
N LYS D 1893 -53.23 36.73 -13.66
CA LYS D 1893 -53.18 37.67 -12.55
C LYS D 1893 -53.45 36.94 -11.23
N LEU D 1894 -52.81 37.39 -10.17
CA LEU D 1894 -52.99 36.84 -8.84
C LEU D 1894 -53.85 37.77 -8.00
N THR D 1895 -54.76 37.19 -7.21
CA THR D 1895 -55.65 38.00 -6.39
C THR D 1895 -54.92 38.53 -5.16
N TYR D 1896 -54.44 37.63 -4.30
CA TYR D 1896 -53.71 38.03 -3.11
C TYR D 1896 -52.90 36.86 -2.57
N ALA D 1897 -51.85 37.19 -1.83
CA ALA D 1897 -50.97 36.20 -1.22
C ALA D 1897 -50.93 36.46 0.29
N GLU D 1898 -51.07 35.39 1.07
CA GLU D 1898 -51.03 35.45 2.52
C GLU D 1898 -49.81 34.68 3.01
N LEU D 1899 -48.94 35.36 3.76
CA LEU D 1899 -47.84 34.73 4.46
C LEU D 1899 -48.13 34.73 5.96
N CYS D 1900 -47.84 33.59 6.59
CA CYS D 1900 -48.04 33.43 8.02
C CYS D 1900 -46.74 32.95 8.63
N LEU D 1901 -46.24 33.69 9.62
CA LEU D 1901 -44.98 33.39 10.28
C LEU D 1901 -45.24 33.26 11.78
N THR D 1902 -44.16 33.12 12.54
CA THR D 1902 -44.22 33.14 14.00
C THR D 1902 -43.85 34.49 14.58
N ARG D 1903 -43.05 35.28 13.86
CA ARG D 1903 -42.71 36.63 14.27
C ARG D 1903 -42.72 37.52 13.03
N LYS D 1904 -43.09 38.78 13.23
CA LYS D 1904 -43.24 39.74 12.14
C LYS D 1904 -42.09 40.74 12.19
N THR D 1905 -40.99 40.38 11.53
CA THR D 1905 -39.83 41.24 11.39
C THR D 1905 -39.41 41.27 9.93
N PRO D 1906 -38.88 42.40 9.45
CA PRO D 1906 -38.54 42.51 8.02
C PRO D 1906 -37.51 41.49 7.56
N GLU D 1907 -36.53 41.14 8.40
CA GLU D 1907 -35.53 40.16 8.00
C GLU D 1907 -36.15 38.77 7.87
N ASN D 1908 -36.97 38.39 8.85
CA ASN D 1908 -37.63 37.08 8.80
C ASN D 1908 -38.57 36.98 7.61
N ILE D 1909 -39.26 38.07 7.27
CA ILE D 1909 -40.16 38.04 6.12
C ILE D 1909 -39.39 37.75 4.84
N THR D 1910 -38.27 38.45 4.63
CA THR D 1910 -37.47 38.19 3.43
C THR D 1910 -36.87 36.79 3.44
N ILE D 1911 -36.40 36.32 4.59
CA ILE D 1911 -35.82 34.98 4.66
C ILE D 1911 -36.87 33.93 4.33
N SER D 1912 -38.08 34.08 4.90
CA SER D 1912 -39.16 33.14 4.62
C SER D 1912 -39.59 33.20 3.16
N GLY D 1913 -39.64 34.40 2.59
CA GLY D 1913 -39.97 34.51 1.18
C GLY D 1913 -38.95 33.86 0.27
N ARG D 1914 -37.67 33.96 0.63
CA ARG D 1914 -36.63 33.32 -0.18
C ARG D 1914 -36.68 31.80 -0.02
N LYS D 1915 -36.86 31.31 1.21
CA LYS D 1915 -36.81 29.87 1.44
C LYS D 1915 -38.06 29.18 0.90
N LEU D 1916 -39.24 29.73 1.17
CA LEU D 1916 -40.49 29.10 0.74
C LEU D 1916 -40.72 29.18 -0.76
N LEU D 1917 -39.96 30.03 -1.46
CA LEU D 1917 -40.15 30.19 -2.90
C LEU D 1917 -38.92 29.68 -3.65
N GLY D 1918 -38.34 28.58 -3.17
CA GLY D 1918 -37.22 27.97 -3.84
C GLY D 1918 -37.49 26.51 -4.15
N SER D 1919 -38.70 26.05 -3.82
CA SER D 1919 -39.14 24.69 -4.08
C SER D 1919 -39.83 24.63 -5.44
N ARG D 1920 -40.50 23.51 -5.72
CA ARG D 1920 -41.20 23.33 -7.00
C ARG D 1920 -42.45 24.22 -7.01
N HIS D 1921 -42.58 25.02 -8.07
CA HIS D 1921 -43.66 25.99 -8.19
C HIS D 1921 -44.36 25.84 -9.53
N GLY D 1922 -45.48 26.53 -9.67
CA GLY D 1922 -46.32 26.42 -10.85
C GLY D 1922 -45.92 27.25 -12.05
N LEU D 1923 -45.84 28.57 -11.86
CA LEU D 1923 -45.65 29.49 -12.98
C LEU D 1923 -44.58 30.51 -12.61
N LYS D 1924 -44.44 31.54 -13.44
CA LYS D 1924 -43.39 32.55 -13.29
C LYS D 1924 -43.95 33.93 -13.00
N PHE D 1925 -45.23 34.03 -12.64
CA PHE D 1925 -45.87 35.31 -12.31
C PHE D 1925 -45.74 36.33 -13.42
N GLU D 1926 -46.06 35.93 -14.66
CA GLU D 1926 -45.92 36.80 -15.83
C GLU D 1926 -47.09 37.76 -15.89
N ASN D 1927 -47.00 38.83 -15.11
CA ASN D 1927 -47.97 39.91 -15.10
C ASN D 1927 -47.32 41.13 -14.49
N MET D 1928 -48.10 42.21 -14.34
CA MET D 1928 -47.60 43.45 -13.77
C MET D 1928 -48.75 44.15 -13.03
N SER D 1929 -48.38 44.91 -12.01
CA SER D 1929 -49.35 45.67 -11.23
C SER D 1929 -48.61 46.77 -10.49
N LYS D 1930 -49.22 47.95 -10.42
CA LYS D 1930 -48.60 49.08 -9.75
C LYS D 1930 -48.46 48.80 -8.25
N ILE D 1931 -47.40 49.36 -7.66
CA ILE D 1931 -47.06 49.09 -6.27
C ILE D 1931 -46.96 50.40 -5.52
N GLN D 1932 -47.12 50.34 -4.21
CA GLN D 1932 -47.04 51.53 -3.36
C GLN D 1932 -46.42 51.19 -2.01
N ASN D 1937 -44.57 48.33 2.83
CA ASN D 1937 -45.39 47.56 1.92
C ASN D 1937 -44.55 46.50 1.22
N TYR D 1938 -44.90 45.23 1.41
CA TYR D 1938 -44.12 44.11 0.91
C TYR D 1938 -44.74 43.57 -0.37
N TYR D 1939 -43.90 43.01 -1.23
CA TYR D 1939 -44.33 42.40 -2.48
C TYR D 1939 -43.45 41.21 -2.78
N ILE D 1940 -44.00 40.28 -3.56
CA ILE D 1940 -43.22 39.20 -4.15
C ILE D 1940 -42.71 39.66 -5.49
N THR D 1941 -41.41 39.48 -5.73
CA THR D 1941 -40.75 39.98 -6.92
C THR D 1941 -39.96 38.87 -7.59
N TYR D 1942 -39.47 39.15 -8.78
CA TYR D 1942 -38.63 38.20 -9.52
C TYR D 1942 -37.76 38.97 -10.50
N ARG D 1943 -36.50 38.58 -10.58
CA ARG D 1943 -35.56 39.14 -11.55
C ARG D 1943 -35.29 38.14 -12.65
N LYS D 1944 -34.99 38.67 -13.84
CA LYS D 1944 -34.69 37.84 -14.99
C LYS D 1944 -33.20 37.52 -15.02
N LYS D 1945 -32.87 36.33 -15.54
CA LYS D 1945 -31.50 35.89 -15.63
C LYS D 1945 -31.37 34.92 -16.80
N ASP D 1946 -30.21 34.96 -17.45
CA ASP D 1946 -30.04 34.35 -18.76
C ASP D 1946 -30.35 32.85 -18.74
N ARG D 1947 -30.91 32.38 -19.86
CA ARG D 1947 -31.25 30.97 -20.07
C ARG D 1947 -32.28 30.49 -19.05
N HIS D 1948 -33.41 31.21 -19.05
CA HIS D 1948 -34.59 30.85 -18.26
C HIS D 1948 -34.26 30.69 -16.77
N GLN D 1949 -33.76 31.77 -16.17
CA GLN D 1949 -33.44 31.75 -14.75
C GLN D 1949 -34.18 32.88 -14.03
N PHE D 1950 -34.73 32.57 -12.86
CA PHE D 1950 -35.46 33.55 -12.07
C PHE D 1950 -35.27 33.22 -10.60
N VAL D 1951 -35.51 34.22 -9.76
CA VAL D 1951 -35.47 34.07 -8.31
C VAL D 1951 -36.78 34.61 -7.73
N TYR D 1952 -37.30 33.92 -6.73
CA TYR D 1952 -38.58 34.27 -6.11
C TYR D 1952 -38.33 34.60 -4.65
N GLN D 1953 -38.49 35.87 -4.29
CA GLN D 1953 -38.33 36.30 -2.91
C GLN D 1953 -39.08 37.61 -2.71
N ILE D 1954 -39.30 37.95 -1.44
CA ILE D 1954 -40.15 39.07 -1.05
C ILE D 1954 -39.28 40.28 -0.71
N HIS D 1955 -39.63 41.44 -1.25
CA HIS D 1955 -38.96 42.69 -0.96
C HIS D 1955 -39.99 43.77 -0.65
N SER D 1956 -39.58 44.74 0.16
CA SER D 1956 -40.40 45.91 0.40
C SER D 1956 -40.34 46.84 -0.81
N HIS D 1957 -41.38 47.66 -0.97
CA HIS D 1957 -41.43 48.58 -2.10
C HIS D 1957 -40.22 49.51 -2.08
N GLU D 1958 -39.85 50.01 -0.90
CA GLU D 1958 -38.65 50.82 -0.79
C GLU D 1958 -37.41 50.02 -1.20
N SER D 1959 -37.32 48.77 -0.74
CA SER D 1959 -36.21 47.92 -1.15
C SER D 1959 -36.25 47.57 -2.62
N ILE D 1960 -37.45 47.40 -3.19
CA ILE D 1960 -37.57 47.16 -4.62
C ILE D 1960 -37.00 48.35 -5.40
N THR D 1961 -37.37 49.57 -5.00
CA THR D 1961 -36.85 50.75 -5.66
C THR D 1961 -35.35 50.86 -5.49
N ARG D 1962 -34.84 50.59 -4.28
CA ARG D 1962 -33.41 50.68 -4.04
C ARG D 1962 -32.62 49.69 -4.88
N ARG D 1963 -33.10 48.46 -4.99
CA ARG D 1963 -32.39 47.45 -5.77
C ARG D 1963 -32.53 47.69 -7.27
N ASN D 1964 -33.65 48.27 -7.72
CA ASN D 1964 -33.75 48.68 -9.11
C ASN D 1964 -32.77 49.80 -9.42
N GLU D 1965 -32.61 50.74 -8.48
CA GLU D 1965 -31.63 51.81 -8.67
C GLU D 1965 -30.21 51.26 -8.70
N GLU D 1966 -29.89 50.33 -7.80
CA GLU D 1966 -28.54 49.78 -7.73
C GLU D 1966 -28.19 48.96 -8.96
N HIS D 1967 -29.10 48.09 -9.40
CA HIS D 1967 -28.84 47.24 -10.56
C HIS D 1967 -29.07 48.01 -11.87
N ASN D 1976 -31.01 43.91 -15.05
CA ASN D 1976 -32.14 43.03 -14.82
C ASN D 1976 -33.02 43.53 -13.68
N GLU D 1977 -34.13 44.18 -14.04
CA GLU D 1977 -35.02 44.77 -13.06
C GLU D 1977 -35.76 43.67 -12.28
N ILE D 1978 -36.04 43.97 -11.01
CA ILE D 1978 -36.87 43.11 -10.19
C ILE D 1978 -38.33 43.53 -10.32
N THR D 1979 -39.01 43.01 -11.34
CA THR D 1979 -40.38 43.41 -11.60
C THR D 1979 -41.30 42.83 -10.53
N PRO D 1980 -42.07 43.66 -9.83
CA PRO D 1980 -42.93 43.15 -8.76
C PRO D 1980 -44.27 42.65 -9.27
N VAL D 1981 -44.85 41.74 -8.49
CA VAL D 1981 -46.17 41.17 -8.78
C VAL D 1981 -47.02 41.25 -7.52
N CYS D 1982 -48.18 40.59 -7.53
CA CYS D 1982 -49.25 40.76 -6.56
C CYS D 1982 -48.81 40.90 -5.11
N VAL D 1983 -49.55 41.70 -4.34
CA VAL D 1983 -49.15 42.08 -2.99
C VAL D 1983 -49.11 40.85 -2.09
N VAL D 1984 -48.31 40.94 -1.02
CA VAL D 1984 -48.20 39.89 -0.01
C VAL D 1984 -48.59 40.49 1.33
N ASN D 1985 -49.54 39.85 2.02
CA ASN D 1985 -49.96 40.28 3.35
C ASN D 1985 -49.34 39.36 4.38
N VAL D 1986 -48.61 39.93 5.33
CA VAL D 1986 -47.85 39.17 6.31
C VAL D 1986 -48.59 39.21 7.65
N ALA D 1987 -48.83 38.03 8.22
CA ALA D 1987 -49.43 37.90 9.54
C ALA D 1987 -48.62 36.88 10.36
N GLU D 1988 -48.91 36.85 11.66
CA GLU D 1988 -48.21 35.93 12.56
C GLU D 1988 -49.24 35.07 13.29
N VAL D 1989 -49.00 33.75 13.28
CA VAL D 1989 -49.83 32.80 14.00
C VAL D 1989 -48.92 31.78 14.67
N ASP D 1990 -49.42 31.17 15.74
CA ASP D 1990 -48.68 30.12 16.44
C ASP D 1990 -48.77 28.85 15.61
N GLY D 1991 -47.74 28.61 14.80
CA GLY D 1991 -47.70 27.44 13.95
C GLY D 1991 -47.81 26.14 14.74
N ASP D 1992 -48.71 25.26 14.31
CA ASP D 1992 -48.95 24.01 15.01
C ASP D 1992 -47.68 23.17 15.02
N GLN D 1993 -47.31 22.66 16.19
CA GLN D 1993 -46.16 21.77 16.30
C GLN D 1993 -46.46 20.45 15.60
N ARG D 1994 -45.54 20.02 14.75
CA ARG D 1994 -45.76 18.81 13.96
C ARG D 1994 -45.88 17.57 14.83
N ILE D 1995 -45.24 17.56 15.99
CA ILE D 1995 -45.25 16.40 16.89
C ILE D 1995 -45.64 16.85 18.29
N LEU D 1996 -46.55 16.11 18.91
CA LEU D 1996 -46.98 16.36 20.27
C LEU D 1996 -46.73 15.12 21.12
N ILE D 1997 -46.35 15.34 22.38
CA ILE D 1997 -45.92 14.24 23.24
C ILE D 1997 -47.07 13.27 23.50
N ARG D 1998 -48.27 13.79 23.77
CA ARG D 1998 -49.42 12.91 23.98
C ARG D 1998 -49.80 12.19 22.69
N SER D 1999 -49.60 12.85 21.55
CA SER D 1999 -49.89 12.21 20.27
C SER D 1999 -49.05 10.96 20.07
N LEU D 2000 -47.74 11.07 20.31
CA LEU D 2000 -46.88 9.86 20.19
C LEU D 2000 -47.24 8.79 21.24
N ASP D 2001 -47.69 9.19 22.42
CA ASP D 2001 -47.97 8.18 23.48
C ASP D 2001 -49.09 7.25 22.99
N TYR D 2002 -50.15 7.82 22.42
CA TYR D 2002 -51.28 7.00 21.89
C TYR D 2002 -50.85 6.20 20.67
N LEU D 2003 -50.07 6.80 19.77
CA LEU D 2003 -49.73 6.11 18.50
C LEU D 2003 -48.96 4.82 18.80
N ASN D 2004 -48.12 4.81 19.83
CA ASN D 2004 -47.25 3.63 20.09
C ASN D 2004 -47.98 2.59 20.95
N ASN D 2005 -49.31 2.62 21.01
CA ASN D 2005 -50.01 1.59 21.75
C ASN D 2005 -49.71 0.21 21.17
N ASP D 2006 -49.70 0.10 19.84
CA ASP D 2006 -49.44 -1.19 19.20
C ASP D 2006 -47.96 -1.54 19.22
N ILE D 2007 -47.09 -0.52 19.17
CA ILE D 2007 -45.66 -0.76 19.04
C ILE D 2007 -45.03 -0.97 20.42
N PHE D 2008 -44.24 -2.03 20.56
CA PHE D 2008 -43.48 -2.31 21.79
C PHE D 2008 -42.01 -2.49 21.42
N SER D 2009 -41.48 -1.57 20.61
CA SER D 2009 -40.09 -1.62 20.17
C SER D 2009 -39.32 -0.49 20.85
N LEU D 2010 -38.21 -0.84 21.49
CA LEU D 2010 -37.45 0.15 22.25
C LEU D 2010 -36.65 1.05 21.32
N SER D 2011 -36.21 0.53 20.18
CA SER D 2011 -35.42 1.32 19.23
C SER D 2011 -36.25 1.93 18.11
N ARG D 2012 -37.56 1.69 18.09
CA ARG D 2012 -38.42 2.16 17.02
C ARG D 2012 -39.64 2.84 17.64
N ILE D 2013 -39.89 4.08 17.24
CA ILE D 2013 -41.07 4.82 17.67
C ILE D 2013 -41.63 5.54 16.44
N LYS D 2014 -42.93 5.84 16.49
CA LYS D 2014 -43.58 6.62 15.45
C LYS D 2014 -44.06 7.93 16.08
N VAL D 2015 -43.36 9.01 15.77
CA VAL D 2015 -43.72 10.32 16.32
C VAL D 2015 -44.94 10.89 15.62
N GLY D 2016 -45.08 10.60 14.31
CA GLY D 2016 -46.20 11.06 13.54
C GLY D 2016 -47.14 9.93 13.17
N LEU D 2017 -48.12 10.27 12.33
CA LEU D 2017 -49.05 9.26 11.83
C LEU D 2017 -48.33 8.22 10.99
N ASP D 2018 -47.40 8.67 10.14
CA ASP D 2018 -46.58 7.77 9.35
C ASP D 2018 -45.09 7.95 9.59
N GLU D 2019 -44.68 8.99 10.31
CA GLU D 2019 -43.28 9.23 10.58
C GLU D 2019 -42.74 8.19 11.57
N PHE D 2020 -41.42 8.05 11.61
CA PHE D 2020 -40.76 7.10 12.48
C PHE D 2020 -39.42 7.67 12.92
N ALA D 2021 -39.21 7.74 14.24
CA ALA D 2021 -37.92 8.12 14.80
C ALA D 2021 -37.21 6.86 15.30
N THR D 2022 -35.96 6.69 14.91
CA THR D 2022 -35.23 5.46 15.15
C THR D 2022 -33.85 5.75 15.72
N ILE D 2023 -33.29 4.72 16.36
CA ILE D 2023 -31.92 4.77 16.89
C ILE D 2023 -31.02 3.99 15.96
N LYS D 2024 -29.85 4.55 15.67
CA LYS D 2024 -28.94 3.93 14.70
C LYS D 2024 -28.46 2.56 15.18
N LYS D 2025 -28.12 1.71 14.22
CA LYS D 2025 -27.71 0.35 14.48
C LYS D 2025 -26.24 0.27 14.88
N ALA D 2026 -25.93 -0.67 15.77
CA ALA D 2026 -24.57 -0.97 16.17
C ALA D 2026 -24.35 -2.47 16.08
N HIS D 2027 -23.12 -2.86 15.71
CA HIS D 2027 -22.81 -4.26 15.54
C HIS D 2027 -22.81 -4.97 16.89
N PHE D 2028 -23.30 -6.21 16.91
CA PHE D 2028 -23.47 -6.96 18.15
C PHE D 2028 -22.19 -7.58 18.67
N SER D 2029 -21.09 -7.51 17.92
CA SER D 2029 -19.82 -8.03 18.42
C SER D 2029 -19.37 -7.31 19.68
N LYS D 2030 -19.88 -6.12 19.93
CA LYS D 2030 -19.54 -5.36 21.12
C LYS D 2030 -20.37 -5.77 22.33
N MET D 2031 -21.38 -6.62 22.15
CA MET D 2031 -22.25 -7.01 23.27
C MET D 2031 -21.47 -7.74 24.35
N VAL D 2032 -20.27 -8.22 24.02
CA VAL D 2032 -19.41 -8.91 24.96
C VAL D 2032 -19.01 -7.95 26.08
N SER D 2033 -18.91 -6.67 25.77
CA SER D 2033 -18.41 -5.69 26.72
C SER D 2033 -19.41 -5.33 27.82
N PHE D 2034 -20.50 -6.06 27.95
CA PHE D 2034 -21.49 -5.79 28.99
C PHE D 2034 -21.24 -6.72 30.18
N GLU D 2035 -21.33 -6.18 31.38
CA GLU D 2035 -21.15 -6.97 32.60
C GLU D 2035 -22.26 -6.62 33.59
N GLY D 2036 -22.85 -7.65 34.19
CA GLY D 2036 -23.91 -7.44 35.15
C GLY D 2036 -24.40 -8.74 35.77
N PRO D 2037 -25.36 -8.62 36.70
CA PRO D 2037 -25.89 -9.82 37.35
C PRO D 2037 -26.70 -10.64 36.38
N PRO D 2038 -26.86 -11.94 36.63
CA PRO D 2038 -27.65 -12.78 35.72
C PRO D 2038 -29.11 -12.38 35.72
N ILE D 2039 -29.76 -12.57 34.57
CA ILE D 2039 -31.18 -12.30 34.40
C ILE D 2039 -31.89 -13.64 34.28
N LYS D 2040 -32.64 -14.01 35.32
CA LYS D 2040 -33.25 -15.37 35.34
C LYS D 2040 -34.70 -15.31 34.89
N THR D 2041 -34.95 -15.55 33.60
CA THR D 2041 -36.35 -15.63 33.13
C THR D 2041 -36.62 -17.09 32.77
N GLY D 2042 -37.41 -17.79 33.59
CA GLY D 2042 -37.68 -19.22 33.33
C GLY D 2042 -36.40 -20.03 33.26
N LEU D 2043 -36.20 -20.77 32.16
CA LEU D 2043 -34.98 -21.59 31.98
C LEU D 2043 -33.94 -20.81 31.16
N LEU D 2044 -34.17 -19.52 30.92
CA LEU D 2044 -33.26 -18.79 30.05
C LEU D 2044 -32.55 -17.70 30.83
N ASP D 2045 -31.25 -17.57 30.60
CA ASP D 2045 -30.42 -16.53 31.20
C ASP D 2045 -30.05 -15.54 30.10
N LEU D 2046 -30.72 -14.38 30.11
CA LEU D 2046 -30.52 -13.40 29.04
C LEU D 2046 -29.12 -12.81 29.07
N THR D 2047 -28.49 -12.71 30.25
CA THR D 2047 -27.13 -12.19 30.32
C THR D 2047 -26.17 -13.05 29.53
N GLU D 2048 -26.30 -14.37 29.64
CA GLU D 2048 -25.46 -15.26 28.85
C GLU D 2048 -25.75 -15.10 27.36
N LEU D 2049 -26.99 -14.76 27.02
CA LEU D 2049 -27.31 -14.46 25.62
C LEU D 2049 -26.60 -13.20 25.15
N MET D 2050 -26.52 -12.18 26.01
CA MET D 2050 -25.72 -11.00 25.69
C MET D 2050 -24.26 -11.37 25.49
N LYS D 2051 -23.73 -12.23 26.36
CA LYS D 2051 -22.35 -12.67 26.22
C LYS D 2051 -22.17 -13.75 25.15
N SER D 2052 -23.26 -14.35 24.67
CA SER D 2052 -23.16 -15.37 23.63
C SER D 2052 -22.69 -14.74 22.33
N GLN D 2053 -21.97 -15.54 21.54
CA GLN D 2053 -21.44 -15.09 20.26
C GLN D 2053 -22.05 -15.85 19.09
N ASP D 2054 -22.30 -17.16 19.25
CA ASP D 2054 -22.83 -17.95 18.15
C ASP D 2054 -24.31 -17.69 17.92
N LEU D 2055 -25.06 -17.42 18.99
CA LEU D 2055 -26.51 -17.33 18.90
C LEU D 2055 -27.03 -15.93 18.64
N LEU D 2056 -26.15 -14.94 18.47
CA LEU D 2056 -26.57 -13.57 18.23
C LEU D 2056 -26.66 -13.22 16.75
N ASN D 2057 -26.42 -14.17 15.86
CA ASN D 2057 -26.48 -13.88 14.43
C ASN D 2057 -27.90 -13.54 14.01
N LEU D 2058 -28.03 -12.51 13.17
CA LEU D 2058 -29.35 -12.06 12.74
C LEU D 2058 -29.97 -13.02 11.72
N ASN D 2059 -29.12 -13.71 10.96
CA ASN D 2059 -29.62 -14.64 9.91
C ASN D 2059 -30.40 -15.78 10.56
N TYR D 2060 -31.59 -16.08 10.05
CA TYR D 2060 -32.46 -17.11 10.61
C TYR D 2060 -31.85 -18.50 10.44
N ASP D 2061 -31.23 -18.75 9.29
CA ASP D 2061 -30.68 -20.08 9.03
C ASP D 2061 -29.50 -20.39 9.93
N ASN D 2062 -28.69 -19.40 10.27
CA ASN D 2062 -27.55 -19.61 11.16
C ASN D 2062 -27.97 -19.87 12.60
N ILE D 2063 -29.19 -19.49 12.97
CA ILE D 2063 -29.70 -19.77 14.30
C ILE D 2063 -30.46 -21.08 14.35
N ARG D 2064 -31.23 -21.39 13.30
CA ARG D 2064 -31.98 -22.65 13.29
C ARG D 2064 -31.07 -23.84 13.02
N ASN D 2065 -29.86 -23.60 12.53
CA ASN D 2065 -28.91 -24.67 12.23
C ASN D 2065 -27.68 -24.64 13.15
N SER D 2066 -27.84 -24.09 14.35
CA SER D 2066 -26.65 -23.95 15.25
C SER D 2066 -26.38 -25.25 16.00
N ASN D 2067 -25.72 -25.17 17.17
CA ASN D 2067 -25.31 -26.40 17.90
C ASN D 2067 -25.84 -26.33 19.33
N LEU D 2068 -26.02 -27.47 19.97
CA LEU D 2068 -26.51 -27.51 21.38
C LEU D 2068 -25.48 -26.87 22.29
N ILE D 2069 -24.18 -27.08 22.05
CA ILE D 2069 -23.14 -26.54 22.98
C ILE D 2069 -23.31 -25.02 23.10
N SER D 2070 -23.78 -24.35 22.05
CA SER D 2070 -23.99 -22.91 22.10
C SER D 2070 -25.23 -22.56 22.93
N PHE D 2071 -26.32 -23.32 22.75
CA PHE D 2071 -27.52 -23.06 23.53
C PHE D 2071 -27.39 -23.53 24.97
N SER D 2072 -26.49 -24.48 25.24
CA SER D 2072 -26.30 -24.97 26.61
C SER D 2072 -25.81 -23.87 27.56
N LYS D 2073 -25.22 -22.80 27.03
CA LYS D 2073 -24.74 -21.72 27.89
C LYS D 2073 -25.88 -20.92 28.49
N LEU D 2074 -27.07 -21.00 27.91
CA LEU D 2074 -28.20 -20.14 28.28
C LEU D 2074 -29.16 -20.81 29.25
N ILE D 2075 -28.69 -21.73 30.10
CA ILE D 2075 -29.58 -22.56 30.90
C ILE D 2075 -29.44 -22.17 32.36
N CYS D 2076 -30.54 -21.65 32.92
CA CYS D 2076 -30.65 -21.29 34.34
C CYS D 2076 -32.00 -21.78 34.85
N CYS D 2077 -32.30 -23.06 34.59
CA CYS D 2077 -33.67 -23.55 34.74
C CYS D 2077 -34.22 -23.31 36.14
N GLU D 2078 -33.64 -23.95 37.15
CA GLU D 2078 -34.08 -23.81 38.54
C GLU D 2078 -35.58 -24.05 38.69
N GLY D 2079 -36.07 -25.12 38.05
CA GLY D 2079 -37.47 -25.48 38.19
C GLY D 2079 -38.40 -24.95 37.12
N SER D 2080 -38.09 -25.22 35.84
CA SER D 2080 -38.97 -24.87 34.73
C SER D 2080 -39.46 -26.14 34.06
N ASP D 2081 -40.77 -26.31 34.02
CA ASP D 2081 -41.38 -27.56 33.58
C ASP D 2081 -41.36 -27.74 32.06
N ASN D 2082 -41.53 -26.67 31.30
CA ASN D 2082 -41.70 -26.76 29.85
C ASN D 2082 -40.68 -25.88 29.13
N ILE D 2083 -40.29 -26.31 27.93
CA ILE D 2083 -39.39 -25.51 27.10
C ILE D 2083 -40.06 -24.21 26.67
N ASN D 2084 -41.35 -24.29 26.28
CA ASN D 2084 -42.03 -23.12 25.74
C ASN D 2084 -42.17 -22.02 26.78
N ASP D 2085 -42.40 -22.39 28.03
CA ASP D 2085 -42.54 -21.39 29.08
C ASP D 2085 -41.26 -20.60 29.27
N GLY D 2086 -40.11 -21.27 29.18
CA GLY D 2086 -38.85 -20.56 29.21
C GLY D 2086 -38.61 -19.74 27.95
N LEU D 2087 -39.02 -20.28 26.80
CA LEU D 2087 -38.67 -19.64 25.52
C LEU D 2087 -39.57 -18.45 25.21
N GLU D 2088 -40.69 -18.31 25.91
CA GLU D 2088 -41.63 -17.23 25.60
C GLU D 2088 -41.04 -15.86 25.89
N PHE D 2089 -39.82 -15.81 26.43
CA PHE D 2089 -39.11 -14.57 26.72
C PHE D 2089 -38.15 -14.22 25.58
N LEU D 2090 -38.51 -14.56 24.36
CA LEU D 2090 -37.70 -14.27 23.19
C LEU D 2090 -38.56 -13.62 22.11
N SER D 2091 -37.90 -12.98 21.16
CA SER D 2091 -38.60 -12.19 20.14
C SER D 2091 -39.49 -13.09 19.28
N ASP D 2092 -40.67 -12.56 18.94
CA ASP D 2092 -41.61 -13.25 18.06
C ASP D 2092 -41.74 -12.56 16.71
N ASP D 2093 -40.94 -11.52 16.46
CA ASP D 2093 -41.00 -10.82 15.19
C ASP D 2093 -40.18 -11.54 14.13
N PRO D 2094 -40.55 -11.41 12.86
CA PRO D 2094 -39.80 -12.07 11.79
C PRO D 2094 -38.39 -11.51 11.67
N MET D 2095 -37.47 -12.36 11.22
CA MET D 2095 -36.09 -12.01 10.98
C MET D 2095 -35.86 -11.67 9.51
N ASN D 2096 -34.59 -11.51 9.17
CA ASN D 2096 -34.11 -11.51 7.80
C ASN D 2096 -33.32 -12.78 7.55
N PHE D 2097 -33.48 -13.34 6.36
CA PHE D 2097 -32.77 -14.55 5.97
C PHE D 2097 -32.05 -14.31 4.65
N THR D 2098 -30.95 -15.03 4.47
CA THR D 2098 -30.10 -14.87 3.30
C THR D 2098 -30.58 -15.84 2.22
N GLU D 2099 -31.11 -15.30 1.13
CA GLU D 2099 -31.50 -16.09 -0.03
C GLU D 2099 -30.42 -15.97 -1.09
N GLY D 2100 -30.02 -17.09 -1.67
CA GLY D 2100 -29.00 -17.14 -2.69
C GLY D 2100 -29.60 -17.60 -4.01
N GLU D 2101 -29.26 -16.89 -5.08
CA GLU D 2101 -29.76 -17.18 -6.41
C GLU D 2101 -28.61 -17.16 -7.41
N ALA D 2102 -28.71 -18.01 -8.42
CA ALA D 2102 -27.70 -18.06 -9.47
C ALA D 2102 -27.82 -16.86 -10.39
N ILE D 2103 -26.73 -16.57 -11.12
CA ILE D 2103 -26.68 -15.41 -12.00
C ILE D 2103 -26.74 -15.79 -13.47
N HIS D 2104 -26.41 -17.04 -13.82
CA HIS D 2104 -26.48 -17.52 -15.20
C HIS D 2104 -25.57 -16.70 -16.12
N SER D 2105 -24.28 -16.72 -15.78
CA SER D 2105 -23.23 -16.07 -16.56
C SER D 2105 -22.21 -17.12 -16.99
N THR D 2106 -21.25 -16.71 -17.80
CA THR D 2106 -20.22 -17.65 -18.25
C THR D 2106 -19.42 -18.20 -17.08
N PRO D 2107 -18.86 -17.40 -16.16
CA PRO D 2107 -18.43 -17.97 -14.87
C PRO D 2107 -19.61 -18.03 -13.93
N ILE D 2108 -20.13 -19.22 -13.64
CA ILE D 2108 -21.34 -19.34 -12.85
C ILE D 2108 -21.03 -19.02 -11.39
N PHE D 2109 -21.80 -18.11 -10.82
CA PHE D 2109 -21.66 -17.75 -9.41
C PHE D 2109 -23.02 -17.40 -8.84
N ASN D 2110 -23.15 -17.53 -7.53
CA ASN D 2110 -24.40 -17.28 -6.81
C ASN D 2110 -24.26 -16.00 -6.00
N ILE D 2111 -25.34 -15.22 -5.92
CA ILE D 2111 -25.38 -14.04 -5.09
C ILE D 2111 -26.33 -14.29 -3.93
N TYR D 2112 -25.91 -13.89 -2.73
CA TYR D 2112 -26.70 -14.05 -1.52
C TYR D 2112 -27.08 -12.67 -0.99
N TYR D 2113 -28.37 -12.48 -0.71
CA TYR D 2113 -28.86 -11.21 -0.19
C TYR D 2113 -29.85 -11.49 0.93
N SER D 2114 -29.87 -10.58 1.90
CA SER D 2114 -30.74 -10.71 3.07
C SER D 2114 -32.08 -10.05 2.78
N LYS D 2115 -33.16 -10.81 2.96
CA LYS D 2115 -34.51 -10.30 2.78
C LYS D 2115 -35.35 -10.68 3.99
N ARG D 2116 -36.34 -9.84 4.28
CA ARG D 2116 -37.20 -10.08 5.42
C ARG D 2116 -37.93 -11.41 5.28
N GLY D 2117 -37.88 -12.22 6.34
CA GLY D 2117 -38.52 -13.51 6.30
C GLY D 2117 -40.01 -13.43 6.59
N GLU D 2118 -40.70 -14.54 6.33
CA GLU D 2118 -42.12 -14.59 6.60
C GLU D 2118 -42.37 -14.81 8.09
N ARG D 2119 -43.65 -14.90 8.46
CA ARG D 2119 -44.03 -14.86 9.87
C ARG D 2119 -43.51 -16.07 10.64
N HIS D 2120 -43.32 -17.20 9.95
CA HIS D 2120 -42.99 -18.44 10.66
C HIS D 2120 -41.51 -18.51 11.01
N MET D 2121 -40.71 -17.53 10.57
CA MET D 2121 -39.28 -17.49 10.84
C MET D 2121 -39.00 -16.38 11.84
N THR D 2122 -39.03 -16.74 13.13
CA THR D 2122 -38.71 -15.83 14.22
C THR D 2122 -37.60 -16.41 15.07
N TYR D 2123 -37.17 -15.64 16.08
CA TYR D 2123 -36.15 -16.13 17.00
C TYR D 2123 -36.65 -17.30 17.81
N ARG D 2124 -37.90 -17.22 18.30
CA ARG D 2124 -38.44 -18.32 19.09
C ARG D 2124 -38.56 -19.59 18.27
N ASN D 2125 -39.02 -19.48 17.02
CA ASN D 2125 -39.15 -20.67 16.17
C ASN D 2125 -37.80 -21.28 15.87
N ALA D 2126 -36.79 -20.45 15.57
CA ALA D 2126 -35.46 -20.96 15.29
C ALA D 2126 -34.87 -21.65 16.52
N ILE D 2127 -35.04 -21.05 17.70
CA ILE D 2127 -34.55 -21.67 18.92
C ILE D 2127 -35.27 -22.97 19.20
N LYS D 2128 -36.58 -23.01 18.94
CA LYS D 2128 -37.34 -24.25 19.14
C LYS D 2128 -36.85 -25.35 18.22
N LEU D 2129 -36.62 -25.03 16.95
CA LEU D 2129 -36.12 -26.04 16.01
C LEU D 2129 -34.74 -26.53 16.42
N LEU D 2130 -33.86 -25.59 16.80
CA LEU D 2130 -32.52 -25.96 17.26
C LEU D 2130 -32.61 -26.90 18.46
N ILE D 2131 -33.40 -26.50 19.45
CA ILE D 2131 -33.58 -27.38 20.64
C ILE D 2131 -34.01 -28.75 20.14
N GLU D 2132 -35.17 -28.86 19.51
CA GLU D 2132 -35.71 -30.21 19.15
C GLU D 2132 -34.75 -31.01 18.24
N ARG D 2133 -34.17 -30.40 17.20
CA ARG D 2133 -33.31 -31.24 16.32
C ARG D 2133 -32.05 -31.70 17.06
N GLU D 2134 -31.35 -30.77 17.71
CA GLU D 2134 -30.06 -31.12 18.38
C GLU D 2134 -30.29 -32.04 19.58
N THR D 2135 -31.34 -31.78 20.36
CA THR D 2135 -31.62 -32.58 21.57
C THR D 2135 -31.93 -34.03 21.18
N LYS D 2136 -32.63 -34.24 20.06
CA LYS D 2136 -32.91 -35.63 19.59
C LYS D 2136 -31.57 -36.30 19.31
N ILE D 2137 -30.63 -35.56 18.72
CA ILE D 2137 -29.28 -36.12 18.46
C ILE D 2137 -28.57 -36.38 19.79
N PHE D 2138 -28.91 -35.64 20.87
CA PHE D 2138 -28.28 -35.95 22.14
C PHE D 2138 -28.96 -37.13 22.81
N GLU D 2139 -30.29 -37.19 22.77
CA GLU D 2139 -31.01 -38.29 23.38
C GLU D 2139 -30.64 -39.61 22.73
N GLU D 2140 -30.74 -39.69 21.40
CA GLU D 2140 -30.43 -40.96 20.72
C GLU D 2140 -28.96 -41.32 20.99
N ALA D 2141 -28.15 -40.31 21.36
CA ALA D 2141 -26.69 -40.55 21.55
C ALA D 2141 -26.35 -40.77 23.03
N PHE D 2142 -27.33 -40.69 23.92
CA PHE D 2142 -27.06 -40.98 25.35
C PHE D 2142 -28.00 -42.07 25.84
N THR D 2143 -28.60 -42.85 24.93
CA THR D 2143 -29.41 -43.97 25.41
C THR D 2143 -28.46 -45.09 25.81
N PHE D 2144 -27.89 -44.96 27.02
CA PHE D 2144 -27.06 -46.04 27.56
C PHE D 2144 -27.89 -47.29 27.77
N SER D 2145 -29.15 -47.14 28.19
CA SER D 2145 -30.06 -48.26 28.33
C SER D 2145 -30.81 -48.50 27.02
N GLU D 2146 -31.24 -49.74 26.83
CA GLU D 2146 -31.85 -50.14 25.56
C GLU D 2146 -33.24 -49.52 25.38
N ASN D 2147 -33.99 -49.38 26.46
CA ASN D 2147 -35.38 -48.93 26.34
C ASN D 2147 -35.48 -47.52 25.78
N GLY D 2148 -34.64 -46.62 26.23
CA GLY D 2148 -34.64 -45.26 25.73
C GLY D 2148 -34.21 -44.27 26.80
N PHE D 2149 -34.40 -42.99 26.47
CA PHE D 2149 -33.98 -41.93 27.38
C PHE D 2149 -34.87 -41.84 28.60
N ILE D 2150 -36.17 -42.12 28.42
CA ILE D 2150 -37.14 -41.97 29.51
C ILE D 2150 -37.17 -43.17 30.45
N SER D 2151 -36.46 -44.25 30.12
CA SER D 2151 -36.52 -45.46 30.92
C SER D 2151 -35.90 -45.25 32.29
N PRO D 2152 -36.43 -45.91 33.32
CA PRO D 2152 -35.87 -45.73 34.67
C PRO D 2152 -34.41 -46.13 34.80
N GLU D 2153 -33.96 -47.15 34.06
CA GLU D 2153 -32.55 -47.54 34.13
C GLU D 2153 -31.64 -46.49 33.53
N ASN D 2154 -32.00 -45.95 32.36
CA ASN D 2154 -31.25 -44.86 31.79
C ASN D 2154 -31.30 -43.63 32.69
N LEU D 2155 -32.45 -43.36 33.29
CA LEU D 2155 -32.55 -42.30 34.28
C LEU D 2155 -31.56 -42.52 35.41
N GLY D 2156 -31.48 -43.76 35.92
CA GLY D 2156 -30.56 -44.06 37.01
C GLY D 2156 -29.12 -43.82 36.62
N CYS D 2157 -28.76 -44.22 35.40
CA CYS D 2157 -27.44 -43.90 34.90
C CYS D 2157 -27.22 -42.39 34.86
N LEU D 2158 -28.28 -41.63 34.54
CA LEU D 2158 -28.15 -40.18 34.47
C LEU D 2158 -27.88 -39.57 35.84
N GLU D 2159 -28.60 -40.04 36.87
CA GLU D 2159 -28.37 -39.52 38.24
C GLU D 2159 -26.95 -39.92 38.66
N ALA D 2160 -26.49 -41.09 38.25
CA ALA D 2160 -25.12 -41.51 38.54
C ALA D 2160 -24.11 -40.55 37.93
N VAL D 2161 -24.31 -40.20 36.65
CA VAL D 2161 -23.37 -39.32 35.96
C VAL D 2161 -23.39 -37.92 36.57
N VAL D 2162 -24.57 -37.37 36.84
CA VAL D 2162 -24.64 -36.00 37.35
C VAL D 2162 -24.10 -35.93 38.78
N SER D 2163 -24.32 -36.99 39.57
CA SER D 2163 -23.72 -37.04 40.89
C SER D 2163 -22.20 -37.09 40.78
N LEU D 2164 -21.68 -37.87 39.83
CA LEU D 2164 -20.24 -37.90 39.64
C LEU D 2164 -19.69 -36.52 39.30
N ILE D 2165 -20.36 -35.80 38.40
CA ILE D 2165 -19.82 -34.51 37.97
C ILE D 2165 -19.97 -33.46 39.07
N LYS D 2166 -21.07 -33.52 39.84
CA LYS D 2166 -21.23 -32.60 40.96
C LYS D 2166 -20.17 -32.83 42.02
N LEU D 2167 -19.87 -34.10 42.33
CA LEU D 2167 -18.85 -34.38 43.32
C LEU D 2167 -17.45 -34.08 42.79
N LEU D 2168 -17.26 -34.17 41.48
CA LEU D 2168 -15.97 -33.88 40.88
C LEU D 2168 -15.79 -32.38 40.66
N LYS D 2169 -14.56 -32.00 40.33
CA LYS D 2169 -14.25 -30.61 40.02
C LYS D 2169 -14.90 -30.20 38.70
N THR D 2170 -15.44 -28.99 38.67
CA THR D 2170 -16.19 -28.53 37.51
C THR D 2170 -15.26 -28.29 36.33
N ASN D 2171 -15.68 -28.79 35.16
CA ASN D 2171 -14.97 -28.58 33.91
C ASN D 2171 -15.99 -28.28 32.82
N GLU D 2172 -15.55 -27.55 31.79
CA GLU D 2172 -16.49 -27.11 30.76
C GLU D 2172 -17.08 -28.30 29.99
N TRP D 2173 -16.31 -29.39 29.86
CA TRP D 2173 -16.89 -30.65 29.42
C TRP D 2173 -18.02 -31.09 30.33
N SER D 2174 -17.75 -31.11 31.64
CA SER D 2174 -18.77 -31.51 32.60
C SER D 2174 -19.97 -30.57 32.55
N THR D 2175 -19.73 -29.26 32.46
CA THR D 2175 -20.83 -28.32 32.43
C THR D 2175 -21.69 -28.49 31.19
N VAL D 2176 -21.06 -28.68 30.02
CA VAL D 2176 -21.85 -28.81 28.80
C VAL D 2176 -22.67 -30.10 28.83
N ILE D 2177 -22.07 -31.20 29.30
CA ILE D 2177 -22.84 -32.44 29.43
C ILE D 2177 -24.00 -32.26 30.40
N ASP D 2178 -23.72 -31.60 31.52
CA ASP D 2178 -24.78 -31.38 32.54
C ASP D 2178 -25.94 -30.60 31.92
N LYS D 2179 -25.63 -29.47 31.27
CA LYS D 2179 -26.69 -28.63 30.72
C LYS D 2179 -27.47 -29.35 29.62
N CYS D 2180 -26.79 -30.12 28.78
CA CYS D 2180 -27.50 -30.84 27.73
C CYS D 2180 -28.43 -31.91 28.32
N ILE D 2181 -27.95 -32.65 29.32
CA ILE D 2181 -28.83 -33.62 29.98
C ILE D 2181 -30.00 -32.91 30.64
N HIS D 2182 -29.74 -31.77 31.28
CA HIS D 2182 -30.80 -31.02 31.94
C HIS D 2182 -31.87 -30.59 30.96
N ILE D 2183 -31.47 -30.02 29.82
CA ILE D 2183 -32.43 -29.49 28.86
C ILE D 2183 -33.20 -30.63 28.20
N CYS D 2184 -32.53 -31.77 27.98
CA CYS D 2184 -33.24 -32.93 27.45
C CYS D 2184 -34.30 -33.39 28.43
N LEU D 2185 -33.98 -33.40 29.73
CA LEU D 2185 -34.98 -33.76 30.73
C LEU D 2185 -36.09 -32.72 30.80
N ILE D 2186 -35.77 -31.44 30.57
CA ILE D 2186 -36.81 -30.40 30.53
C ILE D 2186 -37.78 -30.67 29.39
N LYS D 2187 -37.24 -31.01 28.22
CA LYS D 2187 -38.11 -31.33 27.09
C LYS D 2187 -38.95 -32.57 27.36
N ASN D 2188 -38.35 -33.59 27.98
CA ASN D 2188 -39.05 -34.84 28.26
C ASN D 2188 -39.93 -34.75 29.49
N GLY D 2189 -40.16 -33.55 30.04
CA GLY D 2189 -41.03 -33.40 31.18
C GLY D 2189 -40.49 -33.96 32.47
N MET D 2190 -39.17 -33.99 32.64
CA MET D 2190 -38.55 -34.58 33.83
C MET D 2190 -37.69 -33.57 34.59
N ASP D 2191 -38.18 -32.33 34.68
CA ASP D 2191 -37.46 -31.30 35.47
C ASP D 2191 -37.42 -31.75 36.94
N HIS D 2192 -38.56 -32.17 37.49
CA HIS D 2192 -38.66 -32.52 38.90
C HIS D 2192 -37.71 -33.66 39.24
N MET D 2193 -37.61 -34.65 38.36
CA MET D 2193 -36.71 -35.78 38.62
C MET D 2193 -35.25 -35.31 38.63
N TYR D 2194 -34.92 -34.42 37.71
CA TYR D 2194 -33.53 -33.89 37.63
C TYR D 2194 -33.20 -33.14 38.92
N HIS D 2195 -34.10 -32.27 39.36
CA HIS D 2195 -33.85 -31.53 40.59
C HIS D 2195 -33.96 -32.42 41.82
N SER D 2196 -34.51 -33.62 41.66
CA SER D 2196 -34.48 -34.63 42.71
C SER D 2196 -33.29 -35.57 42.59
N PHE D 2197 -32.43 -35.37 41.60
CA PHE D 2197 -31.24 -36.19 41.46
C PHE D 2197 -30.34 -36.05 42.69
N ASP D 2198 -29.78 -37.16 43.14
CA ASP D 2198 -28.87 -37.18 44.27
C ASP D 2198 -27.87 -38.30 44.06
N VAL D 2199 -26.92 -38.42 44.98
CA VAL D 2199 -25.98 -39.55 44.91
C VAL D 2199 -26.75 -40.84 45.12
N PRO D 2200 -26.66 -41.81 44.21
CA PRO D 2200 -27.43 -43.04 44.36
C PRO D 2200 -27.07 -43.79 45.64
N LYS D 2201 -28.07 -44.45 46.22
CA LYS D 2201 -27.87 -45.16 47.49
C LYS D 2201 -26.86 -46.28 47.34
N CYS D 2202 -26.81 -46.91 46.16
CA CYS D 2202 -25.80 -47.93 45.90
C CYS D 2202 -24.40 -47.34 45.93
N PHE D 2203 -24.19 -46.18 45.30
CA PHE D 2203 -22.91 -45.50 45.38
C PHE D 2203 -22.63 -44.98 46.78
N MET D 2204 -23.62 -44.39 47.43
CA MET D 2204 -23.40 -43.78 48.73
C MET D 2204 -23.25 -44.87 49.78
N GLY D 2205 -22.22 -44.74 50.63
CA GLY D 2205 -21.88 -45.82 51.53
C GLY D 2205 -22.99 -46.17 52.50
N ASN D 2206 -23.57 -45.16 53.15
CA ASN D 2206 -24.69 -45.33 54.06
C ASN D 2206 -25.51 -44.06 54.04
N PRO D 2207 -26.85 -44.16 54.10
CA PRO D 2207 -27.66 -42.94 54.08
C PRO D 2207 -27.35 -41.97 55.21
N ILE D 2208 -27.02 -42.49 56.39
CA ILE D 2208 -26.79 -41.61 57.54
C ILE D 2208 -25.44 -40.91 57.43
N THR D 2209 -24.39 -41.66 57.08
CA THR D 2209 -23.02 -41.15 57.09
C THR D 2209 -22.58 -40.78 55.68
N ARG D 2210 -21.99 -39.60 55.53
CA ARG D 2210 -21.53 -39.14 54.24
C ARG D 2210 -20.26 -39.87 53.81
N ASP D 2211 -20.42 -41.02 53.16
CA ASP D 2211 -19.30 -41.80 52.65
C ASP D 2211 -19.59 -42.15 51.20
N ILE D 2212 -18.52 -42.20 50.39
CA ILE D 2212 -18.63 -42.35 48.95
C ILE D 2212 -17.84 -43.59 48.52
N ASN D 2213 -18.49 -44.47 47.76
CA ASN D 2213 -17.82 -45.63 47.20
C ASN D 2213 -17.14 -45.25 45.89
N TRP D 2214 -15.93 -44.71 45.96
CA TRP D 2214 -15.26 -44.20 44.78
C TRP D 2214 -14.89 -45.34 43.81
N VAL D 2215 -14.56 -46.51 44.37
CA VAL D 2215 -14.15 -47.64 43.53
C VAL D 2215 -15.30 -48.03 42.59
N MET D 2216 -16.52 -48.10 43.13
CA MET D 2216 -17.64 -48.48 42.29
C MET D 2216 -17.97 -47.38 41.29
N PHE D 2217 -17.69 -46.12 41.66
CA PHE D 2217 -17.80 -45.03 40.67
C PHE D 2217 -16.87 -45.26 39.49
N ARG D 2218 -15.60 -45.59 39.75
CA ARG D 2218 -14.68 -45.88 38.66
C ARG D 2218 -15.16 -47.09 37.85
N GLU D 2219 -15.64 -48.13 38.53
CA GLU D 2219 -16.13 -49.30 37.83
C GLU D 2219 -17.28 -48.96 36.91
N PHE D 2220 -18.20 -48.11 37.37
CA PHE D 2220 -19.35 -47.71 36.58
C PHE D 2220 -18.93 -46.88 35.38
N ILE D 2221 -18.07 -45.87 35.58
CA ILE D 2221 -17.71 -44.99 34.48
C ILE D 2221 -16.87 -45.74 33.45
N ASN D 2222 -16.01 -46.65 33.89
CA ASN D 2222 -15.25 -47.48 32.95
C ASN D 2222 -16.19 -48.40 32.16
N SER D 2223 -17.34 -48.73 32.74
CA SER D 2223 -18.35 -49.56 32.09
C SER D 2223 -19.46 -48.74 31.44
N LEU D 2224 -19.19 -47.47 31.16
CA LEU D 2224 -20.19 -46.61 30.55
C LEU D 2224 -20.24 -46.85 29.05
N PRO D 2225 -21.36 -47.34 28.46
CA PRO D 2225 -21.36 -47.69 27.02
C PRO D 2225 -21.57 -46.49 26.08
N GLY D 2226 -20.49 -45.75 25.78
CA GLY D 2226 -20.61 -44.56 24.93
C GLY D 2226 -21.06 -44.88 23.52
N THR D 2227 -21.89 -44.03 22.92
CA THR D 2227 -22.33 -44.23 21.51
C THR D 2227 -21.26 -43.70 20.56
N ASP D 2228 -21.36 -44.03 19.27
CA ASP D 2228 -20.33 -43.64 18.28
C ASP D 2228 -20.80 -42.47 17.41
N ILE D 2229 -21.90 -41.81 17.79
CA ILE D 2229 -22.44 -40.74 16.90
C ILE D 2229 -21.35 -39.67 16.74
N PRO D 2230 -21.01 -39.25 15.51
CA PRO D 2230 -19.91 -38.28 15.30
C PRO D 2230 -19.96 -36.98 16.11
N PRO D 2231 -21.09 -36.24 16.29
CA PRO D 2231 -21.02 -34.99 17.06
C PRO D 2231 -20.62 -35.21 18.53
N TRP D 2232 -21.17 -36.23 19.19
CA TRP D 2232 -20.91 -36.41 20.64
C TRP D 2232 -19.89 -37.51 20.95
N ASN D 2233 -19.36 -38.21 19.94
CA ASN D 2233 -18.44 -39.34 20.26
C ASN D 2233 -17.18 -38.84 20.96
N VAL D 2234 -16.63 -37.72 20.50
CA VAL D 2234 -15.37 -37.16 21.11
C VAL D 2234 -15.72 -36.58 22.48
N MET D 2235 -16.77 -35.77 22.56
CA MET D 2235 -17.10 -35.10 23.82
C MET D 2235 -17.28 -36.10 24.94
N THR D 2236 -18.03 -37.19 24.68
CA THR D 2236 -18.26 -38.19 25.72
C THR D 2236 -16.97 -38.88 26.12
N GLU D 2237 -16.12 -39.24 25.15
CA GLU D 2237 -14.86 -39.89 25.46
C GLU D 2237 -13.95 -38.98 26.27
N ASN D 2238 -13.87 -37.70 25.89
CA ASN D 2238 -13.05 -36.76 26.64
C ASN D 2238 -13.59 -36.55 28.04
N PHE D 2239 -14.92 -36.49 28.18
CA PHE D 2239 -15.53 -36.36 29.50
C PHE D 2239 -15.15 -37.54 30.40
N LYS D 2240 -15.29 -38.75 29.87
CA LYS D 2240 -14.96 -39.94 30.66
C LYS D 2240 -13.48 -39.98 31.01
N LYS D 2241 -12.62 -39.65 30.05
CA LYS D 2241 -11.18 -39.69 30.30
C LYS D 2241 -10.77 -38.66 31.34
N LYS D 2242 -11.31 -37.44 31.26
CA LYS D 2242 -10.97 -36.43 32.24
C LYS D 2242 -11.51 -36.78 33.62
N CYS D 2243 -12.70 -37.39 33.70
CA CYS D 2243 -13.20 -37.83 35.00
C CYS D 2243 -12.31 -38.92 35.59
N ILE D 2244 -11.86 -39.86 34.76
CA ILE D 2244 -10.93 -40.88 35.22
C ILE D 2244 -9.64 -40.24 35.74
N ALA D 2245 -9.09 -39.29 34.99
CA ALA D 2245 -7.86 -38.64 35.40
C ALA D 2245 -8.03 -37.89 36.70
N LEU D 2246 -9.14 -37.18 36.86
CA LEU D 2246 -9.39 -36.42 38.08
C LEU D 2246 -9.56 -37.34 39.27
N ILE D 2247 -10.33 -38.43 39.11
CA ILE D 2247 -10.57 -39.32 40.24
C ILE D 2247 -9.30 -40.08 40.61
N ASN D 2248 -8.42 -40.35 39.64
CA ASN D 2248 -7.15 -40.98 39.97
C ASN D 2248 -6.20 -39.99 40.63
N SER D 2249 -6.22 -38.73 40.21
CA SER D 2249 -5.38 -37.72 40.85
C SER D 2249 -5.86 -37.42 42.26
N LYS D 2250 -7.15 -37.62 42.54
CA LYS D 2250 -7.66 -37.41 43.90
C LYS D 2250 -7.00 -38.36 44.89
N PHE D 2251 -6.74 -39.59 44.48
CA PHE D 2251 -6.04 -40.55 45.34
C PHE D 2251 -4.56 -40.66 44.93
N SER D 2258 -25.01 -52.14 32.25
CA SER D 2258 -24.58 -53.38 32.88
C SER D 2258 -25.33 -53.62 34.19
N GLU D 2259 -24.61 -54.12 35.20
CA GLU D 2259 -25.22 -54.40 36.50
C GLU D 2259 -25.74 -53.12 37.15
N PHE D 2260 -25.00 -52.02 37.03
CA PHE D 2260 -25.44 -50.76 37.63
C PHE D 2260 -26.76 -50.30 37.04
N THR D 2261 -26.89 -50.38 35.70
CA THR D 2261 -28.13 -49.98 35.06
C THR D 2261 -29.30 -50.87 35.48
N LYS D 2262 -29.05 -52.19 35.59
CA LYS D 2262 -30.12 -53.10 36.00
C LYS D 2262 -30.55 -52.84 37.43
N LEU D 2263 -29.60 -52.55 38.32
CA LEU D 2263 -29.95 -52.37 39.72
C LEU D 2263 -30.81 -51.12 39.93
N MET D 2264 -30.54 -50.05 39.19
CA MET D 2264 -31.37 -48.85 39.25
C MET D 2264 -32.73 -49.10 38.58
#